data_8UMF
#
_entry.id   8UMF
#
_cell.length_a   1.00
_cell.length_b   1.00
_cell.length_c   1.00
_cell.angle_alpha   90.00
_cell.angle_beta   90.00
_cell.angle_gamma   90.00
#
_symmetry.space_group_name_H-M   'P 1'
#
loop_
_entity.id
_entity.type
_entity.pdbx_description
1 polymer Cas9
2 polymer 'RNA (121-MER)'
3 polymer 'DNA (80-MER)'
4 polymer 'DNA (80-MER)'
5 non-polymer 'MAGNESIUM ION'
#
loop_
_entity_poly.entity_id
_entity_poly.type
_entity_poly.pdbx_seq_one_letter_code
_entity_poly.pdbx_strand_id
1 'polypeptide(L)'
;GAASMKRTADGSEFESPKKKRKVTVKSTLAVDMGGRYTGIFSYTTDSGFPKAKEARAYVLNMPDNDALTYSMAARTQTRH
RIRSQQRFVLARRLTYILIEGKLKRKLSPREKEAISSLLRRRGYSRLESELDLSVLQGVESGFFKCFLPNFDEDENLLTQ
WTSLTDGYLQNNSDSRRQIQIFLESSKDSKEFLTVVKSQHQDTKEYKNALKVMRDDAESMIEQSMFGHKHRRLYLEAIAQ
DIPRDSRLKPIIEAFSGVEKFHHFIGNLSNLQLRALRWYFNDPSMKNNVFDKERLKSVLVRAYQFFHYPKDLTQQRAEVL
NAYEGATDILETLQTLNPELTIPPYEDQNNRRPPLDQTLWLSPRLLDQRYGDTWEIWVQNLLRSPLSKGIDENLDTILIT
TDRKARLLERQSGRLIHYTSQKLYHSYVLQRLLDRTVENDAYLLKTLVSSNRGNSNEIHQAQERLTRDLGSQHIKKFLDF
VRQYYDEVDKAKRGLWFIVEKPLMERADIHPPMKNDSVILRLVGNILCVSDLVDLSFWTRKVKGQSTVRSLCTAIEKTRK
EYGNSFNYLYQRALYLQSKGKKLSAEDKDFIKLQSNVLLVSDVIAEALDIKEEQKKKFANPFSLAQLYNIIETEKSGFIS
TTLAAVDENAWRNNLQGKARCVQLCADTVRPFDGALRNILDRQAYEIAKLKAEELLSTELKNQTIDLVVLLESNQFAFSA
SLAEVKKSANTAAIRQKVAKAQKRQQDRWLSKDERIKSASRGLCPYTGKNLGDKGEVDHIIPRSLSMNYMGSILNSEANL
IYCSQEGNQLKLNGRKKLSDLADNYLKVVFGTADRGTICKYIEKSVSELTDAKIVQFELLDRSQQDAVRHALFLEDFSEA
RRRIIRLLGKINTARVNGTQAWFAKSFITKLRELTKEWCANNQITLAFDLYRLDAQTVSQDYRKKFALINKDWAKPDDKK
QPIASHAIDAFCVFAAAKDKRNIANVLGVFDEVAEEQNLKTIAQLMPSEVNLISPKRKSILDKNEVGSRALMKEGIFAEH
FLPILVRGDDCRIGFDWSESGSVKVKDADKLFGVLDGLLKQSQKRSVNGFETYTVDRIKAFELLHDVFIRPCSQKMLEQA
EVLEKLHYITQNISVTSVYDAVNRQFKCREEILKDKDFDIKVDLGNRFGSAKGKITLPAKREWEKLVNRSELKNLIKDKL
SDKGSEKTPDGETLIYDIFRSIPVQKLSHKATRRVWSLPKIPSISSGVRIKRKDSNGNDIYQLYMLNDTKCKGFVVNEKG
VIDWSSDLVADLYKQPTLTILNGRYLKADQYVRMDQWYEVDCGRDDVIVKMCPGTSGRRYIEITQSKKQFEDWTGYISGS
FWNYPVTIKLSSQQIANFVKNSQMPLLGKPRSGQITVITLGNTLKYWYCVESKNSMMNEAYQKAYLVHFNQSGGSASDYK
DDDDKKRTADGSEFEPKKKRKV
;
A
2 'polyribonucleotide'
;AUGUCACCUCCAAUGACUAGGGGUUUCAGUUAUUCGUGAAAACGAAUGAAGUCACUCUUAAAGUGAGCUGAAAUCACUAA
AAAUUAAGAUUGAACCCGGCUACUGACUCUGUCAUCCGGGUUUACUUAUUU
;
B
3 'polydeoxyribonucleotide'
;(DT)(DA)(DA)(DG)(DC)(DA)(DG)(DG)(DC)(DC)(DA)(DA)(DT)(DG)(DG)(DG)(DG)(DA)(DG)(DG)
(DA)(DC)(DA)(DT)(DC)(DG)(DA)(DT)(DG)(DT)(DC)(DA)(DC)(DC)(DT)(DC)(DC)(DA)(DA)(DT)
(DG)(DA)(DC)(DT)(DA)(DG)(DG)(DG)(DT)(DG)(DG)(DG)(DC)(DA)(DA)(DC)(DC)(DA)(DC)(DA)
(DA)(DA)(DC)(DC)(DC)(DA)(DC)(DG)(DA)(DG)(DG)(DG)(DC)(DA)(DG)(DA)(DG)(DT)(DG)(DC)
;
C
4 'polydeoxyribonucleotide'
;(DG)(DC)(DA)(DC)(DT)(DC)(DT)(DG)(DC)(DC)(DC)(DT)(DC)(DG)(DT)(DG)(DG)(DG)(DT)(DT)
(DT)(DG)(DT)(DG)(DG)(DT)(DT)(DG)(DC)(DC)(DC)(DA)(DC)(DC)(DC)(DT)(DA)(DG)(DT)(DC)
(DA)(DT)(DT)(DG)(DG)(DA)(DG)(DG)(DT)(DG)(DA)(DC)(DA)(DT)(DC)(DG)(DA)(DT)(DG)(DT)
(DC)(DC)(DT)(DC)(DC)(DC)(DC)(DA)(DT)(DT)(DG)(DG)(DC)(DC)(DT)(DG)(DC)(DT)(DT)(DA)
;
D,E
#
loop_
_chem_comp.id
_chem_comp.type
_chem_comp.name
_chem_comp.formula
A RNA linking ADENOSINE-5'-MONOPHOSPHATE 'C10 H14 N5 O7 P'
C RNA linking CYTIDINE-5'-MONOPHOSPHATE 'C9 H14 N3 O8 P'
DA DNA linking 2'-DEOXYADENOSINE-5'-MONOPHOSPHATE 'C10 H14 N5 O6 P'
DC DNA linking 2'-DEOXYCYTIDINE-5'-MONOPHOSPHATE 'C9 H14 N3 O7 P'
DG DNA linking 2'-DEOXYGUANOSINE-5'-MONOPHOSPHATE 'C10 H14 N5 O7 P'
DT DNA linking THYMIDINE-5'-MONOPHOSPHATE 'C10 H15 N2 O8 P'
G RNA linking GUANOSINE-5'-MONOPHOSPHATE 'C10 H14 N5 O8 P'
MG non-polymer 'MAGNESIUM ION' 'Mg 2'
U RNA linking URIDINE-5'-MONOPHOSPHATE 'C9 H13 N2 O9 P'
#
# COMPACT_ATOMS: atom_id res chain seq x y z
N THR A 24 -1.20 -40.62 -21.87
CA THR A 24 -1.45 -39.38 -21.16
C THR A 24 -1.78 -39.63 -19.70
N VAL A 25 -1.37 -38.70 -18.84
CA VAL A 25 -1.61 -38.79 -17.40
C VAL A 25 -2.36 -37.53 -16.97
N LYS A 26 -3.52 -37.71 -16.35
CA LYS A 26 -4.40 -36.60 -16.02
C LYS A 26 -4.00 -36.05 -14.64
N SER A 27 -3.34 -34.90 -14.63
CA SER A 27 -2.98 -34.22 -13.40
C SER A 27 -3.85 -32.98 -13.27
N THR A 28 -4.40 -32.74 -12.09
CA THR A 28 -5.43 -31.74 -11.95
C THR A 28 -5.20 -30.92 -10.68
N LEU A 29 -5.40 -29.61 -10.81
CA LEU A 29 -5.34 -28.67 -9.70
C LEU A 29 -6.62 -27.86 -9.71
N ALA A 30 -7.28 -27.74 -8.55
CA ALA A 30 -8.44 -26.88 -8.37
C ALA A 30 -8.16 -25.91 -7.25
N VAL A 31 -8.41 -24.63 -7.48
CA VAL A 31 -8.04 -23.58 -6.54
C VAL A 31 -9.27 -22.74 -6.20
N ASP A 32 -9.63 -22.72 -4.92
CA ASP A 32 -10.50 -21.69 -4.35
C ASP A 32 -9.62 -20.52 -3.93
N MET A 33 -9.55 -19.52 -4.78
CA MET A 33 -8.72 -18.35 -4.52
C MET A 33 -9.27 -17.55 -3.34
N GLY A 34 -8.36 -17.03 -2.52
CA GLY A 34 -8.75 -16.30 -1.34
C GLY A 34 -7.78 -15.16 -1.09
N GLY A 35 -8.30 -14.10 -0.47
CA GLY A 35 -7.44 -12.98 -0.08
C GLY A 35 -6.46 -13.37 1.00
N ARG A 36 -6.88 -14.23 1.93
CA ARG A 36 -6.02 -14.77 2.96
C ARG A 36 -5.88 -16.28 2.88
N TYR A 37 -6.99 -17.00 2.77
CA TYR A 37 -7.01 -18.45 2.80
C TYR A 37 -7.41 -18.98 1.43
N THR A 38 -6.56 -19.79 0.83
CA THR A 38 -6.75 -20.36 -0.49
C THR A 38 -6.92 -21.87 -0.39
N GLY A 39 -8.06 -22.38 -0.85
CA GLY A 39 -8.29 -23.81 -0.86
C GLY A 39 -7.70 -24.44 -2.12
N ILE A 40 -7.20 -25.67 -1.97
CA ILE A 40 -6.45 -26.35 -3.01
C ILE A 40 -6.90 -27.81 -2.98
N PHE A 41 -7.39 -28.31 -4.10
CA PHE A 41 -7.63 -29.73 -4.27
C PHE A 41 -6.84 -30.22 -5.46
N SER A 42 -5.95 -31.19 -5.26
CA SER A 42 -5.09 -31.56 -6.38
C SER A 42 -4.94 -33.07 -6.41
N TYR A 43 -4.72 -33.60 -7.60
CA TYR A 43 -4.46 -35.04 -7.74
C TYR A 43 -3.70 -35.30 -9.03
N THR A 44 -3.28 -36.55 -9.18
CA THR A 44 -2.83 -37.12 -10.44
C THR A 44 -3.51 -38.47 -10.62
N THR A 45 -3.69 -38.88 -11.87
CA THR A 45 -4.28 -40.18 -12.14
C THR A 45 -3.87 -40.64 -13.53
N ASP A 46 -4.03 -41.94 -13.76
CA ASP A 46 -3.82 -42.48 -15.10
C ASP A 46 -4.99 -42.15 -16.01
N SER A 47 -6.21 -42.20 -15.48
CA SER A 47 -7.40 -41.85 -16.24
C SER A 47 -8.55 -41.59 -15.28
N GLY A 48 -9.44 -40.69 -15.67
CA GLY A 48 -10.70 -40.51 -14.97
C GLY A 48 -10.55 -39.95 -13.57
N PHE A 49 -11.39 -40.46 -12.67
CA PHE A 49 -11.38 -40.02 -11.28
C PHE A 49 -10.09 -40.44 -10.57
N PRO A 50 -9.64 -39.69 -9.57
CA PRO A 50 -8.52 -40.13 -8.75
C PRO A 50 -8.94 -41.21 -7.78
N LYS A 51 -7.94 -41.87 -7.20
CA LYS A 51 -8.18 -42.90 -6.19
C LYS A 51 -8.38 -42.23 -4.84
N ALA A 52 -8.41 -43.05 -3.78
CA ALA A 52 -8.57 -42.50 -2.44
C ALA A 52 -7.30 -41.84 -1.94
N LYS A 53 -6.14 -42.32 -2.37
CA LYS A 53 -4.87 -41.84 -1.86
C LYS A 53 -4.29 -40.69 -2.67
N GLU A 54 -4.64 -40.59 -3.96
CA GLU A 54 -3.99 -39.63 -4.85
C GLU A 54 -4.47 -38.21 -4.69
N ALA A 55 -5.68 -38.00 -4.15
CA ALA A 55 -6.21 -36.66 -3.97
C ALA A 55 -5.70 -36.06 -2.66
N ARG A 56 -5.18 -34.85 -2.73
CA ARG A 56 -4.67 -34.13 -1.57
C ARG A 56 -5.35 -32.77 -1.47
N ALA A 57 -5.82 -32.44 -0.27
CA ALA A 57 -6.43 -31.15 0.01
C ALA A 57 -5.46 -30.31 0.83
N TYR A 58 -5.21 -29.10 0.34
CA TYR A 58 -4.35 -28.13 0.98
C TYR A 58 -5.14 -26.86 1.24
N VAL A 59 -4.76 -26.12 2.26
CA VAL A 59 -5.29 -24.77 2.47
C VAL A 59 -4.11 -23.87 2.78
N LEU A 60 -3.86 -22.90 1.92
CA LEU A 60 -2.80 -21.92 2.08
C LEU A 60 -3.33 -20.75 2.89
N ASN A 61 -2.84 -20.54 4.10
CA ASN A 61 -3.16 -19.31 4.81
C ASN A 61 -2.00 -18.32 4.67
N MET A 62 -2.22 -17.30 3.86
CA MET A 62 -1.28 -16.20 3.77
C MET A 62 -1.33 -15.39 5.06
N PRO A 63 -0.19 -15.08 5.66
CA PRO A 63 -0.21 -14.36 6.94
C PRO A 63 -0.55 -12.89 6.73
N ASP A 64 -1.70 -12.49 7.26
CA ASP A 64 -2.04 -11.07 7.30
C ASP A 64 -1.59 -10.42 8.61
N ASN A 65 -0.88 -11.16 9.46
CA ASN A 65 -0.30 -10.64 10.69
C ASN A 65 1.19 -10.35 10.55
N ASP A 66 1.60 -9.86 9.38
CA ASP A 66 2.91 -9.28 9.10
C ASP A 66 4.03 -10.33 9.19
N ALA A 67 3.70 -11.62 9.13
CA ALA A 67 4.74 -12.62 8.94
C ALA A 67 5.26 -12.63 7.50
N LEU A 68 4.47 -12.13 6.56
CA LEU A 68 4.92 -11.80 5.22
C LEU A 68 4.46 -10.40 4.88
N THR A 69 5.35 -9.61 4.27
CA THR A 69 5.04 -8.23 3.89
C THR A 69 4.82 -8.18 2.39
N TYR A 70 3.59 -7.92 1.98
CA TYR A 70 3.22 -7.70 0.59
C TYR A 70 3.16 -6.23 0.24
N SER A 71 2.63 -5.41 1.15
CA SER A 71 2.48 -3.99 0.90
C SER A 71 3.82 -3.29 1.02
N MET A 72 4.12 -2.44 0.05
CA MET A 72 5.34 -1.63 0.06
C MET A 72 5.15 -0.30 0.76
N ALA A 73 4.05 -0.13 1.52
CA ALA A 73 3.74 1.17 2.10
C ALA A 73 4.74 1.56 3.17
N ALA A 74 5.07 0.63 4.08
CA ALA A 74 6.08 0.91 5.10
C ALA A 74 7.45 1.10 4.49
N ARG A 75 7.78 0.30 3.48
CA ARG A 75 9.07 0.42 2.82
C ARG A 75 9.17 1.72 2.03
N THR A 76 8.07 2.14 1.39
CA THR A 76 8.08 3.40 0.65
C THR A 76 8.19 4.60 1.60
N GLN A 77 7.47 4.56 2.73
CA GLN A 77 7.56 5.70 3.64
C GLN A 77 8.92 5.76 4.33
N THR A 78 9.53 4.60 4.61
CA THR A 78 10.90 4.59 5.11
C THR A 78 11.87 5.13 4.07
N ARG A 79 11.70 4.73 2.80
CA ARG A 79 12.56 5.22 1.73
C ARG A 79 12.46 6.74 1.58
N HIS A 80 11.24 7.28 1.66
CA HIS A 80 11.09 8.71 1.47
C HIS A 80 11.46 9.52 2.72
N ARG A 81 11.35 8.91 3.91
CA ARG A 81 11.89 9.53 5.11
C ARG A 81 13.42 9.65 5.02
N ILE A 82 14.08 8.57 4.62
CA ILE A 82 15.52 8.61 4.44
C ILE A 82 15.90 9.54 3.29
N ARG A 83 15.07 9.61 2.26
CA ARG A 83 15.35 10.51 1.14
C ARG A 83 15.22 11.98 1.57
N SER A 84 14.25 12.30 2.43
CA SER A 84 14.17 13.65 2.98
C SER A 84 15.35 13.97 3.88
N GLN A 85 15.77 12.99 4.69
CA GLN A 85 16.92 13.17 5.57
C GLN A 85 18.19 13.41 4.77
N GLN A 86 18.40 12.62 3.71
CA GLN A 86 19.60 12.79 2.89
C GLN A 86 19.51 14.01 2.00
N ARG A 87 18.29 14.44 1.65
CA ARG A 87 18.10 15.72 1.00
C ARG A 87 18.61 16.85 1.88
N PHE A 88 18.25 16.82 3.17
CA PHE A 88 18.71 17.86 4.08
C PHE A 88 20.23 17.77 4.33
N VAL A 89 20.74 16.54 4.47
CA VAL A 89 22.17 16.35 4.70
C VAL A 89 22.99 16.84 3.52
N LEU A 90 22.56 16.53 2.30
CA LEU A 90 23.27 16.97 1.11
C LEU A 90 23.05 18.45 0.82
N ALA A 91 21.94 19.02 1.28
CA ALA A 91 21.75 20.46 1.18
C ALA A 91 22.68 21.21 2.11
N ARG A 92 22.89 20.69 3.34
CA ARG A 92 23.91 21.28 4.20
C ARG A 92 25.31 21.10 3.62
N ARG A 93 25.58 19.92 3.05
CA ARG A 93 26.90 19.68 2.47
C ARG A 93 27.19 20.67 1.35
N LEU A 94 26.23 20.86 0.44
CA LEU A 94 26.41 21.82 -0.64
C LEU A 94 26.50 23.25 -0.12
N THR A 95 25.66 23.60 0.86
CA THR A 95 25.67 24.95 1.42
C THR A 95 27.01 25.25 2.10
N TYR A 96 27.54 24.28 2.84
CA TYR A 96 28.84 24.45 3.48
C TYR A 96 29.95 24.58 2.45
N ILE A 97 29.90 23.78 1.38
CA ILE A 97 30.92 23.87 0.33
C ILE A 97 30.89 25.25 -0.32
N LEU A 98 29.69 25.75 -0.65
CA LEU A 98 29.58 27.04 -1.32
C LEU A 98 29.95 28.19 -0.39
N ILE A 99 29.59 28.10 0.89
CA ILE A 99 29.88 29.19 1.80
C ILE A 99 31.37 29.25 2.16
N GLU A 100 32.02 28.08 2.35
CA GLU A 100 33.47 28.11 2.51
C GLU A 100 34.19 28.49 1.22
N GLY A 101 33.57 28.25 0.06
CA GLY A 101 34.12 28.80 -1.17
C GLY A 101 34.03 30.32 -1.21
N LYS A 102 32.94 30.88 -0.67
CA LYS A 102 32.77 32.32 -0.65
C LYS A 102 33.68 32.99 0.37
N LEU A 103 33.81 32.40 1.56
CA LEU A 103 34.65 32.95 2.61
C LEU A 103 36.14 32.76 2.35
N LYS A 104 36.51 31.74 1.58
CA LYS A 104 37.89 31.23 1.48
C LYS A 104 38.45 30.87 2.86
N ARG A 105 37.59 30.35 3.73
CA ARG A 105 38.01 29.87 5.04
C ARG A 105 36.98 28.86 5.54
N LYS A 106 37.37 28.10 6.56
CA LYS A 106 36.52 27.07 7.12
C LYS A 106 35.50 27.67 8.08
N LEU A 107 34.29 27.13 8.06
CA LEU A 107 33.23 27.59 8.95
C LEU A 107 33.49 27.13 10.38
N SER A 108 33.10 27.98 11.32
CA SER A 108 33.09 27.60 12.73
C SER A 108 31.84 26.77 13.01
N PRO A 109 31.85 25.95 14.07
CA PRO A 109 30.65 25.18 14.41
C PRO A 109 29.43 26.01 14.73
N ARG A 110 29.60 27.24 15.23
CA ARG A 110 28.44 28.10 15.44
C ARG A 110 27.89 28.63 14.12
N GLU A 111 28.78 28.97 13.17
CA GLU A 111 28.32 29.33 11.83
C GLU A 111 27.63 28.16 11.15
N LYS A 112 28.19 26.96 11.28
CA LYS A 112 27.58 25.76 10.73
C LYS A 112 26.21 25.51 11.34
N GLU A 113 26.10 25.72 12.66
CA GLU A 113 24.82 25.55 13.35
C GLU A 113 23.79 26.57 12.87
N ALA A 114 24.21 27.81 12.64
CA ALA A 114 23.27 28.83 12.18
C ALA A 114 22.83 28.60 10.74
N ILE A 115 23.76 28.19 9.87
CA ILE A 115 23.42 27.89 8.48
C ILE A 115 22.46 26.71 8.42
N SER A 116 22.75 25.66 9.19
CA SER A 116 21.85 24.53 9.26
C SER A 116 20.52 24.89 9.89
N SER A 117 20.51 25.86 10.81
CA SER A 117 19.25 26.34 11.38
C SER A 117 18.41 27.03 10.33
N LEU A 118 19.05 27.75 9.40
CA LEU A 118 18.31 28.28 8.27
C LEU A 118 17.78 27.17 7.36
N LEU A 119 18.56 26.11 7.17
CA LEU A 119 18.17 25.09 6.20
C LEU A 119 17.06 24.16 6.68
N ARG A 120 16.88 23.98 7.99
CA ARG A 120 15.81 23.11 8.47
C ARG A 120 14.45 23.72 8.20
N ARG A 121 13.44 22.85 8.08
CA ARG A 121 12.02 23.22 8.07
C ARG A 121 11.70 24.19 6.95
N ARG A 122 11.88 23.73 5.72
CA ARG A 122 11.70 24.59 4.55
C ARG A 122 10.26 24.68 4.07
N GLY A 123 9.36 23.88 4.62
CA GLY A 123 7.95 23.95 4.27
C GLY A 123 7.63 23.27 2.96
N TYR A 124 6.34 23.15 2.69
CA TYR A 124 5.87 22.45 1.50
C TYR A 124 5.88 23.38 0.30
N SER A 125 5.63 22.79 -0.87
CA SER A 125 5.77 23.48 -2.15
C SER A 125 4.54 23.31 -3.04
N ARG A 126 3.36 23.25 -2.44
CA ARG A 126 2.13 23.00 -3.17
C ARG A 126 1.52 24.30 -3.68
N LEU A 127 0.28 24.24 -4.15
CA LEU A 127 -0.43 25.40 -4.67
C LEU A 127 -1.68 25.66 -3.82
N GLU A 128 -1.67 26.77 -3.09
CA GLU A 128 -2.80 27.24 -2.32
C GLU A 128 -3.28 28.61 -2.79
N SER A 129 -2.99 28.94 -4.06
CA SER A 129 -2.58 30.25 -4.56
C SER A 129 -3.17 31.47 -3.87
N GLU A 130 -4.50 31.57 -3.78
CA GLU A 130 -5.09 32.80 -3.27
C GLU A 130 -6.36 32.52 -2.49
N LEU A 131 -6.44 33.10 -1.29
CA LEU A 131 -7.68 33.09 -0.54
C LEU A 131 -8.71 33.96 -1.23
N ASP A 132 -9.96 33.49 -1.27
CA ASP A 132 -11.02 34.18 -2.00
C ASP A 132 -11.35 35.55 -1.43
N LEU A 133 -11.93 35.57 -0.22
CA LEU A 133 -12.34 36.80 0.48
C LEU A 133 -13.22 37.70 -0.39
N SER A 134 -14.07 37.11 -1.23
CA SER A 134 -14.93 37.90 -2.09
C SER A 134 -16.12 38.49 -1.36
N VAL A 135 -16.57 37.83 -0.28
CA VAL A 135 -17.68 38.33 0.50
C VAL A 135 -17.31 39.50 1.40
N LEU A 136 -16.02 39.78 1.54
CA LEU A 136 -15.56 40.92 2.33
C LEU A 136 -15.69 42.24 1.57
N GLN A 137 -15.93 42.19 0.26
CA GLN A 137 -16.04 43.40 -0.55
C GLN A 137 -17.38 44.09 -0.34
N GLY A 138 -18.44 43.34 -0.02
CA GLY A 138 -19.76 43.92 0.09
C GLY A 138 -20.22 44.17 1.51
N VAL A 139 -19.27 44.23 2.44
CA VAL A 139 -19.56 44.43 3.85
C VAL A 139 -18.86 45.72 4.29
N GLU A 140 -19.61 46.60 4.95
CA GLU A 140 -19.08 47.86 5.41
C GLU A 140 -18.09 47.65 6.56
N SER A 141 -17.07 48.51 6.61
CA SER A 141 -16.04 48.40 7.64
C SER A 141 -16.53 48.83 9.01
N GLY A 142 -17.47 49.78 9.08
CA GLY A 142 -17.89 50.36 10.35
C GLY A 142 -18.61 49.40 11.27
N PHE A 143 -19.09 48.27 10.74
CA PHE A 143 -19.69 47.24 11.58
C PHE A 143 -18.65 46.51 12.43
N PHE A 144 -17.38 46.50 12.01
CA PHE A 144 -16.34 45.77 12.72
C PHE A 144 -15.39 46.69 13.48
N LYS A 145 -15.86 47.88 13.88
CA LYS A 145 -15.06 48.73 14.76
C LYS A 145 -15.08 48.25 16.19
N CYS A 146 -16.04 47.39 16.55
CA CYS A 146 -16.16 46.91 17.93
C CYS A 146 -14.99 46.02 18.31
N PHE A 147 -14.56 45.15 17.39
CA PHE A 147 -13.46 44.24 17.70
C PHE A 147 -12.12 44.99 17.72
N LEU A 148 -11.91 45.86 16.74
CA LEU A 148 -10.68 46.66 16.65
C LEU A 148 -11.07 48.13 16.55
N PRO A 149 -10.93 48.90 17.65
CA PRO A 149 -11.34 50.31 17.61
C PRO A 149 -10.49 51.19 16.70
N ASN A 150 -9.29 50.74 16.34
CA ASN A 150 -8.35 51.54 15.56
C ASN A 150 -8.73 51.64 14.09
N PHE A 151 -9.72 50.89 13.64
CA PHE A 151 -10.09 50.88 12.23
C PHE A 151 -10.77 52.19 11.83
N ASP A 152 -10.63 52.54 10.55
CA ASP A 152 -11.19 53.76 10.00
C ASP A 152 -12.28 53.41 8.99
N GLU A 153 -13.37 54.18 9.02
CA GLU A 153 -14.45 53.98 8.06
C GLU A 153 -14.05 54.41 6.65
N ASP A 154 -13.08 55.32 6.53
CA ASP A 154 -12.55 55.70 5.22
C ASP A 154 -11.65 54.63 4.63
N GLU A 155 -11.23 53.66 5.43
CA GLU A 155 -10.37 52.57 4.99
C GLU A 155 -11.21 51.32 4.78
N ASN A 156 -11.07 50.69 3.62
CA ASN A 156 -11.85 49.50 3.31
C ASN A 156 -11.42 48.35 4.22
N LEU A 157 -12.36 47.42 4.47
CA LEU A 157 -12.08 46.29 5.33
C LEU A 157 -11.02 45.37 4.76
N LEU A 158 -11.00 45.19 3.43
CA LEU A 158 -10.02 44.32 2.79
C LEU A 158 -8.60 44.85 2.96
N THR A 159 -8.41 46.17 2.80
CA THR A 159 -7.08 46.76 2.93
C THR A 159 -6.54 46.63 4.35
N GLN A 160 -7.39 46.91 5.35
CA GLN A 160 -6.96 46.76 6.74
C GLN A 160 -6.77 45.30 7.12
N TRP A 161 -7.53 44.40 6.50
CA TRP A 161 -7.32 42.96 6.74
C TRP A 161 -5.99 42.50 6.17
N THR A 162 -5.63 43.02 4.98
CA THR A 162 -4.33 42.72 4.38
C THR A 162 -3.20 43.27 5.25
N SER A 163 -3.35 44.49 5.75
CA SER A 163 -2.34 45.07 6.66
C SER A 163 -2.26 44.29 7.96
N LEU A 164 -3.40 43.79 8.44
CA LEU A 164 -3.43 42.96 9.64
C LEU A 164 -2.65 41.66 9.44
N THR A 165 -2.84 41.01 8.29
CA THR A 165 -2.08 39.79 8.00
C THR A 165 -0.60 40.08 7.81
N ASP A 166 -0.26 41.21 7.18
CA ASP A 166 1.12 41.62 7.03
C ASP A 166 1.79 41.84 8.39
N GLY A 167 1.08 42.48 9.31
CA GLY A 167 1.58 42.62 10.67
C GLY A 167 1.69 41.30 11.41
N TYR A 168 0.76 40.37 11.15
CA TYR A 168 0.82 39.04 11.76
C TYR A 168 2.04 38.26 11.29
N LEU A 169 2.44 38.45 10.03
CA LEU A 169 3.64 37.75 9.55
C LEU A 169 4.92 38.39 10.06
N GLN A 170 4.92 39.70 10.37
CA GLN A 170 6.10 40.41 10.82
C GLN A 170 6.36 40.26 12.33
N ASN A 171 5.78 39.25 12.98
CA ASN A 171 5.96 38.97 14.41
C ASN A 171 5.59 40.16 15.29
N ASN A 172 4.52 40.87 14.91
CA ASN A 172 4.00 41.94 15.75
C ASN A 172 3.14 41.30 16.85
N SER A 173 3.58 41.43 18.10
CA SER A 173 2.87 40.81 19.21
C SER A 173 1.50 41.44 19.42
N ASP A 174 1.38 42.75 19.18
CA ASP A 174 0.07 43.39 19.29
C ASP A 174 -0.88 42.88 18.21
N SER A 175 -0.37 42.63 17.00
CA SER A 175 -1.21 42.06 15.95
C SER A 175 -1.67 40.65 16.30
N ARG A 176 -0.77 39.85 16.89
CA ARG A 176 -1.16 38.52 17.34
C ARG A 176 -2.22 38.57 18.44
N ARG A 177 -2.05 39.49 19.40
CA ARG A 177 -3.04 39.63 20.45
C ARG A 177 -4.37 40.11 19.90
N GLN A 178 -4.32 40.98 18.88
CA GLN A 178 -5.54 41.36 18.16
C GLN A 178 -6.18 40.15 17.49
N ILE A 179 -5.37 39.22 17.00
CA ILE A 179 -5.89 38.01 16.38
C ILE A 179 -6.65 37.16 17.38
N GLN A 180 -6.06 36.90 18.56
CA GLN A 180 -6.85 36.07 19.48
C GLN A 180 -8.00 36.87 20.12
N ILE A 181 -7.90 38.19 20.17
CA ILE A 181 -9.03 39.01 20.64
C ILE A 181 -10.21 38.87 19.68
N PHE A 182 -9.94 38.95 18.37
CA PHE A 182 -10.97 38.71 17.36
C PHE A 182 -11.51 37.29 17.44
N LEU A 183 -10.62 36.31 17.68
CA LEU A 183 -11.04 34.92 17.73
C LEU A 183 -11.98 34.65 18.91
N GLU A 184 -11.68 35.21 20.08
CA GLU A 184 -12.56 35.02 21.22
C GLU A 184 -13.82 35.86 21.13
N SER A 185 -13.76 37.04 20.50
CA SER A 185 -14.93 37.91 20.46
C SER A 185 -15.95 37.46 19.42
N SER A 186 -15.51 36.89 18.30
CA SER A 186 -16.42 36.57 17.21
C SER A 186 -17.13 35.23 17.40
N LYS A 187 -16.91 34.54 18.53
CA LYS A 187 -17.57 33.27 18.75
C LYS A 187 -19.04 33.45 19.12
N ASP A 188 -19.40 34.58 19.73
CA ASP A 188 -20.78 34.91 20.04
C ASP A 188 -21.18 36.07 19.15
N SER A 189 -22.06 35.81 18.18
CA SER A 189 -22.43 36.78 17.17
C SER A 189 -23.89 37.21 17.28
N LYS A 190 -24.44 37.25 18.50
CA LYS A 190 -25.81 37.71 18.68
C LYS A 190 -25.93 39.22 18.44
N GLU A 191 -24.99 40.00 19.00
CA GLU A 191 -25.01 41.45 18.82
C GLU A 191 -24.78 41.83 17.36
N PHE A 192 -23.84 41.14 16.69
CA PHE A 192 -23.52 41.46 15.30
C PHE A 192 -24.70 41.18 14.38
N LEU A 193 -25.35 40.03 14.56
CA LEU A 193 -26.52 39.71 13.75
C LEU A 193 -27.70 40.60 14.09
N THR A 194 -27.84 41.01 15.36
CA THR A 194 -28.90 41.94 15.74
C THR A 194 -28.72 43.29 15.05
N VAL A 195 -27.49 43.81 15.04
CA VAL A 195 -27.23 45.09 14.40
C VAL A 195 -27.40 44.98 12.88
N VAL A 196 -26.97 43.87 12.29
CA VAL A 196 -27.13 43.66 10.86
C VAL A 196 -28.60 43.58 10.47
N LYS A 197 -29.41 42.87 11.27
CA LYS A 197 -30.84 42.81 11.01
C LYS A 197 -31.50 44.18 11.23
N SER A 198 -30.99 44.98 12.16
CA SER A 198 -31.55 46.30 12.39
C SER A 198 -31.22 47.26 11.26
N GLN A 199 -30.08 47.09 10.60
CA GLN A 199 -29.68 48.00 9.53
C GLN A 199 -29.74 47.39 8.13
N HIS A 200 -29.96 46.09 8.01
CA HIS A 200 -30.09 45.45 6.70
C HIS A 200 -31.17 44.39 6.77
N GLN A 201 -31.81 44.14 5.63
CA GLN A 201 -32.90 43.17 5.59
C GLN A 201 -32.38 41.73 5.64
N ASP A 202 -31.33 41.42 4.90
CA ASP A 202 -30.81 40.06 4.78
C ASP A 202 -29.54 39.93 5.61
N THR A 203 -29.51 38.95 6.50
CA THR A 203 -28.37 38.68 7.36
C THR A 203 -27.54 37.49 6.90
N LYS A 204 -27.97 36.81 5.82
CA LYS A 204 -27.28 35.59 5.40
C LYS A 204 -25.91 35.89 4.81
N GLU A 205 -25.80 36.97 4.03
CA GLU A 205 -24.50 37.34 3.47
C GLU A 205 -23.54 37.80 4.55
N TYR A 206 -24.05 38.43 5.62
CA TYR A 206 -23.17 38.77 6.75
C TYR A 206 -22.79 37.54 7.55
N LYS A 207 -23.67 36.54 7.62
CA LYS A 207 -23.29 35.24 8.18
C LYS A 207 -22.15 34.62 7.39
N ASN A 208 -22.24 34.68 6.06
CA ASN A 208 -21.16 34.14 5.22
C ASN A 208 -19.87 34.94 5.38
N ALA A 209 -19.99 36.27 5.52
CA ALA A 209 -18.80 37.11 5.68
C ALA A 209 -18.10 36.82 7.00
N LEU A 210 -18.86 36.70 8.09
CA LEU A 210 -18.26 36.35 9.37
C LEU A 210 -17.73 34.92 9.37
N LYS A 211 -18.39 34.01 8.65
CA LYS A 211 -17.89 32.64 8.52
C LYS A 211 -16.55 32.60 7.79
N VAL A 212 -16.42 33.39 6.71
CA VAL A 212 -15.15 33.44 5.99
C VAL A 212 -14.07 34.11 6.84
N MET A 213 -14.43 35.16 7.59
CA MET A 213 -13.47 35.83 8.44
C MET A 213 -12.96 34.92 9.56
N ARG A 214 -13.87 34.19 10.20
CA ARG A 214 -13.53 33.23 11.24
C ARG A 214 -12.91 31.96 10.67
N ASP A 215 -13.04 31.74 9.37
CA ASP A 215 -12.52 30.55 8.71
C ASP A 215 -11.09 30.75 8.24
N ASP A 216 -10.74 31.97 7.80
CA ASP A 216 -9.39 32.26 7.34
C ASP A 216 -8.49 32.77 8.46
N ALA A 217 -9.04 33.21 9.58
CA ALA A 217 -8.23 33.51 10.75
C ALA A 217 -7.94 32.27 11.59
N GLU A 218 -8.80 31.26 11.53
CA GLU A 218 -8.57 30.02 12.25
C GLU A 218 -7.51 29.16 11.59
N SER A 219 -7.29 29.32 10.28
CA SER A 219 -6.16 28.70 9.62
C SER A 219 -4.86 29.44 9.91
N MET A 220 -4.93 30.67 10.41
CA MET A 220 -3.76 31.39 10.87
C MET A 220 -3.42 31.04 12.31
N ILE A 221 -4.43 30.67 13.11
CA ILE A 221 -4.18 30.03 14.40
C ILE A 221 -3.50 28.69 14.19
N GLU A 222 -3.99 27.90 13.24
CA GLU A 222 -3.25 26.74 12.76
C GLU A 222 -2.05 27.20 11.93
N GLN A 223 -1.23 26.24 11.52
CA GLN A 223 0.09 26.44 10.88
C GLN A 223 1.00 27.41 11.66
N SER A 224 0.70 27.58 12.95
CA SER A 224 1.59 28.16 13.93
C SER A 224 1.55 27.38 15.23
N MET A 225 0.60 26.46 15.38
CA MET A 225 0.44 25.58 16.52
C MET A 225 0.59 24.12 16.17
N PHE A 226 0.25 23.73 14.93
CA PHE A 226 0.39 22.36 14.45
C PHE A 226 1.24 22.39 13.19
N GLY A 227 2.54 22.46 13.38
CA GLY A 227 3.43 22.42 12.25
C GLY A 227 3.93 23.79 11.85
N HIS A 228 5.10 23.81 11.22
CA HIS A 228 5.58 25.01 10.54
C HIS A 228 4.60 25.31 9.41
N LYS A 229 4.56 24.44 8.40
CA LYS A 229 3.54 24.42 7.35
C LYS A 229 3.47 25.75 6.60
N HIS A 230 4.57 26.06 5.91
CA HIS A 230 4.69 27.26 5.10
C HIS A 230 4.87 26.89 3.65
N ARG A 231 4.09 27.47 2.74
CA ARG A 231 4.31 27.24 1.31
C ARG A 231 5.40 28.23 0.88
N ARG A 232 6.62 27.93 1.32
CA ARG A 232 7.78 28.80 1.15
C ARG A 232 7.50 30.25 1.59
N LEU A 233 6.66 30.39 2.64
CA LEU A 233 6.77 31.49 3.59
C LEU A 233 7.98 31.28 4.50
N TYR A 234 8.57 30.09 4.44
CA TYR A 234 9.92 29.85 4.91
C TYR A 234 10.90 30.87 4.33
N LEU A 235 10.69 31.27 3.06
CA LEU A 235 11.52 32.32 2.50
C LEU A 235 11.34 33.64 3.24
N GLU A 236 10.09 34.00 3.58
CA GLU A 236 9.86 35.22 4.34
C GLU A 236 10.38 35.09 5.77
N ALA A 237 10.19 33.93 6.39
CA ALA A 237 10.66 33.71 7.75
C ALA A 237 12.18 33.80 7.84
N ILE A 238 12.89 33.19 6.88
CA ILE A 238 14.34 33.26 6.84
C ILE A 238 14.80 34.66 6.47
N ALA A 239 14.07 35.37 5.60
CA ALA A 239 14.42 36.74 5.29
C ALA A 239 14.32 37.64 6.53
N GLN A 240 13.36 37.37 7.40
CA GLN A 240 13.29 38.12 8.66
C GLN A 240 14.32 37.66 9.69
N ASP A 241 14.67 36.38 9.69
CA ASP A 241 15.49 35.83 10.77
C ASP A 241 16.99 35.80 10.49
N ILE A 242 17.42 36.00 9.24
CA ILE A 242 18.85 36.12 8.97
C ILE A 242 19.48 37.34 9.64
N PRO A 243 18.95 38.57 9.52
CA PRO A 243 19.64 39.71 10.15
C PRO A 243 19.58 39.71 11.67
N ARG A 244 18.69 38.93 12.28
CA ARG A 244 18.58 38.87 13.73
C ARG A 244 19.39 37.75 14.34
N ASP A 245 20.15 37.00 13.55
CA ASP A 245 21.01 35.94 14.04
C ASP A 245 22.45 36.43 14.00
N SER A 246 23.10 36.45 15.17
CA SER A 246 24.43 37.02 15.29
C SER A 246 25.53 36.08 14.82
N ARG A 247 25.26 34.77 14.74
CA ARG A 247 26.27 33.84 14.26
C ARG A 247 26.51 33.99 12.76
N LEU A 248 25.55 34.56 12.04
CA LEU A 248 25.61 34.68 10.59
C LEU A 248 26.21 35.99 10.13
N LYS A 249 26.68 36.83 11.06
CA LYS A 249 27.25 38.12 10.66
C LYS A 249 28.47 38.01 9.76
N PRO A 250 29.52 37.22 10.06
CA PRO A 250 30.66 37.16 9.12
C PRO A 250 30.30 36.62 7.75
N ILE A 251 29.23 35.83 7.64
CA ILE A 251 28.75 35.40 6.32
C ILE A 251 28.17 36.58 5.54
N ILE A 252 27.50 37.51 6.22
CA ILE A 252 26.67 38.50 5.54
C ILE A 252 27.52 39.50 4.75
N GLU A 253 28.64 39.99 5.31
CA GLU A 253 29.49 40.81 4.45
C GLU A 253 30.27 39.97 3.45
N ALA A 254 30.39 38.66 3.69
CA ALA A 254 30.98 37.80 2.68
C ALA A 254 30.10 37.69 1.45
N PHE A 255 28.79 37.70 1.63
CA PHE A 255 27.85 37.74 0.52
C PHE A 255 27.46 39.16 0.14
N SER A 256 27.97 40.15 0.88
CA SER A 256 27.70 41.57 0.64
C SER A 256 26.21 41.88 0.67
N GLY A 257 25.54 41.40 1.71
CA GLY A 257 24.15 41.73 1.94
C GLY A 257 23.32 40.59 2.50
N VAL A 258 22.29 40.95 3.27
CA VAL A 258 21.32 39.99 3.75
C VAL A 258 20.46 39.46 2.60
N GLU A 259 20.22 40.30 1.58
CA GLU A 259 19.38 39.90 0.45
C GLU A 259 20.04 38.82 -0.39
N LYS A 260 21.34 38.99 -0.69
CA LYS A 260 22.05 37.99 -1.48
C LYS A 260 22.18 36.67 -0.74
N PHE A 261 22.48 36.73 0.56
CA PHE A 261 22.61 35.52 1.35
C PHE A 261 21.27 34.80 1.48
N HIS A 262 20.18 35.56 1.65
CA HIS A 262 18.86 34.95 1.70
C HIS A 262 18.48 34.31 0.37
N HIS A 263 18.78 34.98 -0.73
CA HIS A 263 18.50 34.41 -2.05
C HIS A 263 19.30 33.14 -2.29
N PHE A 264 20.57 33.13 -1.86
CA PHE A 264 21.42 31.95 -1.98
C PHE A 264 20.86 30.79 -1.16
N ILE A 265 20.48 31.06 0.09
CA ILE A 265 19.94 30.02 0.97
C ILE A 265 18.62 29.49 0.44
N GLY A 266 17.73 30.38 0.00
CA GLY A 266 16.46 29.93 -0.55
C GLY A 266 16.60 29.19 -1.86
N ASN A 267 17.58 29.55 -2.69
CA ASN A 267 17.80 28.85 -3.94
C ASN A 267 18.33 27.45 -3.71
N LEU A 268 19.26 27.29 -2.77
CA LEU A 268 19.74 25.95 -2.43
C LEU A 268 18.69 25.13 -1.71
N SER A 269 17.83 25.77 -0.92
CA SER A 269 16.81 25.04 -0.17
C SER A 269 15.68 24.53 -1.07
N ASN A 270 15.54 25.09 -2.27
CA ASN A 270 14.53 24.65 -3.22
C ASN A 270 14.99 23.47 -4.07
N LEU A 271 16.24 23.04 -3.92
CA LEU A 271 16.75 21.91 -4.67
C LEU A 271 16.18 20.60 -4.15
N GLN A 272 15.86 19.70 -5.06
CA GLN A 272 15.42 18.37 -4.71
C GLN A 272 16.61 17.47 -4.44
N LEU A 273 16.33 16.26 -3.94
CA LEU A 273 17.40 15.32 -3.63
C LEU A 273 18.13 14.88 -4.89
N ARG A 274 17.43 14.79 -6.02
CA ARG A 274 18.07 14.34 -7.25
C ARG A 274 19.12 15.33 -7.74
N ALA A 275 18.89 16.63 -7.56
CA ALA A 275 19.90 17.62 -7.91
C ALA A 275 21.16 17.46 -7.07
N LEU A 276 20.99 17.34 -5.75
CA LEU A 276 22.13 17.16 -4.86
C LEU A 276 22.83 15.85 -5.12
N ARG A 277 22.06 14.80 -5.45
CA ARG A 277 22.61 13.54 -5.94
C ARG A 277 23.51 13.74 -7.14
N TRP A 278 23.03 14.50 -8.13
CA TRP A 278 23.79 14.66 -9.36
C TRP A 278 25.05 15.46 -9.12
N TYR A 279 25.01 16.38 -8.16
CA TYR A 279 26.22 17.13 -7.86
C TYR A 279 27.24 16.28 -7.11
N PHE A 280 26.81 15.52 -6.11
CA PHE A 280 27.75 14.79 -5.30
C PHE A 280 28.09 13.41 -5.84
N ASN A 281 27.52 12.99 -6.96
CA ASN A 281 27.78 11.67 -7.53
C ASN A 281 29.15 11.64 -8.21
N ASP A 282 30.22 11.63 -7.42
CA ASP A 282 31.57 11.42 -7.91
C ASP A 282 32.44 10.99 -6.73
N PRO A 283 33.31 9.99 -6.89
CA PRO A 283 34.20 9.61 -5.79
C PRO A 283 35.12 10.73 -5.34
N SER A 284 35.55 11.59 -6.26
CA SER A 284 36.37 12.75 -5.90
C SER A 284 35.57 13.78 -5.12
N MET A 285 34.25 13.65 -5.05
CA MET A 285 33.45 14.51 -4.20
C MET A 285 33.38 14.01 -2.77
N LYS A 286 34.09 12.93 -2.43
CA LYS A 286 34.26 12.57 -1.03
C LYS A 286 35.07 13.61 -0.27
N ASN A 287 35.82 14.45 -0.98
CA ASN A 287 36.61 15.52 -0.40
C ASN A 287 35.84 16.82 -0.26
N ASN A 288 34.57 16.85 -0.69
CA ASN A 288 33.70 18.03 -0.64
C ASN A 288 34.32 19.23 -1.36
N VAL A 289 34.89 18.97 -2.52
CA VAL A 289 35.55 20.02 -3.29
C VAL A 289 34.50 20.83 -4.04
N PHE A 290 34.79 22.12 -4.24
CA PHE A 290 33.92 23.03 -4.97
C PHE A 290 34.30 22.99 -6.45
N ASP A 291 33.33 22.67 -7.30
CA ASP A 291 33.46 22.73 -8.74
C ASP A 291 32.35 23.63 -9.28
N LYS A 292 32.75 24.69 -9.99
CA LYS A 292 31.76 25.67 -10.47
C LYS A 292 30.98 25.12 -11.67
N GLU A 293 31.69 24.60 -12.67
CA GLU A 293 31.02 24.12 -13.87
C GLU A 293 30.16 22.90 -13.59
N ARG A 294 30.59 22.05 -12.65
CA ARG A 294 29.75 20.93 -12.24
C ARG A 294 28.46 21.42 -11.60
N LEU A 295 28.54 22.44 -10.75
CA LEU A 295 27.34 22.98 -10.12
C LEU A 295 26.42 23.63 -11.14
N LYS A 296 26.98 24.34 -12.12
CA LYS A 296 26.17 24.96 -13.15
C LYS A 296 25.44 23.91 -13.99
N SER A 297 26.17 22.85 -14.39
CA SER A 297 25.55 21.78 -15.16
C SER A 297 24.50 21.05 -14.34
N VAL A 298 24.73 20.89 -13.04
CA VAL A 298 23.77 20.21 -12.18
C VAL A 298 22.52 21.06 -12.00
N LEU A 299 22.67 22.38 -11.90
CA LEU A 299 21.50 23.23 -11.74
C LEU A 299 20.65 23.29 -13.01
N VAL A 300 21.29 23.40 -14.19
CA VAL A 300 20.52 23.40 -15.42
C VAL A 300 19.88 22.03 -15.66
N ARG A 301 20.58 20.95 -15.30
CA ARG A 301 20.00 19.63 -15.38
C ARG A 301 18.83 19.47 -14.42
N ALA A 302 18.90 20.13 -13.26
CA ALA A 302 17.84 20.02 -12.27
C ALA A 302 16.58 20.76 -12.67
N TYR A 303 16.73 21.93 -13.30
CA TYR A 303 15.56 22.70 -13.67
C TYR A 303 15.11 22.45 -15.11
N GLN A 304 15.84 21.63 -15.87
CA GLN A 304 15.32 21.06 -17.10
C GLN A 304 14.50 19.80 -16.84
N PHE A 305 14.56 19.26 -15.62
CA PHE A 305 13.89 18.02 -15.29
C PHE A 305 12.39 18.20 -15.07
N PHE A 306 11.96 19.42 -14.76
CA PHE A 306 10.58 19.66 -14.36
C PHE A 306 9.66 19.82 -15.57
N HIS A 307 8.40 19.49 -15.37
CA HIS A 307 7.34 19.74 -16.33
C HIS A 307 6.50 20.89 -15.76
N TYR A 308 6.86 22.12 -16.13
CA TYR A 308 6.16 23.29 -15.64
C TYR A 308 4.76 23.36 -16.24
N PRO A 309 3.81 23.92 -15.51
CA PRO A 309 2.48 24.16 -16.08
C PRO A 309 2.53 25.28 -17.11
N LYS A 310 1.43 25.43 -17.84
CA LYS A 310 1.40 26.38 -18.96
C LYS A 310 1.45 27.82 -18.49
N ASP A 311 1.00 28.11 -17.28
CA ASP A 311 1.08 29.47 -16.76
C ASP A 311 2.41 29.78 -16.10
N LEU A 312 3.24 28.77 -15.82
CA LEU A 312 4.53 28.98 -15.17
C LEU A 312 5.70 28.89 -16.13
N THR A 313 5.43 28.76 -17.44
CA THR A 313 6.49 28.60 -18.43
C THR A 313 7.41 29.81 -18.45
N GLN A 314 6.82 31.01 -18.30
CA GLN A 314 7.63 32.22 -18.21
C GLN A 314 8.57 32.18 -17.03
N GLN A 315 8.06 31.69 -15.88
CA GLN A 315 8.92 31.51 -14.71
C GLN A 315 10.03 30.50 -15.02
N ARG A 316 9.67 29.41 -15.71
CA ARG A 316 10.68 28.46 -16.15
C ARG A 316 11.67 29.16 -17.08
N ALA A 317 11.14 29.95 -18.01
CA ALA A 317 11.99 30.67 -18.95
C ALA A 317 12.89 31.66 -18.22
N GLU A 318 12.46 32.15 -17.06
CA GLU A 318 13.35 32.98 -16.27
C GLU A 318 14.47 32.15 -15.67
N VAL A 319 14.11 31.06 -14.98
CA VAL A 319 15.04 30.34 -14.11
C VAL A 319 16.17 29.74 -14.91
N LEU A 320 15.83 29.07 -16.02
CA LEU A 320 16.84 28.47 -16.87
C LEU A 320 17.73 29.53 -17.49
N ASN A 321 17.17 30.69 -17.86
CA ASN A 321 18.00 31.74 -18.42
C ASN A 321 18.94 32.32 -17.39
N ALA A 322 18.61 32.19 -16.09
CA ALA A 322 19.58 32.55 -15.08
C ALA A 322 20.67 31.49 -14.98
N TYR A 323 20.29 30.21 -15.04
CA TYR A 323 21.25 29.15 -14.75
C TYR A 323 22.11 28.83 -15.97
N GLU A 324 21.52 28.81 -17.16
CA GLU A 324 22.28 28.56 -18.38
C GLU A 324 23.23 29.71 -18.69
N GLY A 325 22.81 30.95 -18.45
CA GLY A 325 23.60 32.12 -18.75
C GLY A 325 24.61 32.51 -17.71
N ALA A 326 24.88 31.65 -16.74
CA ALA A 326 25.73 32.00 -15.61
C ALA A 326 27.20 31.95 -16.00
N THR A 327 27.87 33.10 -15.91
CA THR A 327 29.33 33.14 -15.95
C THR A 327 29.94 32.89 -14.58
N ASP A 328 29.13 32.92 -13.53
CA ASP A 328 29.52 32.45 -12.21
C ASP A 328 28.23 32.03 -11.53
N ILE A 329 28.07 30.71 -11.34
CA ILE A 329 26.83 30.17 -10.82
C ILE A 329 26.61 30.56 -9.37
N LEU A 330 27.68 30.86 -8.63
CA LEU A 330 27.54 31.27 -7.24
C LEU A 330 26.92 32.65 -7.12
N GLU A 331 27.21 33.56 -8.04
CA GLU A 331 26.51 34.85 -8.06
C GLU A 331 25.10 34.73 -8.61
N THR A 332 24.84 33.75 -9.47
CA THR A 332 23.48 33.52 -9.96
C THR A 332 22.60 33.01 -8.83
N LEU A 333 23.15 32.18 -7.93
CA LEU A 333 22.38 31.72 -6.78
C LEU A 333 22.00 32.87 -5.87
N GLN A 334 22.91 33.83 -5.69
CA GLN A 334 22.62 35.02 -4.89
C GLN A 334 21.73 36.02 -5.62
N THR A 335 21.65 35.94 -6.95
CA THR A 335 20.91 36.91 -7.75
C THR A 335 19.52 36.44 -8.11
N LEU A 336 19.36 35.16 -8.46
CA LEU A 336 18.06 34.65 -8.87
C LEU A 336 17.10 34.57 -7.69
N ASN A 337 15.89 35.07 -7.89
CA ASN A 337 14.89 35.13 -6.83
C ASN A 337 14.45 33.73 -6.46
N PRO A 338 14.57 33.32 -5.19
CA PRO A 338 14.25 31.94 -4.81
C PRO A 338 12.78 31.58 -4.89
N GLU A 339 11.87 32.54 -5.06
CA GLU A 339 10.47 32.21 -5.25
C GLU A 339 10.21 31.60 -6.62
N LEU A 340 11.06 31.92 -7.60
CA LEU A 340 10.92 31.36 -8.93
C LEU A 340 11.40 29.91 -8.99
N THR A 341 12.39 29.57 -8.18
CA THR A 341 13.01 28.25 -8.22
C THR A 341 12.29 27.22 -7.37
N ILE A 342 11.13 27.57 -6.82
CA ILE A 342 10.28 26.56 -6.17
C ILE A 342 9.82 25.55 -7.21
N PRO A 343 10.01 24.26 -6.98
CA PRO A 343 9.73 23.28 -8.03
C PRO A 343 8.25 23.18 -8.31
N PRO A 344 7.86 22.80 -9.53
CA PRO A 344 6.45 22.51 -9.80
C PRO A 344 6.04 21.17 -9.21
N TYR A 345 4.79 20.77 -9.46
CA TYR A 345 4.36 19.44 -9.05
C TYR A 345 5.10 18.38 -9.85
N GLU A 346 5.23 17.20 -9.26
CA GLU A 346 5.88 16.10 -9.95
C GLU A 346 4.99 15.60 -11.09
N ASP A 347 5.63 15.17 -12.17
CA ASP A 347 4.93 14.77 -13.39
C ASP A 347 5.48 13.44 -13.88
N GLN A 348 5.54 12.44 -13.01
CA GLN A 348 6.03 11.11 -13.38
C GLN A 348 4.95 10.37 -14.18
N ASN A 349 4.67 10.90 -15.37
CA ASN A 349 3.65 10.34 -16.24
C ASN A 349 4.21 9.31 -17.20
N ASN A 350 5.49 9.43 -17.55
CA ASN A 350 6.20 8.44 -18.35
C ASN A 350 7.08 7.54 -17.47
N ARG A 351 6.63 7.26 -16.25
CA ARG A 351 7.44 6.55 -15.26
C ARG A 351 7.76 5.12 -15.67
N ARG A 352 6.76 4.27 -15.77
CA ARG A 352 6.93 2.91 -16.27
C ARG A 352 5.77 2.63 -17.20
N PRO A 353 5.91 3.03 -18.47
CA PRO A 353 4.76 2.98 -19.37
C PRO A 353 4.36 1.55 -19.68
N PRO A 354 3.10 1.30 -19.99
CA PRO A 354 2.67 -0.06 -20.32
C PRO A 354 3.26 -0.52 -21.62
N LEU A 355 3.38 -1.83 -21.76
CA LEU A 355 3.67 -2.45 -23.04
C LEU A 355 2.36 -2.98 -23.59
N ASP A 356 2.05 -2.60 -24.83
CA ASP A 356 0.82 -3.11 -25.41
C ASP A 356 1.01 -4.59 -25.75
N GLN A 357 -0.06 -5.35 -25.56
CA GLN A 357 0.02 -6.81 -25.63
C GLN A 357 -0.65 -7.34 -26.89
N THR A 358 -0.68 -6.53 -27.95
CA THR A 358 -1.21 -6.99 -29.23
C THR A 358 -0.30 -8.05 -29.82
N LEU A 359 -0.90 -9.08 -30.39
CA LEU A 359 -0.18 -10.23 -30.94
C LEU A 359 -0.23 -10.14 -32.46
N TRP A 360 0.90 -9.83 -33.06
CA TRP A 360 1.00 -9.71 -34.51
C TRP A 360 1.62 -10.96 -35.10
N LEU A 361 1.16 -11.36 -36.28
CA LEU A 361 1.88 -12.37 -37.06
C LEU A 361 3.30 -11.90 -37.29
N SER A 362 4.24 -12.80 -37.08
CA SER A 362 5.64 -12.43 -37.07
C SER A 362 6.28 -12.80 -38.39
N PRO A 363 6.77 -11.85 -39.18
CA PRO A 363 7.61 -12.22 -40.33
C PRO A 363 8.88 -12.93 -39.89
N ARG A 364 9.43 -12.54 -38.75
CA ARG A 364 10.65 -13.16 -38.23
C ARG A 364 10.43 -14.64 -37.92
N LEU A 365 9.36 -14.95 -37.19
CA LEU A 365 9.10 -16.35 -36.86
C LEU A 365 8.66 -17.15 -38.09
N LEU A 366 7.96 -16.50 -39.03
CA LEU A 366 7.48 -17.22 -40.20
C LEU A 366 8.62 -17.57 -41.16
N ASP A 367 9.60 -16.67 -41.34
CA ASP A 367 10.72 -17.06 -42.18
C ASP A 367 11.85 -17.73 -41.41
N GLN A 368 11.76 -17.79 -40.07
CA GLN A 368 12.56 -18.75 -39.34
C GLN A 368 11.99 -20.15 -39.46
N ARG A 369 10.68 -20.27 -39.64
CA ARG A 369 10.09 -21.60 -39.70
C ARG A 369 9.87 -22.06 -41.14
N TYR A 370 9.19 -21.25 -41.96
CA TYR A 370 8.83 -21.64 -43.31
C TYR A 370 9.77 -21.07 -44.37
N GLY A 371 10.75 -20.27 -43.99
CA GLY A 371 11.63 -19.67 -44.97
C GLY A 371 10.91 -18.63 -45.81
N ASP A 372 11.24 -18.59 -47.10
CA ASP A 372 10.60 -17.67 -48.04
C ASP A 372 9.36 -18.26 -48.69
N THR A 373 8.71 -19.23 -48.04
CA THR A 373 7.55 -19.91 -48.59
C THR A 373 6.25 -19.17 -48.26
N TRP A 374 6.16 -18.58 -47.06
CA TRP A 374 4.94 -17.84 -46.70
C TRP A 374 4.80 -16.57 -47.52
N GLU A 375 5.92 -16.02 -48.00
CA GLU A 375 5.88 -14.96 -49.01
C GLU A 375 5.15 -15.44 -50.27
N ILE A 376 5.45 -16.67 -50.69
CA ILE A 376 4.79 -17.24 -51.87
C ILE A 376 3.31 -17.49 -51.59
N TRP A 377 2.97 -17.90 -50.37
CA TRP A 377 1.55 -18.06 -50.00
C TRP A 377 0.81 -16.73 -50.10
N VAL A 378 1.40 -15.67 -49.56
CA VAL A 378 0.73 -14.37 -49.54
C VAL A 378 0.62 -13.81 -50.95
N GLN A 379 1.67 -13.98 -51.76
CA GLN A 379 1.62 -13.53 -53.15
C GLN A 379 0.57 -14.28 -53.95
N ASN A 380 0.47 -15.60 -53.74
CA ASN A 380 -0.52 -16.40 -54.48
C ASN A 380 -1.94 -16.06 -54.03
N LEU A 381 -2.16 -15.82 -52.74
CA LEU A 381 -3.48 -15.46 -52.28
C LEU A 381 -3.85 -14.02 -52.64
N LEU A 382 -2.86 -13.16 -52.85
CA LEU A 382 -3.14 -11.79 -53.26
C LEU A 382 -3.55 -11.70 -54.72
N ARG A 383 -3.08 -12.65 -55.55
CA ARG A 383 -3.41 -12.64 -56.97
C ARG A 383 -4.86 -13.00 -57.25
N SER A 384 -5.54 -13.61 -56.29
CA SER A 384 -6.93 -14.01 -56.47
C SER A 384 -7.85 -12.80 -56.44
N PRO A 385 -8.90 -12.78 -57.26
CA PRO A 385 -9.87 -11.67 -57.19
C PRO A 385 -10.76 -11.72 -55.96
N LEU A 386 -10.81 -12.83 -55.23
CA LEU A 386 -11.55 -12.88 -53.98
C LEU A 386 -10.90 -12.07 -52.88
N SER A 387 -9.59 -11.82 -52.99
CA SER A 387 -8.86 -11.02 -52.02
C SER A 387 -8.73 -9.57 -52.47
N LYS A 388 -9.72 -9.04 -53.18
CA LYS A 388 -9.67 -7.68 -53.67
C LYS A 388 -9.81 -6.70 -52.51
N GLY A 389 -8.84 -5.78 -52.39
CA GLY A 389 -8.91 -4.79 -51.34
C GLY A 389 -8.54 -5.27 -49.96
N ILE A 390 -7.80 -6.38 -49.86
CA ILE A 390 -7.36 -6.85 -48.55
C ILE A 390 -6.13 -6.10 -48.06
N ASP A 391 -5.36 -5.49 -48.96
CA ASP A 391 -4.17 -4.72 -48.60
C ASP A 391 -4.41 -3.23 -48.69
N GLU A 392 -5.67 -2.81 -48.66
CA GLU A 392 -6.16 -1.50 -49.07
C GLU A 392 -5.43 -0.29 -48.46
N ASN A 393 -5.38 -0.17 -47.13
CA ASN A 393 -4.70 0.97 -46.49
C ASN A 393 -3.34 0.61 -45.90
N LEU A 394 -2.61 -0.37 -46.42
CA LEU A 394 -1.41 -0.82 -45.71
C LEU A 394 -0.24 0.15 -45.82
N ASP A 395 -0.22 1.03 -46.83
CA ASP A 395 0.82 2.04 -46.92
C ASP A 395 0.72 3.06 -45.79
N THR A 396 -0.44 3.18 -45.16
CA THR A 396 -0.62 4.02 -43.99
C THR A 396 -0.39 3.24 -42.69
N ILE A 397 -0.77 1.97 -42.65
CA ILE A 397 -0.60 1.19 -41.43
C ILE A 397 0.87 0.94 -41.13
N LEU A 398 1.66 0.62 -42.17
CA LEU A 398 3.03 0.16 -41.93
C LEU A 398 4.01 1.27 -41.59
N ILE A 399 3.57 2.52 -41.48
CA ILE A 399 4.48 3.61 -41.16
C ILE A 399 4.97 3.49 -39.71
N THR A 400 4.05 3.26 -38.79
CA THR A 400 4.40 3.20 -37.37
C THR A 400 4.88 1.79 -37.00
N THR A 401 5.86 1.74 -36.10
CA THR A 401 6.36 0.47 -35.60
C THR A 401 5.32 -0.18 -34.69
N ASP A 402 5.10 -1.48 -34.89
CA ASP A 402 4.05 -2.19 -34.18
C ASP A 402 4.54 -3.16 -33.12
N ARG A 403 5.79 -3.60 -33.18
CA ARG A 403 6.26 -4.63 -32.27
C ARG A 403 7.70 -4.37 -31.87
N LYS A 404 8.18 -5.16 -30.91
CA LYS A 404 9.49 -4.91 -30.30
C LYS A 404 10.64 -5.31 -31.22
N ALA A 405 10.52 -6.44 -31.91
CA ALA A 405 11.61 -6.90 -32.77
C ALA A 405 11.81 -5.98 -33.96
N ARG A 406 10.72 -5.42 -34.49
CA ARG A 406 10.83 -4.41 -35.54
C ARG A 406 11.51 -3.15 -35.02
N LEU A 407 11.23 -2.77 -33.78
CA LEU A 407 11.91 -1.64 -33.16
C LEU A 407 13.40 -1.92 -32.99
N LEU A 408 13.76 -3.13 -32.57
CA LEU A 408 15.17 -3.47 -32.41
C LEU A 408 15.91 -3.47 -33.74
N GLU A 409 15.25 -3.95 -34.80
CA GLU A 409 15.88 -3.90 -36.12
C GLU A 409 15.99 -2.48 -36.64
N ARG A 410 15.01 -1.62 -36.35
CA ARG A 410 15.11 -0.22 -36.77
C ARG A 410 16.16 0.53 -35.98
N GLN A 411 16.38 0.17 -34.71
CA GLN A 411 17.49 0.73 -33.95
C GLN A 411 18.83 0.26 -34.50
N SER A 412 18.90 -1.00 -34.90
CA SER A 412 20.12 -1.50 -35.54
C SER A 412 20.34 -0.90 -36.91
N GLY A 413 19.31 -0.34 -37.53
CA GLY A 413 19.42 0.20 -38.87
C GLY A 413 19.48 -0.83 -39.97
N ARG A 414 19.21 -2.09 -39.66
CA ARG A 414 19.35 -3.21 -40.60
C ARG A 414 18.05 -3.99 -40.60
N LEU A 415 17.12 -3.59 -41.46
CA LEU A 415 15.86 -4.32 -41.61
C LEU A 415 16.13 -5.59 -42.39
N ILE A 416 16.06 -6.74 -41.70
CA ILE A 416 16.25 -8.04 -42.33
C ILE A 416 14.95 -8.84 -42.33
N HIS A 417 14.40 -9.11 -41.15
CA HIS A 417 13.11 -9.80 -41.04
C HIS A 417 11.94 -8.85 -41.07
N TYR A 418 12.17 -7.55 -40.94
CA TYR A 418 11.10 -6.57 -40.81
C TYR A 418 11.24 -5.46 -41.84
N THR A 419 11.52 -5.85 -43.08
CA THR A 419 11.43 -4.91 -44.19
C THR A 419 9.95 -4.60 -44.46
N SER A 420 9.73 -3.56 -45.26
CA SER A 420 8.36 -3.13 -45.54
C SER A 420 7.60 -4.17 -46.35
N GLN A 421 8.28 -4.90 -47.23
CA GLN A 421 7.62 -5.95 -48.00
C GLN A 421 7.24 -7.13 -47.10
N LYS A 422 8.12 -7.50 -46.18
CA LYS A 422 7.84 -8.62 -45.28
C LYS A 422 6.69 -8.28 -44.33
N LEU A 423 6.68 -7.05 -43.81
CA LEU A 423 5.57 -6.59 -43.00
C LEU A 423 4.28 -6.53 -43.80
N TYR A 424 4.36 -6.08 -45.06
CA TYR A 424 3.19 -6.03 -45.92
C TYR A 424 2.60 -7.42 -46.12
N HIS A 425 3.46 -8.41 -46.38
CA HIS A 425 3.01 -9.77 -46.58
C HIS A 425 2.44 -10.38 -45.31
N SER A 426 3.06 -10.10 -44.16
CA SER A 426 2.54 -10.63 -42.89
C SER A 426 1.21 -9.99 -42.51
N TYR A 427 1.06 -8.69 -42.76
CA TYR A 427 -0.21 -8.01 -42.51
C TYR A 427 -1.31 -8.55 -43.41
N VAL A 428 -1.00 -8.77 -44.68
CA VAL A 428 -1.97 -9.35 -45.60
C VAL A 428 -2.34 -10.75 -45.16
N LEU A 429 -1.37 -11.54 -44.70
CA LEU A 429 -1.64 -12.89 -44.23
C LEU A 429 -2.56 -12.90 -43.02
N GLN A 430 -2.31 -12.00 -42.06
CA GLN A 430 -3.16 -11.98 -40.88
C GLN A 430 -4.55 -11.42 -41.18
N ARG A 431 -4.66 -10.49 -42.13
CA ARG A 431 -5.98 -10.03 -42.57
C ARG A 431 -6.74 -11.15 -43.28
N LEU A 432 -6.02 -11.97 -44.05
CA LEU A 432 -6.62 -13.14 -44.68
C LEU A 432 -7.13 -14.12 -43.65
N LEU A 433 -6.35 -14.37 -42.60
CA LEU A 433 -6.73 -15.38 -41.62
C LEU A 433 -7.80 -14.88 -40.66
N ASP A 434 -7.85 -13.58 -40.39
CA ASP A 434 -8.81 -13.03 -39.43
C ASP A 434 -9.98 -12.36 -40.13
N ARG A 435 -10.39 -12.90 -41.26
CA ARG A 435 -11.45 -12.32 -42.05
C ARG A 435 -12.80 -12.83 -41.54
N THR A 436 -13.82 -11.98 -41.60
CA THR A 436 -15.12 -12.31 -41.04
C THR A 436 -15.81 -13.38 -41.86
N VAL A 437 -16.85 -13.98 -41.28
CA VAL A 437 -17.55 -15.10 -41.89
C VAL A 437 -18.22 -14.69 -43.20
N GLU A 438 -18.77 -13.47 -43.25
CA GLU A 438 -19.42 -12.98 -44.46
C GLU A 438 -18.41 -12.77 -45.58
N ASN A 439 -17.20 -12.36 -45.24
CA ASN A 439 -16.18 -12.07 -46.25
C ASN A 439 -15.26 -13.24 -46.54
N ASP A 440 -15.18 -14.25 -45.67
CA ASP A 440 -14.19 -15.32 -45.82
C ASP A 440 -14.54 -16.18 -47.03
N ALA A 441 -13.73 -16.07 -48.08
CA ALA A 441 -13.95 -16.82 -49.30
C ALA A 441 -13.34 -18.22 -49.27
N TYR A 442 -12.66 -18.59 -48.18
CA TYR A 442 -11.99 -19.88 -48.09
C TYR A 442 -12.47 -20.74 -46.93
N LEU A 443 -13.18 -20.16 -45.96
CA LEU A 443 -13.68 -20.88 -44.78
C LEU A 443 -12.56 -21.60 -44.03
N LEU A 444 -11.48 -20.86 -43.75
CA LEU A 444 -10.27 -21.46 -43.21
C LEU A 444 -10.49 -22.04 -41.82
N LYS A 445 -11.36 -21.40 -41.02
CA LYS A 445 -11.69 -21.94 -39.71
C LYS A 445 -12.43 -23.27 -39.84
N THR A 446 -13.28 -23.39 -40.86
CA THR A 446 -13.99 -24.64 -41.12
C THR A 446 -13.07 -25.67 -41.77
N LEU A 447 -12.15 -25.21 -42.62
CA LEU A 447 -11.28 -26.13 -43.36
C LEU A 447 -10.35 -26.89 -42.44
N VAL A 448 -9.82 -26.23 -41.39
CA VAL A 448 -8.90 -26.88 -40.48
C VAL A 448 -9.59 -27.43 -39.24
N SER A 449 -10.90 -27.24 -39.12
CA SER A 449 -11.63 -27.77 -37.99
C SER A 449 -11.73 -29.29 -38.08
N SER A 450 -11.79 -29.95 -36.92
CA SER A 450 -11.95 -31.38 -36.87
C SER A 450 -13.37 -31.83 -37.19
N ASN A 451 -14.34 -30.93 -37.19
CA ASN A 451 -15.73 -31.26 -37.45
C ASN A 451 -16.16 -30.62 -38.76
N ARG A 452 -16.88 -31.39 -39.58
CA ARG A 452 -17.32 -30.96 -40.89
C ARG A 452 -18.84 -30.93 -40.96
N GLY A 453 -19.36 -30.02 -41.76
CA GLY A 453 -20.79 -29.87 -42.00
C GLY A 453 -21.22 -30.51 -43.31
N ASN A 454 -22.06 -29.78 -44.05
CA ASN A 454 -22.49 -30.25 -45.36
C ASN A 454 -21.35 -30.09 -46.36
N SER A 455 -20.87 -31.21 -46.89
CA SER A 455 -19.56 -31.31 -47.50
C SER A 455 -19.42 -30.55 -48.83
N ASN A 456 -20.53 -30.09 -49.43
CA ASN A 456 -20.42 -29.42 -50.72
C ASN A 456 -19.77 -28.04 -50.58
N GLU A 457 -20.15 -27.28 -49.55
CA GLU A 457 -19.59 -25.94 -49.38
C GLU A 457 -18.12 -26.01 -48.97
N ILE A 458 -17.77 -26.94 -48.08
CA ILE A 458 -16.36 -27.18 -47.73
C ILE A 458 -15.59 -27.67 -48.95
N HIS A 459 -16.22 -28.48 -49.80
CA HIS A 459 -15.58 -28.97 -51.01
C HIS A 459 -15.23 -27.83 -51.95
N GLN A 460 -16.18 -26.92 -52.19
CA GLN A 460 -15.86 -25.81 -53.09
C GLN A 460 -14.99 -24.75 -52.43
N ALA A 461 -14.98 -24.65 -51.09
CA ALA A 461 -14.04 -23.77 -50.42
C ALA A 461 -12.61 -24.28 -50.56
N GLN A 462 -12.41 -25.59 -50.36
CA GLN A 462 -11.10 -26.19 -50.59
C GLN A 462 -10.70 -26.11 -52.06
N GLU A 463 -11.69 -26.20 -52.97
CA GLU A 463 -11.41 -26.00 -54.38
C GLU A 463 -10.91 -24.59 -54.68
N ARG A 464 -11.55 -23.58 -54.07
CA ARG A 464 -11.14 -22.20 -54.26
C ARG A 464 -9.75 -21.96 -53.68
N LEU A 465 -9.47 -22.51 -52.49
CA LEU A 465 -8.15 -22.35 -51.89
C LEU A 465 -7.08 -23.05 -52.71
N THR A 466 -7.39 -24.22 -53.26
CA THR A 466 -6.44 -24.94 -54.12
C THR A 466 -6.19 -24.17 -55.41
N ARG A 467 -7.24 -23.57 -55.98
CA ARG A 467 -7.10 -22.83 -57.23
C ARG A 467 -6.29 -21.54 -57.02
N ASP A 468 -6.49 -20.86 -55.90
CA ASP A 468 -5.78 -19.61 -55.65
C ASP A 468 -4.36 -19.85 -55.14
N LEU A 469 -4.23 -20.58 -54.04
CA LEU A 469 -2.92 -20.75 -53.41
C LEU A 469 -2.03 -21.68 -54.21
N GLY A 470 -2.57 -22.77 -54.73
CA GLY A 470 -1.79 -23.76 -55.44
C GLY A 470 -1.78 -25.07 -54.68
N SER A 471 -1.95 -26.17 -55.40
CA SER A 471 -2.11 -27.47 -54.76
C SER A 471 -0.81 -27.96 -54.11
N GLN A 472 0.34 -27.46 -54.54
CA GLN A 472 1.59 -27.82 -53.89
C GLN A 472 1.76 -27.13 -52.54
N HIS A 473 0.98 -26.10 -52.27
CA HIS A 473 1.08 -25.31 -51.04
C HIS A 473 -0.03 -25.60 -50.04
N ILE A 474 -0.96 -26.50 -50.37
CA ILE A 474 -2.18 -26.63 -49.59
C ILE A 474 -1.91 -27.23 -48.22
N LYS A 475 -1.04 -28.24 -48.15
CA LYS A 475 -0.80 -28.93 -46.88
C LYS A 475 -0.17 -28.01 -45.85
N LYS A 476 1.03 -27.52 -46.14
CA LYS A 476 1.81 -26.75 -45.16
C LYS A 476 1.07 -25.50 -44.71
N PHE A 477 0.48 -24.77 -45.66
CA PHE A 477 -0.29 -23.57 -45.35
C PHE A 477 -1.42 -23.90 -44.39
N LEU A 478 -2.17 -24.98 -44.66
CA LEU A 478 -3.28 -25.32 -43.78
C LEU A 478 -2.79 -25.74 -42.42
N ASP A 479 -1.63 -26.40 -42.36
CA ASP A 479 -1.03 -26.71 -41.07
C ASP A 479 -0.75 -25.43 -40.31
N PHE A 480 -0.14 -24.46 -40.99
CA PHE A 480 0.09 -23.14 -40.42
C PHE A 480 -1.20 -22.53 -39.96
N VAL A 481 -2.25 -22.64 -40.79
CA VAL A 481 -3.53 -22.02 -40.48
C VAL A 481 -4.09 -22.64 -39.21
N ARG A 482 -4.02 -23.97 -39.09
CA ARG A 482 -4.55 -24.62 -37.91
C ARG A 482 -3.78 -24.19 -36.68
N GLN A 483 -2.45 -24.14 -36.81
CA GLN A 483 -1.60 -23.71 -35.70
C GLN A 483 -1.96 -22.29 -35.31
N TYR A 484 -2.12 -21.42 -36.33
CA TYR A 484 -2.43 -20.02 -36.06
C TYR A 484 -3.73 -19.91 -35.29
N TYR A 485 -4.75 -20.66 -35.73
CA TYR A 485 -6.05 -20.51 -35.09
C TYR A 485 -6.02 -21.06 -33.69
N ASP A 486 -5.28 -22.17 -33.50
CA ASP A 486 -5.14 -22.72 -32.16
C ASP A 486 -4.45 -21.72 -31.26
N GLU A 487 -3.41 -21.08 -31.79
CA GLU A 487 -2.65 -20.15 -30.97
C GLU A 487 -3.41 -18.85 -30.81
N VAL A 488 -4.39 -18.58 -31.67
CA VAL A 488 -5.30 -17.47 -31.40
C VAL A 488 -6.23 -17.80 -30.25
N ASP A 489 -6.75 -19.04 -30.23
CA ASP A 489 -7.79 -19.38 -29.25
C ASP A 489 -7.23 -19.37 -27.83
N LYS A 490 -6.05 -20.00 -27.66
CA LYS A 490 -5.33 -19.91 -26.38
C LYS A 490 -5.09 -18.45 -26.00
N ALA A 491 -4.75 -17.61 -26.98
CA ALA A 491 -4.52 -16.21 -26.73
C ALA A 491 -5.75 -15.51 -26.19
N LYS A 492 -6.94 -15.96 -26.59
CA LYS A 492 -8.15 -15.35 -26.06
C LYS A 492 -8.50 -15.88 -24.68
N ARG A 493 -7.95 -17.02 -24.28
CA ARG A 493 -8.27 -17.60 -22.98
C ARG A 493 -7.27 -17.20 -21.90
N GLY A 494 -6.30 -16.36 -22.23
CA GLY A 494 -5.25 -16.03 -21.29
C GLY A 494 -4.13 -17.02 -21.24
N LEU A 495 -3.93 -17.78 -22.33
CA LEU A 495 -2.99 -18.89 -22.34
C LEU A 495 -2.06 -18.83 -23.55
N TRP A 496 -1.70 -17.63 -23.98
CA TRP A 496 -0.74 -17.52 -25.07
C TRP A 496 0.64 -17.98 -24.63
N PHE A 497 0.95 -17.88 -23.33
CA PHE A 497 2.25 -18.26 -22.82
C PHE A 497 2.49 -19.77 -22.85
N ILE A 498 1.44 -20.59 -22.96
CA ILE A 498 1.63 -22.04 -22.96
C ILE A 498 1.87 -22.60 -24.35
N VAL A 499 1.88 -21.77 -25.39
CA VAL A 499 2.21 -22.28 -26.72
C VAL A 499 3.68 -22.64 -26.76
N GLU A 500 4.02 -23.66 -27.53
CA GLU A 500 5.38 -24.17 -27.55
C GLU A 500 6.19 -23.59 -28.71
N LYS A 501 5.59 -23.53 -29.90
CA LYS A 501 6.20 -22.95 -31.09
C LYS A 501 5.28 -21.84 -31.60
N PRO A 502 5.46 -20.61 -31.15
CA PRO A 502 4.52 -19.54 -31.52
C PRO A 502 4.75 -19.00 -32.93
N LEU A 503 3.65 -18.56 -33.55
CA LEU A 503 3.68 -17.86 -34.82
C LEU A 503 3.51 -16.35 -34.69
N MET A 504 2.62 -15.90 -33.82
CA MET A 504 2.51 -14.48 -33.51
C MET A 504 3.39 -14.12 -32.34
N GLU A 505 3.74 -12.85 -32.27
CA GLU A 505 4.57 -12.31 -31.22
C GLU A 505 3.88 -11.12 -30.58
N ARG A 506 4.11 -10.95 -29.28
CA ARG A 506 3.58 -9.81 -28.56
C ARG A 506 4.30 -8.55 -29.00
N ALA A 507 3.59 -7.42 -28.92
CA ALA A 507 4.15 -6.16 -29.39
C ALA A 507 5.26 -5.67 -28.48
N ASP A 508 5.02 -5.65 -27.16
CA ASP A 508 6.00 -5.23 -26.14
C ASP A 508 6.50 -3.80 -26.37
N ILE A 509 5.61 -2.93 -26.81
CA ILE A 509 5.91 -1.56 -27.20
C ILE A 509 5.05 -0.62 -26.36
N HIS A 510 5.61 0.52 -25.99
CA HIS A 510 4.83 1.52 -25.31
C HIS A 510 3.84 2.15 -26.30
N PRO A 511 2.56 2.21 -25.97
CA PRO A 511 1.62 2.99 -26.77
C PRO A 511 1.79 4.48 -26.49
N PRO A 512 1.17 5.36 -27.28
CA PRO A 512 1.22 6.78 -26.95
C PRO A 512 0.25 7.16 -25.83
N MET A 513 0.19 8.46 -25.52
CA MET A 513 -0.57 8.97 -24.38
C MET A 513 -1.61 9.98 -24.83
N LYS A 514 -2.45 9.61 -25.79
CA LYS A 514 -3.66 10.35 -26.16
C LYS A 514 -3.36 11.75 -26.67
N ASN A 515 -2.45 11.84 -27.63
CA ASN A 515 -2.22 13.11 -28.32
C ASN A 515 -3.36 13.34 -29.32
N ASP A 516 -3.25 14.43 -30.09
CA ASP A 516 -4.32 14.81 -31.01
C ASP A 516 -4.50 13.76 -32.10
N SER A 517 -3.42 13.16 -32.58
CA SER A 517 -3.53 12.09 -33.57
C SER A 517 -4.26 10.88 -33.01
N VAL A 518 -4.14 10.64 -31.70
CA VAL A 518 -4.92 9.60 -31.06
C VAL A 518 -6.37 10.03 -30.89
N ILE A 519 -6.59 11.32 -30.59
CA ILE A 519 -7.95 11.83 -30.38
C ILE A 519 -8.78 11.70 -31.65
N LEU A 520 -8.18 12.02 -32.81
CA LEU A 520 -8.91 11.88 -34.08
C LEU A 520 -9.29 10.43 -34.36
N ARG A 521 -8.40 9.47 -34.06
CA ARG A 521 -8.73 8.06 -34.30
C ARG A 521 -9.82 7.57 -33.34
N LEU A 522 -9.76 7.99 -32.07
CA LEU A 522 -10.79 7.57 -31.11
C LEU A 522 -12.15 8.17 -31.45
N VAL A 523 -12.18 9.44 -31.86
CA VAL A 523 -13.43 10.07 -32.25
C VAL A 523 -13.96 9.45 -33.54
N GLY A 524 -13.06 9.08 -34.45
CA GLY A 524 -13.50 8.35 -35.64
C GLY A 524 -14.06 6.97 -35.33
N ASN A 525 -13.51 6.30 -34.32
CA ASN A 525 -14.07 5.03 -33.88
C ASN A 525 -15.44 5.21 -33.25
N ILE A 526 -15.66 6.32 -32.55
CA ILE A 526 -16.99 6.60 -32.00
C ILE A 526 -17.98 6.89 -33.12
N LEU A 527 -17.61 7.77 -34.04
CA LEU A 527 -18.54 8.33 -35.01
C LEU A 527 -18.77 7.45 -36.22
N CYS A 528 -18.12 6.28 -36.27
CA CYS A 528 -18.21 5.35 -37.40
C CYS A 528 -17.76 6.01 -38.70
N VAL A 529 -16.61 6.66 -38.66
CA VAL A 529 -15.93 7.18 -39.84
C VAL A 529 -14.51 6.65 -39.82
N SER A 530 -13.90 6.57 -41.01
CA SER A 530 -12.58 5.98 -41.14
C SER A 530 -11.46 6.98 -41.36
N ASP A 531 -11.77 8.14 -41.94
CA ASP A 531 -10.75 9.10 -42.36
C ASP A 531 -11.04 10.48 -41.78
N LEU A 532 -11.32 10.53 -40.48
CA LEU A 532 -11.56 11.80 -39.81
C LEU A 532 -10.29 12.62 -39.76
N VAL A 533 -10.36 13.85 -40.24
CA VAL A 533 -9.18 14.70 -40.34
C VAL A 533 -9.18 15.85 -39.34
N ASP A 534 -10.34 16.35 -38.92
CA ASP A 534 -10.41 17.45 -37.97
C ASP A 534 -11.76 17.45 -37.29
N LEU A 535 -11.85 18.20 -36.20
CA LEU A 535 -13.03 18.20 -35.31
C LEU A 535 -13.90 19.43 -35.49
N SER A 536 -14.13 19.88 -36.74
CA SER A 536 -14.98 21.04 -36.97
C SER A 536 -16.44 20.78 -36.60
N PHE A 537 -16.89 19.52 -36.68
CA PHE A 537 -18.25 19.16 -36.28
C PHE A 537 -18.51 19.46 -34.82
N TRP A 538 -17.46 19.51 -34.00
CA TRP A 538 -17.58 19.80 -32.59
C TRP A 538 -18.05 21.23 -32.36
N THR A 539 -17.78 22.12 -33.31
CA THR A 539 -18.16 23.53 -33.17
C THR A 539 -19.40 23.88 -33.99
N ARG A 540 -20.11 22.88 -34.52
CA ARG A 540 -21.32 23.14 -35.29
C ARG A 540 -22.44 23.61 -34.36
N LYS A 541 -23.37 24.36 -34.92
CA LYS A 541 -24.52 24.84 -34.16
C LYS A 541 -25.68 23.86 -34.31
N VAL A 542 -26.34 23.54 -33.20
CA VAL A 542 -27.43 22.58 -33.21
C VAL A 542 -28.77 23.29 -33.25
N LYS A 543 -29.05 24.08 -32.21
CA LYS A 543 -30.32 24.80 -32.12
C LYS A 543 -30.10 26.07 -31.34
N GLY A 544 -30.41 27.20 -31.95
CA GLY A 544 -30.14 28.48 -31.31
C GLY A 544 -28.65 28.78 -31.30
N GLN A 545 -28.16 29.24 -30.15
CA GLN A 545 -26.74 29.51 -29.98
C GLN A 545 -26.02 28.37 -29.26
N SER A 546 -26.66 27.22 -29.14
CA SER A 546 -26.09 26.08 -28.44
C SER A 546 -25.41 25.16 -29.45
N THR A 547 -24.13 24.89 -29.22
CA THR A 547 -23.32 24.11 -30.14
C THR A 547 -23.43 22.62 -29.83
N VAL A 548 -22.68 21.81 -30.58
CA VAL A 548 -22.52 20.40 -30.24
C VAL A 548 -21.81 20.27 -28.90
N ARG A 549 -20.86 21.16 -28.63
CA ARG A 549 -20.12 21.16 -27.37
C ARG A 549 -21.05 21.33 -26.17
N SER A 550 -21.97 22.30 -26.25
CA SER A 550 -22.81 22.62 -25.10
C SER A 550 -23.75 21.47 -24.76
N LEU A 551 -24.38 20.88 -25.79
CA LEU A 551 -25.28 19.77 -25.53
C LEU A 551 -24.54 18.52 -25.09
N CYS A 552 -23.34 18.27 -25.62
CA CYS A 552 -22.59 17.11 -25.15
C CYS A 552 -22.07 17.30 -23.72
N THR A 553 -21.70 18.53 -23.35
CA THR A 553 -21.31 18.80 -21.96
C THR A 553 -22.49 18.61 -21.03
N ALA A 554 -23.68 19.07 -21.43
CA ALA A 554 -24.87 18.83 -20.62
C ALA A 554 -25.21 17.35 -20.50
N ILE A 555 -25.01 16.61 -21.60
CA ILE A 555 -25.29 15.18 -21.61
C ILE A 555 -24.34 14.44 -20.66
N GLU A 556 -23.05 14.77 -20.70
CA GLU A 556 -22.11 14.11 -19.80
C GLU A 556 -22.32 14.54 -18.36
N LYS A 557 -22.71 15.80 -18.14
CA LYS A 557 -23.01 16.25 -16.78
C LYS A 557 -24.19 15.48 -16.19
N THR A 558 -25.25 15.28 -16.98
CA THR A 558 -26.37 14.47 -16.51
C THR A 558 -25.98 13.01 -16.31
N ARG A 559 -25.20 12.45 -17.23
CA ARG A 559 -24.82 11.05 -17.12
C ARG A 559 -23.95 10.80 -15.89
N LYS A 560 -23.04 11.73 -15.59
CA LYS A 560 -22.20 11.56 -14.41
C LYS A 560 -22.95 11.89 -13.13
N GLU A 561 -23.97 12.73 -13.18
CA GLU A 561 -24.83 12.93 -12.02
C GLU A 561 -25.59 11.66 -11.68
N TYR A 562 -26.09 10.95 -12.68
CA TYR A 562 -26.85 9.74 -12.41
C TYR A 562 -26.00 8.48 -12.25
N GLY A 563 -24.74 8.50 -12.67
CA GLY A 563 -23.86 7.39 -12.38
C GLY A 563 -24.17 6.14 -13.18
N ASN A 564 -23.95 4.98 -12.54
CA ASN A 564 -24.16 3.69 -13.18
C ASN A 564 -25.63 3.36 -13.38
N SER A 565 -26.54 4.06 -12.71
CA SER A 565 -27.97 3.83 -12.86
C SER A 565 -28.58 4.68 -13.98
N PHE A 566 -27.74 5.43 -14.70
CA PHE A 566 -28.26 6.33 -15.73
C PHE A 566 -28.93 5.58 -16.86
N ASN A 567 -28.33 4.47 -17.30
CA ASN A 567 -28.92 3.72 -18.40
C ASN A 567 -30.25 3.12 -18.00
N TYR A 568 -30.36 2.63 -16.75
CA TYR A 568 -31.60 2.02 -16.30
C TYR A 568 -32.72 3.06 -16.20
N LEU A 569 -32.45 4.20 -15.56
CA LEU A 569 -33.50 5.23 -15.47
C LEU A 569 -33.83 5.83 -16.83
N TYR A 570 -32.83 6.02 -17.69
CA TYR A 570 -33.05 6.58 -19.02
C TYR A 570 -33.91 5.64 -19.86
N GLN A 571 -33.56 4.36 -19.88
CA GLN A 571 -34.31 3.38 -20.67
C GLN A 571 -35.70 3.16 -20.09
N ARG A 572 -35.86 3.24 -18.77
CA ARG A 572 -37.19 3.17 -18.17
C ARG A 572 -38.03 4.37 -18.59
N ALA A 573 -37.41 5.56 -18.67
CA ALA A 573 -38.13 6.75 -19.10
C ALA A 573 -38.58 6.63 -20.56
N LEU A 574 -37.71 6.14 -21.43
CA LEU A 574 -38.11 5.87 -22.81
C LEU A 574 -39.20 4.81 -22.91
N TYR A 575 -39.14 3.77 -22.07
CA TYR A 575 -40.18 2.75 -22.13
C TYR A 575 -41.52 3.30 -21.67
N LEU A 576 -41.51 4.13 -20.61
CA LEU A 576 -42.74 4.72 -20.11
C LEU A 576 -43.31 5.72 -21.10
N GLN A 577 -42.45 6.49 -21.77
CA GLN A 577 -42.93 7.44 -22.78
C GLN A 577 -43.41 6.71 -24.04
N SER A 578 -42.86 5.54 -24.32
CA SER A 578 -43.28 4.77 -25.48
C SER A 578 -44.66 4.15 -25.26
N LYS A 579 -44.93 3.68 -24.05
CA LYS A 579 -46.20 3.02 -23.74
C LYS A 579 -47.31 4.02 -23.41
N GLY A 580 -47.01 5.32 -23.40
CA GLY A 580 -48.01 6.33 -23.12
C GLY A 580 -48.29 6.58 -21.67
N LYS A 581 -47.58 5.92 -20.75
CA LYS A 581 -47.79 6.15 -19.33
C LYS A 581 -47.27 7.53 -18.93
N LYS A 582 -47.78 8.04 -17.82
CA LYS A 582 -47.42 9.38 -17.36
C LYS A 582 -45.97 9.42 -16.89
N LEU A 583 -45.33 10.56 -17.11
CA LEU A 583 -43.92 10.75 -16.83
C LEU A 583 -43.76 11.73 -15.68
N SER A 584 -42.81 11.43 -14.80
CA SER A 584 -42.45 12.34 -13.72
C SER A 584 -41.51 13.42 -14.26
N ALA A 585 -41.00 14.27 -13.38
CA ALA A 585 -40.07 15.32 -13.81
C ALA A 585 -38.75 14.73 -14.29
N GLU A 586 -38.27 13.68 -13.61
CA GLU A 586 -37.00 13.06 -13.99
C GLU A 586 -37.10 12.38 -15.34
N ASP A 587 -38.19 11.63 -15.57
CA ASP A 587 -38.38 10.98 -16.87
C ASP A 587 -38.61 12.00 -17.98
N LYS A 588 -39.28 13.12 -17.67
CA LYS A 588 -39.42 14.18 -18.66
C LYS A 588 -38.07 14.81 -18.99
N ASP A 589 -37.19 14.93 -17.99
CA ASP A 589 -35.82 15.38 -18.25
C ASP A 589 -35.08 14.40 -19.15
N PHE A 590 -35.30 13.10 -18.96
CA PHE A 590 -34.70 12.10 -19.83
C PHE A 590 -35.24 12.18 -21.25
N ILE A 591 -36.53 12.50 -21.41
CA ILE A 591 -37.10 12.66 -22.75
C ILE A 591 -36.51 13.90 -23.43
N LYS A 592 -36.30 14.97 -22.67
CA LYS A 592 -35.59 16.13 -23.21
C LYS A 592 -34.17 15.76 -23.63
N LEU A 593 -33.52 14.91 -22.84
CA LEU A 593 -32.17 14.46 -23.19
C LEU A 593 -32.17 13.60 -24.46
N GLN A 594 -33.22 12.80 -24.65
CA GLN A 594 -33.35 12.03 -25.90
C GLN A 594 -33.52 12.96 -27.09
N SER A 595 -34.32 14.03 -26.92
CA SER A 595 -34.44 15.01 -28.00
C SER A 595 -33.09 15.66 -28.30
N ASN A 596 -32.31 15.94 -27.26
CA ASN A 596 -30.97 16.50 -27.46
C ASN A 596 -30.05 15.54 -28.19
N VAL A 597 -30.08 14.24 -27.84
CA VAL A 597 -29.15 13.32 -28.49
C VAL A 597 -29.56 13.12 -29.95
N LEU A 598 -30.87 13.15 -30.25
CA LEU A 598 -31.30 13.07 -31.64
C LEU A 598 -30.86 14.29 -32.43
N LEU A 599 -30.99 15.49 -31.84
CA LEU A 599 -30.57 16.70 -32.52
C LEU A 599 -29.06 16.72 -32.79
N VAL A 600 -28.25 16.35 -31.78
CA VAL A 600 -26.80 16.36 -31.96
C VAL A 600 -26.37 15.29 -32.94
N SER A 601 -27.01 14.12 -32.92
CA SER A 601 -26.68 13.07 -33.88
C SER A 601 -26.99 13.52 -35.30
N ASP A 602 -28.14 14.19 -35.51
CA ASP A 602 -28.47 14.69 -36.84
C ASP A 602 -27.49 15.76 -37.30
N VAL A 603 -27.12 16.69 -36.42
CA VAL A 603 -26.20 17.75 -36.82
C VAL A 603 -24.80 17.20 -37.10
N ILE A 604 -24.35 16.23 -36.31
CA ILE A 604 -23.04 15.62 -36.57
C ILE A 604 -23.06 14.83 -37.86
N ALA A 605 -24.10 14.01 -38.08
CA ALA A 605 -24.17 13.19 -39.28
C ALA A 605 -24.33 14.03 -40.54
N GLU A 606 -24.87 15.24 -40.43
CA GLU A 606 -24.86 16.14 -41.57
C GLU A 606 -23.55 16.91 -41.69
N ALA A 607 -22.82 17.09 -40.58
CA ALA A 607 -21.60 17.88 -40.60
C ALA A 607 -20.49 17.19 -41.38
N LEU A 608 -20.24 15.91 -41.10
CA LEU A 608 -19.19 15.17 -41.79
C LEU A 608 -19.73 14.02 -42.62
N ASP A 609 -21.01 14.09 -42.99
CA ASP A 609 -21.66 13.18 -43.94
C ASP A 609 -21.61 11.72 -43.47
N ILE A 610 -22.25 11.48 -42.33
CA ILE A 610 -22.47 10.14 -41.81
C ILE A 610 -23.86 9.70 -42.20
N LYS A 611 -23.97 8.51 -42.81
CA LYS A 611 -25.24 8.02 -43.30
C LYS A 611 -26.13 7.58 -42.13
N GLU A 612 -27.36 7.19 -42.47
CA GLU A 612 -28.39 6.96 -41.45
C GLU A 612 -28.08 5.74 -40.59
N GLU A 613 -27.71 4.62 -41.21
CA GLU A 613 -27.44 3.40 -40.46
C GLU A 613 -26.17 3.52 -39.64
N GLN A 614 -25.24 4.36 -40.05
CA GLN A 614 -24.10 4.69 -39.19
C GLN A 614 -24.43 5.79 -38.19
N LYS A 615 -25.42 6.64 -38.47
CA LYS A 615 -25.84 7.63 -37.48
C LYS A 615 -26.53 6.97 -36.29
N LYS A 616 -27.21 5.85 -36.52
CA LYS A 616 -27.88 5.16 -35.44
C LYS A 616 -26.92 4.49 -34.46
N LYS A 617 -25.63 4.39 -34.79
CA LYS A 617 -24.65 3.75 -33.93
C LYS A 617 -24.02 4.72 -32.93
N PHE A 618 -24.33 6.02 -33.01
CA PHE A 618 -23.87 6.96 -31.99
C PHE A 618 -24.96 7.93 -31.58
N ALA A 619 -26.22 7.64 -31.88
CA ALA A 619 -27.34 8.50 -31.47
C ALA A 619 -27.85 8.11 -30.08
N ASN A 620 -26.94 8.09 -29.11
CA ASN A 620 -27.23 7.72 -27.74
C ASN A 620 -26.46 8.65 -26.82
N PRO A 621 -26.91 8.84 -25.58
CA PRO A 621 -26.19 9.74 -24.66
C PRO A 621 -24.77 9.29 -24.33
N PHE A 622 -24.51 7.98 -24.35
CA PHE A 622 -23.21 7.49 -23.92
C PHE A 622 -22.12 7.83 -24.92
N SER A 623 -22.41 7.67 -26.22
CA SER A 623 -21.42 7.98 -27.25
C SER A 623 -21.13 9.48 -27.30
N LEU A 624 -22.16 10.30 -27.10
CA LEU A 624 -21.98 11.76 -27.08
C LEU A 624 -21.19 12.18 -25.84
N ALA A 625 -21.48 11.56 -24.70
CA ALA A 625 -20.74 11.85 -23.47
C ALA A 625 -19.27 11.48 -23.61
N GLN A 626 -18.97 10.32 -24.20
CA GLN A 626 -17.56 9.98 -24.37
C GLN A 626 -16.91 10.74 -25.51
N LEU A 627 -17.68 11.26 -26.46
CA LEU A 627 -17.15 12.26 -27.40
C LEU A 627 -16.64 13.48 -26.65
N TYR A 628 -17.45 13.99 -25.72
CA TYR A 628 -17.00 15.11 -24.90
C TYR A 628 -15.78 14.74 -24.07
N ASN A 629 -15.78 13.53 -23.50
CA ASN A 629 -14.68 13.11 -22.65
C ASN A 629 -13.37 12.99 -23.42
N ILE A 630 -13.43 12.50 -24.66
CA ILE A 630 -12.22 12.40 -25.47
C ILE A 630 -11.76 13.78 -25.94
N ILE A 631 -12.67 14.56 -26.50
CA ILE A 631 -12.26 15.80 -27.16
C ILE A 631 -11.79 16.84 -26.15
N GLU A 632 -12.48 16.95 -25.01
CA GLU A 632 -12.28 18.09 -24.13
C GLU A 632 -11.42 17.77 -22.90
N THR A 633 -11.67 16.66 -22.21
CA THR A 633 -10.90 16.36 -21.00
C THR A 633 -9.45 16.01 -21.35
N GLU A 634 -8.54 16.36 -20.43
CA GLU A 634 -7.13 16.18 -20.67
C GLU A 634 -6.74 14.71 -20.53
N LYS A 635 -5.63 14.36 -21.18
CA LYS A 635 -5.15 12.98 -21.17
C LYS A 635 -4.64 12.59 -19.79
N SER A 636 -4.95 11.36 -19.39
CA SER A 636 -4.60 10.87 -18.07
C SER A 636 -4.10 9.44 -18.13
N GLY A 637 -3.39 9.09 -19.19
CA GLY A 637 -2.78 7.78 -19.26
C GLY A 637 -2.63 7.30 -20.68
N PHE A 638 -2.05 6.11 -20.79
CA PHE A 638 -1.70 5.53 -22.08
C PHE A 638 -2.89 4.77 -22.66
N ILE A 639 -2.99 4.77 -23.97
CA ILE A 639 -3.99 3.96 -24.66
C ILE A 639 -3.54 2.51 -24.63
N SER A 640 -4.46 1.60 -24.93
CA SER A 640 -4.18 0.18 -24.69
C SER A 640 -3.19 -0.38 -25.70
N THR A 641 -3.30 0.02 -26.96
CA THR A 641 -2.49 -0.53 -28.04
C THR A 641 -1.75 0.59 -28.76
N THR A 642 -0.82 0.22 -29.63
CA THR A 642 -0.10 1.20 -30.42
C THR A 642 -0.99 1.73 -31.54
N LEU A 643 -0.51 2.78 -32.20
CA LEU A 643 -1.28 3.38 -33.28
C LEU A 643 -1.35 2.50 -34.51
N ALA A 644 -0.37 1.61 -34.70
CA ALA A 644 -0.47 0.60 -35.75
C ALA A 644 -1.64 -0.34 -35.49
N ALA A 645 -1.80 -0.78 -34.23
CA ALA A 645 -2.90 -1.67 -33.89
C ALA A 645 -4.23 -0.92 -33.92
N VAL A 646 -4.24 0.35 -33.52
CA VAL A 646 -5.45 1.15 -33.58
C VAL A 646 -5.92 1.32 -35.02
N ASP A 647 -4.98 1.65 -35.92
CA ASP A 647 -5.31 1.81 -37.32
C ASP A 647 -5.72 0.49 -37.97
N GLU A 648 -5.04 -0.60 -37.61
CA GLU A 648 -5.38 -1.91 -38.15
C GLU A 648 -6.77 -2.35 -37.71
N ASN A 649 -7.09 -2.17 -36.42
CA ASN A 649 -8.42 -2.50 -35.92
C ASN A 649 -9.48 -1.60 -36.53
N ALA A 650 -9.15 -0.34 -36.79
CA ALA A 650 -10.10 0.56 -37.46
C ALA A 650 -10.37 0.11 -38.89
N TRP A 651 -9.35 -0.38 -39.58
CA TRP A 651 -9.55 -0.94 -40.92
C TRP A 651 -10.42 -2.18 -40.86
N ARG A 652 -10.08 -3.10 -39.95
CA ARG A 652 -10.76 -4.39 -39.86
C ARG A 652 -12.23 -4.23 -39.48
N ASN A 653 -12.51 -3.36 -38.50
CA ASN A 653 -13.90 -3.18 -38.07
C ASN A 653 -14.75 -2.46 -39.10
N ASN A 654 -14.14 -1.59 -39.92
CA ASN A 654 -14.80 -0.80 -40.96
C ASN A 654 -16.12 -0.17 -40.52
N LEU A 655 -16.05 0.70 -39.52
CA LEU A 655 -17.27 1.17 -38.85
C LEU A 655 -18.14 2.05 -39.74
N GLN A 656 -17.59 2.61 -40.82
CA GLN A 656 -18.41 3.34 -41.78
C GLN A 656 -19.19 2.43 -42.71
N GLY A 657 -18.93 1.13 -42.68
CA GLY A 657 -19.66 0.19 -43.51
C GLY A 657 -19.85 -1.14 -42.81
N LYS A 658 -19.58 -2.22 -43.53
CA LYS A 658 -19.68 -3.56 -42.98
C LYS A 658 -18.27 -4.03 -42.64
N ALA A 659 -18.15 -4.77 -41.52
CA ALA A 659 -16.85 -5.16 -41.01
C ALA A 659 -16.09 -6.05 -41.98
N ARG A 660 -14.82 -5.68 -42.21
CA ARG A 660 -13.99 -6.36 -43.19
C ARG A 660 -13.34 -7.61 -42.60
N CYS A 661 -12.81 -7.49 -41.38
CA CYS A 661 -12.08 -8.57 -40.75
C CYS A 661 -12.38 -8.56 -39.25
N VAL A 662 -11.96 -9.63 -38.59
CA VAL A 662 -12.08 -9.71 -37.14
C VAL A 662 -10.96 -8.90 -36.50
N GLN A 663 -11.25 -8.31 -35.35
CA GLN A 663 -10.30 -7.45 -34.67
C GLN A 663 -9.10 -8.25 -34.15
N LEU A 664 -7.99 -7.54 -33.95
CA LEU A 664 -6.74 -8.19 -33.54
C LEU A 664 -6.85 -8.77 -32.14
N CYS A 665 -6.17 -9.88 -31.93
CA CYS A 665 -6.16 -10.51 -30.62
C CYS A 665 -4.97 -10.01 -29.81
N ALA A 666 -5.09 -10.14 -28.49
CA ALA A 666 -4.06 -9.68 -27.58
C ALA A 666 -3.88 -10.69 -26.46
N ASP A 667 -2.68 -10.70 -25.88
CA ASP A 667 -2.43 -11.45 -24.67
C ASP A 667 -3.23 -10.82 -23.54
N THR A 668 -4.29 -11.51 -23.09
CA THR A 668 -5.24 -10.90 -22.18
C THR A 668 -4.73 -10.77 -20.75
N VAL A 669 -3.60 -11.40 -20.43
CA VAL A 669 -3.06 -11.36 -19.07
C VAL A 669 -2.33 -10.02 -18.91
N ARG A 670 -3.03 -9.04 -18.33
CA ARG A 670 -2.40 -7.77 -18.00
C ARG A 670 -1.58 -7.93 -16.72
N PRO A 671 -0.48 -7.20 -16.58
CA PRO A 671 0.39 -7.37 -15.41
C PRO A 671 -0.19 -6.74 -14.16
N PHE A 672 0.00 -7.44 -13.03
CA PHE A 672 -0.43 -7.00 -11.71
C PHE A 672 0.72 -6.45 -10.88
N ASP A 673 1.57 -5.62 -11.47
CA ASP A 673 2.78 -5.14 -10.79
C ASP A 673 2.45 -4.35 -9.55
N GLY A 674 2.68 -4.94 -8.38
CA GLY A 674 2.34 -4.29 -7.13
C GLY A 674 2.34 -5.27 -5.98
N ALA A 675 1.58 -4.91 -4.93
CA ALA A 675 1.38 -5.83 -3.81
C ALA A 675 0.52 -7.02 -4.23
N LEU A 676 -0.34 -6.82 -5.23
CA LEU A 676 -1.06 -7.94 -5.81
C LEU A 676 -0.11 -8.94 -6.45
N ARG A 677 0.95 -8.44 -7.12
CA ARG A 677 1.98 -9.33 -7.63
C ARG A 677 2.59 -10.14 -6.51
N ASN A 678 2.85 -9.51 -5.36
CA ASN A 678 3.52 -10.19 -4.25
C ASN A 678 2.65 -11.28 -3.67
N ILE A 679 1.38 -10.97 -3.36
CA ILE A 679 0.48 -11.96 -2.76
C ILE A 679 0.23 -13.12 -3.73
N LEU A 680 -0.05 -12.81 -5.00
CA LEU A 680 -0.36 -13.89 -5.94
C LEU A 680 0.89 -14.64 -6.38
N ASP A 681 2.04 -13.97 -6.33
CA ASP A 681 3.33 -14.57 -6.58
C ASP A 681 3.64 -15.63 -5.52
N ARG A 682 3.47 -15.28 -4.24
CA ARG A 682 3.73 -16.24 -3.18
C ARG A 682 2.72 -17.37 -3.21
N GLN A 683 1.45 -17.07 -3.48
CA GLN A 683 0.44 -18.12 -3.58
C GLN A 683 0.76 -19.08 -4.73
N ALA A 684 1.12 -18.54 -5.89
CA ALA A 684 1.41 -19.37 -7.05
C ALA A 684 2.67 -20.19 -6.84
N TYR A 685 3.67 -19.64 -6.15
CA TYR A 685 4.87 -20.44 -5.89
C TYR A 685 4.59 -21.55 -4.90
N GLU A 686 3.79 -21.30 -3.86
CA GLU A 686 3.48 -22.35 -2.91
C GLU A 686 2.68 -23.46 -3.57
N ILE A 687 1.71 -23.10 -4.42
CA ILE A 687 0.91 -24.10 -5.10
C ILE A 687 1.75 -24.85 -6.14
N ALA A 688 2.68 -24.16 -6.80
CA ALA A 688 3.58 -24.84 -7.72
C ALA A 688 4.53 -25.78 -6.99
N LYS A 689 4.90 -25.46 -5.75
CA LYS A 689 5.70 -26.39 -4.96
C LYS A 689 4.90 -27.63 -4.59
N LEU A 690 3.65 -27.44 -4.14
CA LEU A 690 2.80 -28.59 -3.81
C LEU A 690 2.59 -29.48 -5.03
N LYS A 691 2.34 -28.87 -6.19
CA LYS A 691 2.16 -29.66 -7.40
C LYS A 691 3.48 -30.27 -7.87
N ALA A 692 4.61 -29.62 -7.59
CA ALA A 692 5.91 -30.12 -8.02
C ALA A 692 6.26 -31.40 -7.29
N GLU A 693 6.38 -31.34 -5.95
CA GLU A 693 6.60 -32.59 -5.22
C GLU A 693 5.31 -33.30 -4.85
N GLU A 694 4.24 -33.09 -5.60
CA GLU A 694 3.23 -34.12 -5.81
C GLU A 694 3.46 -34.88 -7.10
N LEU A 695 3.92 -34.21 -8.16
CA LEU A 695 4.21 -34.89 -9.42
C LEU A 695 5.45 -35.77 -9.32
N LEU A 696 6.54 -35.23 -8.76
CA LEU A 696 7.78 -35.98 -8.74
C LEU A 696 7.82 -37.03 -7.64
N SER A 697 6.88 -37.00 -6.69
CA SER A 697 6.74 -38.13 -5.78
C SER A 697 6.28 -39.38 -6.52
N THR A 698 5.45 -39.21 -7.53
CA THR A 698 5.09 -40.31 -8.41
C THR A 698 6.28 -40.68 -9.31
N GLU A 699 6.25 -41.90 -9.82
CA GLU A 699 7.33 -42.44 -10.64
C GLU A 699 6.75 -42.79 -12.01
N LEU A 700 7.13 -42.02 -13.03
CA LEU A 700 6.70 -42.28 -14.40
C LEU A 700 7.67 -41.60 -15.35
N LYS A 701 7.87 -42.21 -16.52
CA LYS A 701 8.81 -41.70 -17.51
C LYS A 701 8.12 -41.59 -18.87
N ASN A 702 8.71 -40.72 -19.69
CA ASN A 702 8.47 -40.51 -21.14
C ASN A 702 7.00 -40.69 -21.56
N GLN A 703 6.12 -40.00 -20.85
CA GLN A 703 4.72 -39.88 -21.26
C GLN A 703 4.23 -38.48 -20.95
N THR A 704 3.25 -38.03 -21.72
CA THR A 704 2.71 -36.69 -21.57
C THR A 704 1.76 -36.64 -20.39
N ILE A 705 2.01 -35.71 -19.47
CA ILE A 705 1.12 -35.45 -18.35
C ILE A 705 0.40 -34.14 -18.65
N ASP A 706 -0.91 -34.22 -18.89
CA ASP A 706 -1.66 -32.98 -19.05
C ASP A 706 -2.21 -32.49 -17.71
N LEU A 707 -1.97 -31.21 -17.43
CA LEU A 707 -2.15 -30.65 -16.10
C LEU A 707 -3.17 -29.52 -16.21
N VAL A 708 -4.40 -29.80 -15.81
CA VAL A 708 -5.49 -28.84 -15.97
C VAL A 708 -5.63 -28.04 -14.67
N VAL A 709 -5.73 -26.72 -14.81
CA VAL A 709 -5.86 -25.80 -13.70
C VAL A 709 -7.28 -25.28 -13.67
N LEU A 710 -7.90 -25.35 -12.49
CA LEU A 710 -9.31 -25.04 -12.29
C LEU A 710 -9.38 -23.84 -11.35
N LEU A 711 -10.07 -22.79 -11.79
CA LEU A 711 -10.17 -21.57 -11.02
C LEU A 711 -11.64 -21.16 -10.92
N GLU A 712 -11.95 -20.38 -9.90
CA GLU A 712 -13.30 -19.92 -9.64
C GLU A 712 -13.39 -18.43 -9.96
N SER A 713 -14.38 -18.05 -10.76
CA SER A 713 -14.52 -16.68 -11.24
C SER A 713 -15.01 -15.79 -10.11
N ASN A 714 -14.10 -15.02 -9.50
CA ASN A 714 -14.47 -14.03 -8.50
C ASN A 714 -14.56 -12.67 -9.17
N GLN A 715 -15.79 -12.20 -9.35
CA GLN A 715 -16.07 -10.87 -9.91
C GLN A 715 -16.85 -10.10 -8.87
N PHE A 716 -16.21 -9.11 -8.25
CA PHE A 716 -16.81 -8.33 -7.19
C PHE A 716 -17.08 -6.91 -7.67
N ALA A 717 -18.26 -6.39 -7.32
CA ALA A 717 -18.67 -5.07 -7.75
C ALA A 717 -18.28 -4.04 -6.69
N PHE A 718 -17.46 -3.07 -7.08
CA PHE A 718 -17.13 -1.96 -6.20
C PHE A 718 -17.91 -0.71 -6.52
N SER A 719 -18.49 -0.61 -7.71
CA SER A 719 -19.45 0.42 -8.07
C SER A 719 -20.78 -0.24 -8.37
N ALA A 720 -21.77 0.60 -8.67
CA ALA A 720 -23.17 0.18 -8.65
C ALA A 720 -23.48 -0.85 -9.74
N SER A 721 -24.13 -1.93 -9.34
CA SER A 721 -24.53 -3.00 -10.26
C SER A 721 -25.93 -2.74 -10.80
N LEU A 722 -26.22 -3.34 -11.96
CA LEU A 722 -27.55 -3.25 -12.55
C LEU A 722 -28.59 -3.94 -11.68
N ALA A 723 -28.27 -5.14 -11.20
CA ALA A 723 -29.16 -5.91 -10.35
C ALA A 723 -29.43 -5.25 -9.01
N GLU A 724 -28.63 -4.27 -8.62
CA GLU A 724 -28.83 -3.55 -7.37
C GLU A 724 -29.39 -2.15 -7.57
N VAL A 725 -29.07 -1.47 -8.69
CA VAL A 725 -29.75 -0.21 -8.98
C VAL A 725 -31.18 -0.43 -9.44
N LYS A 726 -31.51 -1.64 -9.92
CA LYS A 726 -32.90 -1.94 -10.23
C LYS A 726 -33.75 -1.96 -8.96
N LYS A 727 -33.19 -2.48 -7.87
CA LYS A 727 -33.89 -2.51 -6.60
C LYS A 727 -33.65 -1.28 -5.74
N SER A 728 -32.71 -0.41 -6.11
CA SER A 728 -32.45 0.80 -5.36
C SER A 728 -33.03 2.06 -5.98
N ALA A 729 -33.67 1.96 -7.14
CA ALA A 729 -34.25 3.13 -7.78
C ALA A 729 -35.77 3.18 -7.69
N ASN A 730 -36.42 2.10 -7.28
CA ASN A 730 -37.88 2.07 -7.18
C ASN A 730 -38.38 2.73 -5.90
N LEU A 750 -19.54 16.05 -8.08
CA LEU A 750 -18.62 16.10 -6.94
C LEU A 750 -17.68 14.91 -6.92
N SER A 751 -16.38 15.17 -7.04
CA SER A 751 -15.38 14.12 -6.94
C SER A 751 -15.29 13.63 -5.50
N LYS A 752 -14.51 12.56 -5.29
CA LYS A 752 -14.44 11.92 -3.98
C LYS A 752 -13.84 12.86 -2.94
N ASP A 753 -12.80 13.62 -3.30
CA ASP A 753 -12.22 14.59 -2.39
C ASP A 753 -13.23 15.67 -2.03
N GLU A 754 -13.96 16.19 -3.03
CA GLU A 754 -14.98 17.19 -2.75
C GLU A 754 -16.18 16.59 -2.02
N ARG A 755 -16.47 15.32 -2.25
CA ARG A 755 -17.57 14.66 -1.56
C ARG A 755 -17.28 14.52 -0.08
N ILE A 756 -16.06 14.08 0.26
CA ILE A 756 -15.65 13.98 1.66
C ILE A 756 -15.56 15.37 2.29
N LYS A 757 -15.12 16.37 1.52
CA LYS A 757 -15.06 17.74 2.03
C LYS A 757 -16.44 18.29 2.35
N SER A 758 -17.42 18.06 1.47
CA SER A 758 -18.77 18.55 1.70
C SER A 758 -19.53 17.72 2.72
N ALA A 759 -19.05 16.52 3.05
CA ALA A 759 -19.74 15.72 4.05
C ALA A 759 -19.58 16.25 5.48
N SER A 760 -18.57 17.08 5.74
CA SER A 760 -18.36 17.64 7.07
C SER A 760 -19.10 18.96 7.29
N ARG A 761 -19.78 19.46 6.26
CA ARG A 761 -20.68 20.63 6.33
C ARG A 761 -19.97 21.89 6.81
N GLY A 762 -18.70 22.05 6.48
CA GLY A 762 -17.97 23.25 6.83
C GLY A 762 -17.54 23.36 8.27
N LEU A 763 -17.77 22.32 9.08
CA LEU A 763 -17.36 22.29 10.47
C LEU A 763 -16.40 21.14 10.69
N CYS A 764 -15.34 21.40 11.45
CA CYS A 764 -14.43 20.33 11.83
C CYS A 764 -15.16 19.38 12.79
N PRO A 765 -15.21 18.09 12.49
CA PRO A 765 -15.93 17.15 13.36
C PRO A 765 -15.35 17.03 14.76
N TYR A 766 -14.04 17.17 14.91
CA TYR A 766 -13.39 16.86 16.18
C TYR A 766 -13.25 18.09 17.08
N THR A 767 -13.23 19.29 16.52
CA THR A 767 -13.09 20.51 17.30
C THR A 767 -14.28 21.46 17.19
N GLY A 768 -15.12 21.31 16.17
CA GLY A 768 -16.25 22.21 16.00
C GLY A 768 -15.93 23.53 15.35
N LYS A 769 -14.70 23.72 14.90
CA LYS A 769 -14.32 24.97 14.28
C LYS A 769 -14.79 25.00 12.84
N ASN A 770 -15.01 26.21 12.32
CA ASN A 770 -15.33 26.35 10.90
C ASN A 770 -14.12 25.93 10.07
N LEU A 771 -14.36 25.05 9.09
CA LEU A 771 -13.28 24.29 8.49
C LEU A 771 -12.77 24.90 7.18
N GLY A 772 -13.62 25.00 6.16
CA GLY A 772 -13.20 25.64 4.92
C GLY A 772 -12.42 24.69 4.04
N ASP A 773 -11.26 25.14 3.55
CA ASP A 773 -10.55 24.41 2.51
C ASP A 773 -9.12 24.02 2.88
N LYS A 774 -8.53 24.61 3.92
CA LYS A 774 -7.19 24.20 4.35
C LYS A 774 -7.25 23.16 5.46
N GLY A 775 -7.99 22.07 5.22
CA GLY A 775 -8.09 20.98 6.15
C GLY A 775 -7.39 19.73 5.64
N GLU A 776 -7.55 18.66 6.40
CA GLU A 776 -6.91 17.38 6.11
C GLU A 776 -7.95 16.29 6.11
N VAL A 777 -7.75 15.29 5.26
CA VAL A 777 -8.63 14.14 5.19
C VAL A 777 -8.09 13.07 6.13
N ASP A 778 -8.85 12.78 7.18
CA ASP A 778 -8.45 11.90 8.26
C ASP A 778 -9.04 10.52 8.06
N HIS A 779 -8.21 9.50 8.26
CA HIS A 779 -8.69 8.12 8.36
C HIS A 779 -9.25 7.91 9.75
N ILE A 780 -10.54 7.57 9.85
CA ILE A 780 -11.15 7.34 11.15
C ILE A 780 -10.54 6.10 11.80
N ILE A 781 -10.49 5.00 11.06
CA ILE A 781 -9.66 3.87 11.45
C ILE A 781 -8.25 4.25 11.06
N PRO A 782 -7.32 4.39 12.02
CA PRO A 782 -6.04 5.06 11.74
C PRO A 782 -5.19 4.30 10.74
N ARG A 783 -4.33 5.05 10.06
CA ARG A 783 -3.49 4.50 9.00
C ARG A 783 -2.54 3.44 9.55
N SER A 784 -1.90 3.74 10.68
CA SER A 784 -0.93 2.81 11.26
C SER A 784 -1.62 1.57 11.82
N LEU A 785 -2.80 1.72 12.41
CA LEU A 785 -3.52 0.59 12.98
C LEU A 785 -3.92 -0.41 11.90
N SER A 786 -4.56 0.09 10.84
CA SER A 786 -4.97 -0.77 9.73
C SER A 786 -3.75 -1.37 9.03
N MET A 787 -2.67 -0.61 8.94
CA MET A 787 -1.43 -1.15 8.38
C MET A 787 -0.89 -2.27 9.27
N ASN A 788 -1.05 -2.15 10.59
CA ASN A 788 -0.51 -3.14 11.51
C ASN A 788 -1.28 -4.45 11.45
N TYR A 789 -2.61 -4.41 11.57
CA TYR A 789 -3.29 -5.72 11.59
C TYR A 789 -3.79 -6.14 10.22
N MET A 790 -3.60 -5.33 9.17
CA MET A 790 -4.14 -5.66 7.86
C MET A 790 -3.15 -5.45 6.72
N GLY A 791 -2.10 -4.66 6.91
CA GLY A 791 -1.17 -4.37 5.82
C GLY A 791 -1.80 -3.57 4.70
N SER A 792 -2.72 -2.69 5.03
CA SER A 792 -3.41 -1.88 4.03
C SER A 792 -3.92 -0.62 4.71
N ILE A 793 -4.13 0.42 3.91
CA ILE A 793 -4.74 1.66 4.35
C ILE A 793 -6.13 1.74 3.75
N LEU A 794 -7.13 1.95 4.59
CA LEU A 794 -8.53 1.94 4.17
C LEU A 794 -8.86 3.31 3.60
N ASN A 795 -8.71 3.45 2.28
CA ASN A 795 -8.99 4.70 1.59
C ASN A 795 -10.41 4.76 1.04
N SER A 796 -11.31 3.94 1.55
CA SER A 796 -12.72 4.05 1.19
C SER A 796 -13.29 5.35 1.75
N GLU A 797 -14.36 5.82 1.10
CA GLU A 797 -14.93 7.11 1.45
C GLU A 797 -15.53 7.11 2.86
N ALA A 798 -16.05 5.95 3.31
CA ALA A 798 -16.62 5.86 4.65
C ALA A 798 -15.56 6.01 5.73
N ASN A 799 -14.32 5.61 5.45
CA ASN A 799 -13.24 5.76 6.42
C ASN A 799 -12.66 7.16 6.46
N LEU A 800 -12.95 7.99 5.47
CA LEU A 800 -12.31 9.29 5.32
C LEU A 800 -13.28 10.38 5.76
N ILE A 801 -12.86 11.20 6.72
CA ILE A 801 -13.64 12.33 7.18
C ILE A 801 -12.78 13.58 7.05
N TYR A 802 -13.38 14.68 6.60
CA TYR A 802 -12.65 15.91 6.37
C TYR A 802 -12.63 16.73 7.66
N CYS A 803 -11.44 16.95 8.22
CA CYS A 803 -11.32 17.69 9.47
C CYS A 803 -10.24 18.74 9.34
N SER A 804 -9.89 19.38 10.46
CA SER A 804 -8.84 20.39 10.47
C SER A 804 -7.51 19.76 10.84
N GLN A 805 -6.48 20.60 11.02
CA GLN A 805 -5.21 20.09 11.52
C GLN A 805 -5.28 19.79 13.02
N GLU A 806 -6.12 20.52 13.76
CA GLU A 806 -6.27 20.25 15.19
C GLU A 806 -6.91 18.89 15.42
N GLY A 807 -7.99 18.59 14.69
CA GLY A 807 -8.62 17.30 14.85
C GLY A 807 -7.86 16.14 14.29
N ASN A 808 -6.85 16.40 13.47
CA ASN A 808 -6.07 15.32 12.87
C ASN A 808 -4.73 15.08 13.55
N GLN A 809 -4.12 16.11 14.13
CA GLN A 809 -2.83 15.92 14.79
C GLN A 809 -2.97 15.57 16.26
N LEU A 810 -4.09 15.94 16.90
CA LEU A 810 -4.42 15.38 18.21
C LEU A 810 -5.02 13.98 18.11
N LYS A 811 -5.55 13.60 16.96
CA LYS A 811 -6.01 12.23 16.75
C LYS A 811 -4.82 11.44 16.21
N LEU A 812 -4.10 10.79 17.11
CA LEU A 812 -3.00 9.90 16.75
C LEU A 812 -3.55 8.53 16.37
N ASN A 813 -2.68 7.52 16.37
CA ASN A 813 -3.06 6.14 16.15
C ASN A 813 -4.12 5.60 17.11
N GLY A 814 -4.38 6.29 18.23
CA GLY A 814 -5.39 5.82 19.16
C GLY A 814 -6.80 6.00 18.62
N ARG A 815 -7.71 5.19 19.17
CA ARG A 815 -9.10 5.21 18.77
C ARG A 815 -9.76 6.53 19.15
N LYS A 816 -10.85 6.85 18.46
CA LYS A 816 -11.65 8.01 18.82
C LYS A 816 -13.13 7.67 18.67
N LYS A 817 -13.89 7.90 19.74
CA LYS A 817 -15.27 7.48 19.83
C LYS A 817 -16.22 8.61 19.46
N LEU A 818 -17.52 8.36 19.64
CA LEU A 818 -18.54 9.35 19.31
C LEU A 818 -18.55 10.52 20.27
N SER A 819 -18.07 10.34 21.50
CA SER A 819 -18.11 11.40 22.50
C SER A 819 -17.05 12.48 22.25
N ASP A 820 -16.12 12.25 21.33
CA ASP A 820 -15.09 13.25 21.03
C ASP A 820 -15.51 14.20 19.93
N LEU A 821 -16.53 13.86 19.15
CA LEU A 821 -17.05 14.77 18.14
C LEU A 821 -17.74 15.95 18.80
N ALA A 822 -17.65 17.11 18.15
CA ALA A 822 -18.23 18.32 18.69
C ALA A 822 -19.75 18.27 18.64
N ASP A 823 -20.38 19.01 19.55
CA ASP A 823 -21.84 18.98 19.67
C ASP A 823 -22.51 19.68 18.50
N ASN A 824 -21.95 20.81 18.05
CA ASN A 824 -22.55 21.55 16.94
C ASN A 824 -22.45 20.77 15.64
N TYR A 825 -21.36 20.03 15.43
CA TYR A 825 -21.23 19.17 14.26
C TYR A 825 -22.29 18.08 14.27
N LEU A 826 -22.55 17.50 15.44
CA LEU A 826 -23.58 16.46 15.55
C LEU A 826 -24.98 17.05 15.35
N LYS A 827 -25.21 18.28 15.83
CA LYS A 827 -26.49 18.94 15.59
C LYS A 827 -26.69 19.23 14.10
N VAL A 828 -25.61 19.57 13.40
CA VAL A 828 -25.72 19.82 11.97
C VAL A 828 -25.96 18.51 11.21
N VAL A 829 -25.22 17.46 11.56
CA VAL A 829 -25.29 16.22 10.78
C VAL A 829 -26.54 15.43 11.11
N PHE A 830 -26.72 15.07 12.39
CA PHE A 830 -27.79 14.17 12.79
C PHE A 830 -29.03 14.89 13.32
N GLY A 831 -29.03 16.21 13.37
CA GLY A 831 -30.16 16.97 13.86
C GLY A 831 -30.16 17.26 15.34
N THR A 832 -29.41 16.49 16.12
CA THR A 832 -29.30 16.70 17.57
C THR A 832 -27.94 16.19 18.02
N ALA A 833 -27.55 16.61 19.22
CA ALA A 833 -26.24 16.26 19.77
C ALA A 833 -26.31 15.16 20.81
N ASP A 834 -27.42 14.45 20.93
CA ASP A 834 -27.56 13.40 21.92
C ASP A 834 -26.83 12.15 21.43
N ARG A 835 -25.79 11.75 22.16
CA ARG A 835 -24.93 10.66 21.70
C ARG A 835 -25.64 9.32 21.71
N GLY A 836 -26.52 9.09 22.69
CA GLY A 836 -27.28 7.85 22.70
C GLY A 836 -28.27 7.75 21.56
N THR A 837 -28.97 8.85 21.28
CA THR A 837 -29.91 8.87 20.15
C THR A 837 -29.17 8.70 18.83
N ILE A 838 -28.02 9.34 18.68
CA ILE A 838 -27.21 9.17 17.47
C ILE A 838 -26.71 7.74 17.35
N CYS A 839 -26.32 7.12 18.46
CA CYS A 839 -25.85 5.74 18.43
C CYS A 839 -26.96 4.79 18.00
N LYS A 840 -28.16 4.97 18.55
CA LYS A 840 -29.30 4.14 18.15
C LYS A 840 -29.68 4.38 16.70
N TYR A 841 -29.63 5.64 16.25
CA TYR A 841 -29.95 5.97 14.86
C TYR A 841 -28.96 5.32 13.91
N ILE A 842 -27.67 5.38 14.23
CA ILE A 842 -26.64 4.81 13.38
C ILE A 842 -26.77 3.29 13.34
N GLU A 843 -26.99 2.66 14.50
CA GLU A 843 -27.14 1.20 14.54
C GLU A 843 -28.37 0.75 13.75
N LYS A 844 -29.48 1.46 13.90
CA LYS A 844 -30.70 1.10 13.17
C LYS A 844 -30.56 1.33 11.68
N SER A 845 -29.94 2.44 11.27
CA SER A 845 -29.84 2.76 9.85
C SER A 845 -28.85 1.84 9.14
N VAL A 846 -27.71 1.55 9.78
CA VAL A 846 -26.74 0.63 9.19
C VAL A 846 -27.26 -0.80 9.21
N SER A 847 -28.10 -1.14 10.21
CA SER A 847 -28.64 -2.49 10.29
C SER A 847 -29.57 -2.81 9.12
N GLU A 848 -30.25 -1.81 8.56
CA GLU A 848 -31.10 -2.04 7.40
C GLU A 848 -30.34 -2.12 6.09
N LEU A 849 -29.09 -1.68 6.06
CA LEU A 849 -28.31 -1.72 4.83
C LEU A 849 -27.69 -3.10 4.63
N THR A 850 -27.65 -3.55 3.39
CA THR A 850 -27.00 -4.81 3.07
C THR A 850 -25.49 -4.59 2.94
N ASP A 851 -24.76 -5.70 2.83
CA ASP A 851 -23.30 -5.61 2.65
C ASP A 851 -22.96 -4.95 1.32
N ALA A 852 -23.65 -5.34 0.25
CA ALA A 852 -23.38 -4.76 -1.06
C ALA A 852 -23.75 -3.29 -1.11
N LYS A 853 -24.87 -2.91 -0.51
CA LYS A 853 -25.30 -1.52 -0.57
C LYS A 853 -24.39 -0.62 0.26
N ILE A 854 -23.71 -1.17 1.28
CA ILE A 854 -22.65 -0.42 1.96
C ILE A 854 -21.39 -0.35 1.10
N VAL A 855 -20.99 -1.47 0.47
CA VAL A 855 -19.79 -1.48 -0.35
C VAL A 855 -19.98 -0.60 -1.59
N GLN A 856 -21.11 -0.76 -2.28
CA GLN A 856 -21.52 0.21 -3.30
C GLN A 856 -22.02 1.47 -2.60
N PHE A 857 -21.06 2.30 -2.19
CA PHE A 857 -21.31 3.35 -1.21
C PHE A 857 -22.03 4.57 -1.81
N GLU A 858 -21.84 4.85 -3.09
CA GLU A 858 -22.21 6.16 -3.61
C GLU A 858 -23.66 6.29 -4.02
N LEU A 859 -24.50 5.27 -3.83
CA LEU A 859 -25.93 5.42 -4.05
C LEU A 859 -26.74 5.40 -2.76
N LEU A 860 -26.09 5.47 -1.60
CA LEU A 860 -26.80 5.87 -0.41
C LEU A 860 -27.10 7.37 -0.48
N ASP A 861 -28.10 7.80 0.28
CA ASP A 861 -28.34 9.23 0.41
C ASP A 861 -27.38 9.80 1.44
N ARG A 862 -27.53 11.09 1.73
CA ARG A 862 -26.62 11.77 2.65
C ARG A 862 -26.72 11.19 4.06
N SER A 863 -27.95 10.87 4.49
CA SER A 863 -28.16 10.35 5.84
C SER A 863 -27.52 8.97 6.01
N GLN A 864 -27.71 8.07 5.04
CA GLN A 864 -27.12 6.74 5.16
C GLN A 864 -25.61 6.77 5.00
N GLN A 865 -25.09 7.67 4.15
CA GLN A 865 -23.64 7.81 4.02
C GLN A 865 -23.02 8.32 5.32
N ASP A 866 -23.67 9.30 5.95
CA ASP A 866 -23.19 9.79 7.23
C ASP A 866 -23.32 8.73 8.33
N ALA A 867 -24.36 7.89 8.27
CA ALA A 867 -24.50 6.81 9.24
C ALA A 867 -23.40 5.77 9.08
N VAL A 868 -23.05 5.42 7.83
CA VAL A 868 -22.00 4.44 7.60
C VAL A 868 -20.64 5.00 8.00
N ARG A 869 -20.38 6.27 7.68
CA ARG A 869 -19.10 6.87 8.08
C ARG A 869 -19.00 7.03 9.60
N HIS A 870 -20.07 7.47 10.25
CA HIS A 870 -20.04 7.70 11.69
C HIS A 870 -20.26 6.44 12.51
N ALA A 871 -20.56 5.31 11.86
CA ALA A 871 -20.55 4.04 12.59
C ALA A 871 -19.16 3.68 13.09
N LEU A 872 -18.11 4.20 12.46
CA LEU A 872 -16.74 3.96 12.89
C LEU A 872 -16.40 4.69 14.19
N PHE A 873 -17.25 5.60 14.64
CA PHE A 873 -17.07 6.32 15.90
C PHE A 873 -17.78 5.65 17.06
N LEU A 874 -18.39 4.49 16.86
CA LEU A 874 -19.14 3.81 17.90
C LEU A 874 -18.21 2.96 18.76
N GLU A 875 -18.79 2.12 19.60
CA GLU A 875 -18.03 1.28 20.52
C GLU A 875 -17.43 0.09 19.77
N ASP A 876 -16.48 -0.58 20.45
CA ASP A 876 -15.85 -1.75 19.86
C ASP A 876 -16.83 -2.90 19.67
N PHE A 877 -17.74 -3.09 20.63
CA PHE A 877 -18.70 -4.19 20.57
C PHE A 877 -19.90 -3.89 19.69
N SER A 878 -19.96 -2.69 19.09
CA SER A 878 -21.06 -2.35 18.21
C SER A 878 -21.09 -3.27 16.99
N GLU A 879 -22.28 -3.79 16.69
CA GLU A 879 -22.42 -4.67 15.53
C GLU A 879 -22.24 -3.90 14.23
N ALA A 880 -22.73 -2.66 14.19
CA ALA A 880 -22.59 -1.83 13.00
C ALA A 880 -21.13 -1.52 12.72
N ARG A 881 -20.37 -1.13 13.74
CA ARG A 881 -18.96 -0.81 13.54
C ARG A 881 -18.14 -2.04 13.17
N ARG A 882 -18.41 -3.17 13.83
CA ARG A 882 -17.76 -4.42 13.49
C ARG A 882 -18.07 -4.84 12.06
N ARG A 883 -19.26 -4.51 11.58
CA ARG A 883 -19.61 -4.80 10.19
C ARG A 883 -18.89 -3.85 9.22
N ILE A 884 -18.84 -2.56 9.56
CA ILE A 884 -18.30 -1.56 8.65
C ILE A 884 -16.78 -1.71 8.51
N ILE A 885 -16.08 -1.95 9.62
CA ILE A 885 -14.62 -2.15 9.56
C ILE A 885 -14.28 -3.35 8.67
N ARG A 886 -15.09 -4.41 8.76
CA ARG A 886 -14.86 -5.58 7.93
C ARG A 886 -15.24 -5.32 6.47
N LEU A 887 -16.25 -4.49 6.21
CA LEU A 887 -16.66 -4.24 4.83
C LEU A 887 -15.75 -3.26 4.09
N LEU A 888 -14.96 -2.45 4.81
CA LEU A 888 -13.97 -1.59 4.18
C LEU A 888 -12.58 -2.20 4.11
N GLY A 889 -12.40 -3.44 4.56
CA GLY A 889 -11.17 -4.15 4.32
C GLY A 889 -11.14 -4.73 2.92
N LYS A 890 -11.03 -3.87 1.91
CA LYS A 890 -11.22 -4.28 0.53
C LYS A 890 -9.95 -4.75 -0.15
N ILE A 891 -8.84 -4.87 0.59
CA ILE A 891 -7.68 -5.56 0.05
C ILE A 891 -7.97 -7.04 -0.14
N ASN A 892 -8.75 -7.66 0.76
CA ASN A 892 -9.05 -9.08 0.63
C ASN A 892 -10.01 -9.36 -0.51
N THR A 893 -10.80 -8.36 -0.91
CA THR A 893 -11.71 -8.52 -2.05
C THR A 893 -10.98 -8.29 -3.36
N ALA A 894 -9.98 -7.41 -3.36
CA ALA A 894 -9.21 -7.12 -4.57
C ALA A 894 -8.16 -8.19 -4.88
N ARG A 895 -7.80 -9.01 -3.89
CA ARG A 895 -6.81 -10.06 -4.12
C ARG A 895 -7.38 -11.21 -4.95
N VAL A 896 -8.70 -11.30 -5.07
CA VAL A 896 -9.33 -12.32 -5.89
C VAL A 896 -10.16 -11.74 -7.03
N ASN A 897 -10.32 -10.42 -7.10
CA ASN A 897 -11.17 -9.80 -8.10
C ASN A 897 -10.53 -9.84 -9.48
N GLY A 898 -10.84 -10.86 -10.27
CA GLY A 898 -10.32 -10.95 -11.61
C GLY A 898 -8.83 -11.17 -11.71
N THR A 899 -8.21 -11.66 -10.65
CA THR A 899 -6.78 -11.95 -10.63
C THR A 899 -6.47 -13.37 -11.06
N GLN A 900 -7.47 -14.12 -11.52
CA GLN A 900 -7.30 -15.54 -11.80
C GLN A 900 -6.41 -15.80 -13.01
N ALA A 901 -6.46 -14.94 -14.03
CA ALA A 901 -5.67 -15.16 -15.23
C ALA A 901 -4.17 -14.97 -14.96
N TRP A 902 -3.82 -13.90 -14.25
CA TRP A 902 -2.42 -13.65 -13.94
C TRP A 902 -1.89 -14.67 -12.96
N PHE A 903 -2.72 -15.05 -11.99
CA PHE A 903 -2.33 -16.07 -11.02
C PHE A 903 -2.09 -17.41 -11.69
N ALA A 904 -2.94 -17.78 -12.64
CA ALA A 904 -2.75 -19.02 -13.38
C ALA A 904 -1.49 -18.97 -14.24
N LYS A 905 -1.23 -17.81 -14.87
CA LYS A 905 0.00 -17.68 -15.66
C LYS A 905 1.23 -17.82 -14.77
N SER A 906 1.22 -17.17 -13.61
CA SER A 906 2.33 -17.24 -12.68
C SER A 906 2.54 -18.67 -12.17
N PHE A 907 1.44 -19.35 -11.81
CA PHE A 907 1.54 -20.71 -11.30
C PHE A 907 2.07 -21.66 -12.36
N ILE A 908 1.59 -21.55 -13.60
CA ILE A 908 2.02 -22.48 -14.64
C ILE A 908 3.49 -22.24 -14.99
N THR A 909 3.92 -20.98 -15.07
CA THR A 909 5.32 -20.70 -15.34
C THR A 909 6.23 -21.21 -14.23
N LYS A 910 5.83 -21.02 -12.97
CA LYS A 910 6.63 -21.51 -11.86
C LYS A 910 6.68 -23.03 -11.83
N LEU A 911 5.54 -23.70 -12.01
CA LEU A 911 5.53 -25.16 -12.01
C LEU A 911 6.34 -25.72 -13.18
N ARG A 912 6.37 -24.98 -14.30
CA ARG A 912 7.24 -25.36 -15.41
C ARG A 912 8.70 -25.24 -15.02
N GLU A 913 9.07 -24.20 -14.25
CA GLU A 913 10.49 -24.05 -13.92
C GLU A 913 10.95 -24.89 -12.73
N LEU A 914 10.04 -25.29 -11.82
CA LEU A 914 10.43 -26.25 -10.78
C LEU A 914 10.57 -27.66 -11.32
N THR A 915 9.66 -28.09 -12.18
CA THR A 915 9.70 -29.43 -12.74
C THR A 915 10.42 -29.48 -14.09
N LYS A 916 11.30 -28.52 -14.36
CA LYS A 916 12.02 -28.53 -15.63
C LYS A 916 13.05 -29.65 -15.67
N GLU A 917 13.85 -29.78 -14.60
CA GLU A 917 14.86 -30.83 -14.58
C GLU A 917 14.24 -32.20 -14.33
N TRP A 918 13.10 -32.25 -13.62
CA TRP A 918 12.42 -33.52 -13.42
C TRP A 918 11.82 -34.03 -14.73
N CYS A 919 11.22 -33.14 -15.52
CA CYS A 919 10.73 -33.56 -16.83
C CYS A 919 11.84 -33.80 -17.83
N ALA A 920 13.00 -33.14 -17.66
CA ALA A 920 14.13 -33.41 -18.54
C ALA A 920 14.78 -34.74 -18.22
N ASN A 921 14.82 -35.13 -16.95
CA ASN A 921 15.43 -36.40 -16.55
C ASN A 921 14.52 -37.59 -16.75
N ASN A 922 13.23 -37.36 -17.01
CA ASN A 922 12.28 -38.45 -17.21
C ASN A 922 11.52 -38.34 -18.52
N GLN A 923 11.92 -37.41 -19.39
CA GLN A 923 11.33 -37.19 -20.73
C GLN A 923 9.83 -36.90 -20.65
N ILE A 924 9.40 -36.21 -19.60
CA ILE A 924 8.01 -35.84 -19.42
C ILE A 924 7.75 -34.54 -20.17
N THR A 925 6.60 -34.46 -20.84
CA THR A 925 6.12 -33.22 -21.41
C THR A 925 4.83 -32.84 -20.69
N LEU A 926 4.80 -31.63 -20.12
CA LEU A 926 3.63 -31.16 -19.41
C LEU A 926 2.76 -30.35 -20.36
N ALA A 927 1.52 -30.78 -20.54
CA ALA A 927 0.56 -30.12 -21.44
C ALA A 927 -0.47 -29.39 -20.57
N PHE A 928 -0.16 -28.14 -20.22
CA PHE A 928 -0.99 -27.40 -19.29
C PHE A 928 -2.31 -26.99 -19.92
N ASP A 929 -3.27 -26.66 -19.07
CA ASP A 929 -4.57 -26.17 -19.49
C ASP A 929 -5.12 -25.28 -18.39
N LEU A 930 -6.06 -24.41 -18.76
CA LEU A 930 -6.73 -23.55 -17.80
C LEU A 930 -8.22 -23.50 -18.09
N TYR A 931 -9.03 -23.74 -17.07
CA TYR A 931 -10.46 -23.51 -17.17
C TYR A 931 -10.90 -22.71 -15.96
N ARG A 932 -11.95 -21.92 -16.14
CA ARG A 932 -12.39 -21.01 -15.08
C ARG A 932 -13.90 -21.16 -14.92
N LEU A 933 -14.35 -21.16 -13.67
CA LEU A 933 -15.69 -21.61 -13.32
C LEU A 933 -16.43 -20.53 -12.55
N ASP A 934 -17.71 -20.35 -12.88
CA ASP A 934 -18.53 -19.32 -12.25
C ASP A 934 -18.71 -19.59 -10.76
N ALA A 935 -18.51 -18.55 -9.94
CA ALA A 935 -18.59 -18.72 -8.51
C ALA A 935 -20.01 -19.02 -8.04
N GLN A 936 -21.00 -18.36 -8.63
CA GLN A 936 -22.38 -18.58 -8.25
C GLN A 936 -22.83 -19.99 -8.60
N THR A 937 -22.41 -20.50 -9.77
CA THR A 937 -22.78 -21.83 -10.21
C THR A 937 -22.24 -22.90 -9.27
N VAL A 938 -20.94 -22.81 -8.95
CA VAL A 938 -20.33 -23.81 -8.07
C VAL A 938 -20.82 -23.65 -6.63
N SER A 939 -21.14 -22.42 -6.21
CA SER A 939 -21.65 -22.22 -4.86
C SER A 939 -23.05 -22.81 -4.70
N GLN A 940 -23.97 -22.47 -5.61
CA GLN A 940 -25.34 -22.92 -5.46
C GLN A 940 -25.50 -24.39 -5.81
N ASP A 941 -24.85 -24.83 -6.88
CA ASP A 941 -25.09 -26.18 -7.39
C ASP A 941 -24.12 -27.22 -6.85
N TYR A 942 -23.09 -26.83 -6.12
CA TYR A 942 -22.24 -27.88 -5.57
C TYR A 942 -21.94 -27.71 -4.09
N ARG A 943 -21.70 -26.49 -3.62
CA ARG A 943 -21.40 -26.31 -2.20
C ARG A 943 -22.63 -26.54 -1.35
N LYS A 944 -23.78 -26.01 -1.78
CA LYS A 944 -25.02 -26.22 -1.04
C LYS A 944 -25.46 -27.67 -1.07
N LYS A 945 -25.24 -28.35 -2.21
CA LYS A 945 -25.62 -29.75 -2.32
C LYS A 945 -24.78 -30.63 -1.40
N PHE A 946 -23.47 -30.36 -1.31
CA PHE A 946 -22.65 -31.09 -0.36
C PHE A 946 -23.00 -30.70 1.08
N ALA A 947 -23.46 -29.47 1.30
CA ALA A 947 -23.92 -29.06 2.63
C ALA A 947 -25.15 -29.85 3.06
N LEU A 948 -26.08 -30.08 2.13
CA LEU A 948 -27.23 -30.93 2.44
C LEU A 948 -26.82 -32.40 2.59
N ILE A 949 -25.87 -32.86 1.76
CA ILE A 949 -25.41 -34.24 1.88
C ILE A 949 -24.63 -34.43 3.18
N ASN A 950 -23.69 -33.54 3.46
CA ASN A 950 -22.87 -33.59 4.67
C ASN A 950 -23.00 -32.27 5.39
N LYS A 951 -23.48 -32.31 6.63
CA LYS A 951 -23.75 -31.08 7.37
C LYS A 951 -22.47 -30.33 7.73
N ASP A 952 -21.38 -31.07 7.95
CA ASP A 952 -20.11 -30.44 8.33
C ASP A 952 -19.48 -29.64 7.20
N TRP A 953 -19.94 -29.82 5.97
CA TRP A 953 -19.38 -29.12 4.81
C TRP A 953 -20.12 -27.83 4.49
N ALA A 954 -21.05 -27.41 5.34
CA ALA A 954 -21.79 -26.18 5.09
C ALA A 954 -20.90 -24.95 5.24
N LYS A 955 -21.20 -23.93 4.44
CA LYS A 955 -20.46 -22.67 4.49
C LYS A 955 -21.15 -21.71 5.44
N PRO A 956 -20.52 -21.29 6.53
CA PRO A 956 -21.11 -20.25 7.38
C PRO A 956 -21.12 -18.90 6.66
N ASP A 957 -22.25 -18.20 6.76
CA ASP A 957 -22.35 -16.86 6.19
C ASP A 957 -22.27 -15.76 7.24
N ASP A 958 -22.75 -16.02 8.46
CA ASP A 958 -22.79 -15.00 9.50
C ASP A 958 -21.52 -14.92 10.34
N LYS A 959 -20.58 -15.85 10.14
CA LYS A 959 -19.34 -15.87 10.90
C LYS A 959 -18.19 -16.26 9.99
N LYS A 960 -17.00 -16.33 10.56
CA LYS A 960 -15.80 -16.72 9.81
C LYS A 960 -15.91 -18.15 9.33
N GLN A 961 -15.45 -18.40 8.11
CA GLN A 961 -15.44 -19.75 7.58
C GLN A 961 -14.42 -20.59 8.34
N PRO A 962 -14.72 -21.85 8.60
CA PRO A 962 -13.67 -22.79 9.00
C PRO A 962 -12.64 -22.95 7.90
N ILE A 963 -11.41 -23.29 8.31
CA ILE A 963 -10.30 -23.29 7.36
C ILE A 963 -10.48 -24.36 6.30
N ALA A 964 -10.92 -25.55 6.68
CA ALA A 964 -11.06 -26.66 5.74
C ALA A 964 -12.13 -26.40 4.70
N SER A 965 -13.07 -25.49 5.00
CA SER A 965 -14.12 -25.14 4.06
C SER A 965 -13.54 -24.61 2.77
N HIS A 966 -12.40 -23.91 2.83
CA HIS A 966 -11.78 -23.45 1.58
C HIS A 966 -11.39 -24.62 0.70
N ALA A 967 -10.84 -25.68 1.31
CA ALA A 967 -10.55 -26.89 0.56
C ALA A 967 -11.83 -27.50 0.01
N ILE A 968 -12.92 -27.45 0.78
CA ILE A 968 -14.22 -27.91 0.28
C ILE A 968 -14.61 -27.13 -0.96
N ASP A 969 -14.43 -25.80 -0.92
CA ASP A 969 -14.77 -24.99 -2.08
C ASP A 969 -13.91 -25.39 -3.27
N ALA A 970 -12.63 -25.66 -3.02
CA ALA A 970 -11.76 -26.10 -4.10
C ALA A 970 -12.23 -27.44 -4.64
N PHE A 971 -12.64 -28.33 -3.73
CA PHE A 971 -13.21 -29.61 -4.14
C PHE A 971 -14.48 -29.38 -4.94
N CYS A 972 -15.30 -28.42 -4.51
CA CYS A 972 -16.53 -28.12 -5.22
C CYS A 972 -16.22 -27.63 -6.63
N VAL A 973 -15.13 -26.85 -6.78
CA VAL A 973 -14.72 -26.40 -8.10
C VAL A 973 -14.44 -27.61 -8.98
N PHE A 974 -13.72 -28.59 -8.43
CA PHE A 974 -13.47 -29.82 -9.17
C PHE A 974 -14.78 -30.54 -9.47
N ALA A 975 -15.70 -30.54 -8.50
CA ALA A 975 -16.99 -31.20 -8.70
C ALA A 975 -17.78 -30.52 -9.80
N ALA A 976 -17.59 -29.21 -9.99
CA ALA A 976 -18.28 -28.54 -11.08
C ALA A 976 -17.58 -28.81 -12.40
N ALA A 977 -16.26 -28.93 -12.38
CA ALA A 977 -15.52 -28.98 -13.64
C ALA A 977 -15.66 -30.33 -14.32
N LYS A 978 -15.95 -31.38 -13.57
CA LYS A 978 -16.27 -32.66 -14.17
C LYS A 978 -17.60 -32.61 -14.90
N ASP A 979 -18.47 -31.67 -14.52
CA ASP A 979 -19.76 -31.51 -15.19
C ASP A 979 -19.57 -31.02 -16.62
N LYS A 980 -18.67 -30.05 -16.82
CA LYS A 980 -18.48 -29.43 -18.13
C LYS A 980 -17.90 -30.45 -19.12
N ARG A 981 -18.53 -30.54 -20.29
CA ARG A 981 -18.10 -31.51 -21.30
C ARG A 981 -16.75 -31.14 -21.89
N ASN A 982 -16.50 -29.84 -22.08
CA ASN A 982 -15.23 -29.39 -22.65
C ASN A 982 -14.07 -29.70 -21.71
N ILE A 983 -14.27 -29.50 -20.41
CA ILE A 983 -13.22 -29.83 -19.45
C ILE A 983 -13.03 -31.34 -19.35
N ALA A 984 -14.13 -32.09 -19.29
CA ALA A 984 -14.04 -33.53 -19.02
C ALA A 984 -13.54 -34.31 -20.22
N ASN A 985 -13.78 -33.82 -21.44
CA ASN A 985 -13.38 -34.56 -22.64
C ASN A 985 -11.87 -34.66 -22.79
N VAL A 986 -11.11 -33.74 -22.20
CA VAL A 986 -9.65 -33.83 -22.19
C VAL A 986 -9.23 -34.31 -20.80
N LEU A 987 -10.07 -34.01 -19.81
CA LEU A 987 -9.76 -34.37 -18.42
C LEU A 987 -10.00 -35.85 -18.15
N GLY A 988 -10.99 -36.46 -18.80
CA GLY A 988 -11.30 -37.86 -18.55
C GLY A 988 -12.31 -38.43 -19.52
N VAL A 989 -13.29 -39.17 -19.00
CA VAL A 989 -14.31 -39.79 -19.82
C VAL A 989 -15.66 -39.19 -19.45
N PHE A 990 -16.70 -39.61 -20.17
CA PHE A 990 -18.07 -39.16 -19.94
C PHE A 990 -18.92 -40.35 -19.52
N ASP A 991 -19.36 -40.34 -18.26
CA ASP A 991 -20.31 -41.33 -17.78
C ASP A 991 -21.36 -40.70 -16.88
N GLU A 992 -21.63 -39.41 -17.04
CA GLU A 992 -22.55 -38.66 -16.19
C GLU A 992 -23.98 -39.05 -16.58
N VAL A 993 -24.43 -40.18 -16.03
CA VAL A 993 -25.73 -40.72 -16.41
C VAL A 993 -26.87 -40.18 -15.53
N ALA A 994 -26.58 -39.80 -14.29
CA ALA A 994 -27.61 -39.31 -13.40
C ALA A 994 -27.01 -38.31 -12.42
N GLU A 995 -27.87 -37.44 -11.89
CA GLU A 995 -27.42 -36.41 -10.96
C GLU A 995 -27.03 -37.01 -9.61
N GLU A 996 -27.89 -37.89 -9.07
CA GLU A 996 -27.65 -38.41 -7.72
C GLU A 996 -26.46 -39.35 -7.68
N GLN A 997 -26.29 -40.16 -8.75
CA GLN A 997 -25.21 -41.16 -8.77
C GLN A 997 -23.84 -40.50 -8.72
N ASN A 998 -23.59 -39.55 -9.62
CA ASN A 998 -22.29 -38.87 -9.59
C ASN A 998 -22.18 -37.91 -8.42
N LEU A 999 -23.30 -37.32 -7.98
CA LEU A 999 -23.26 -36.40 -6.85
C LEU A 999 -22.90 -37.12 -5.55
N LYS A 1000 -23.26 -38.39 -5.42
CA LYS A 1000 -22.85 -39.18 -4.26
C LYS A 1000 -21.51 -39.88 -4.48
N THR A 1001 -21.12 -40.16 -5.72
CA THR A 1001 -19.84 -40.80 -5.97
C THR A 1001 -18.67 -39.83 -5.85
N ILE A 1002 -18.90 -38.54 -6.17
CA ILE A 1002 -17.82 -37.56 -6.12
C ILE A 1002 -17.39 -37.28 -4.68
N ALA A 1003 -18.37 -37.21 -3.75
CA ALA A 1003 -18.11 -36.71 -2.40
C ALA A 1003 -17.14 -37.59 -1.60
N GLN A 1004 -16.87 -38.81 -2.03
CA GLN A 1004 -15.89 -39.66 -1.36
C GLN A 1004 -14.48 -39.49 -1.90
N LEU A 1005 -14.28 -38.66 -2.92
CA LEU A 1005 -12.94 -38.47 -3.47
C LEU A 1005 -12.07 -37.63 -2.55
N MET A 1006 -12.67 -36.66 -1.88
CA MET A 1006 -11.90 -35.76 -1.03
C MET A 1006 -11.36 -36.51 0.18
N PRO A 1007 -10.06 -36.43 0.47
CA PRO A 1007 -9.50 -37.17 1.59
C PRO A 1007 -9.99 -36.62 2.92
N SER A 1008 -9.87 -37.45 3.96
CA SER A 1008 -10.28 -37.04 5.30
C SER A 1008 -9.40 -35.90 5.81
N GLU A 1009 -8.08 -36.08 5.77
CA GLU A 1009 -7.17 -35.05 6.26
C GLU A 1009 -7.05 -33.92 5.25
N VAL A 1010 -6.78 -32.72 5.76
CA VAL A 1010 -6.44 -31.56 4.94
C VAL A 1010 -5.17 -30.93 5.52
N ASN A 1011 -4.21 -30.65 4.65
CA ASN A 1011 -2.95 -30.04 5.06
C ASN A 1011 -3.11 -28.53 5.04
N LEU A 1012 -2.54 -27.88 6.05
CA LEU A 1012 -2.63 -26.42 6.17
C LEU A 1012 -1.23 -25.85 5.99
N ILE A 1013 -1.01 -25.18 4.87
CA ILE A 1013 0.29 -24.63 4.52
C ILE A 1013 0.31 -23.18 5.00
N SER A 1014 1.23 -22.89 5.91
CA SER A 1014 1.44 -21.54 6.41
C SER A 1014 2.78 -21.02 5.93
N PRO A 1015 2.82 -20.23 4.87
CA PRO A 1015 4.09 -19.62 4.47
C PRO A 1015 4.57 -18.61 5.50
N LYS A 1016 5.88 -18.48 5.58
CA LYS A 1016 6.47 -17.47 6.43
C LYS A 1016 7.74 -17.02 5.72
N ARG A 1017 8.13 -15.77 5.95
CA ARG A 1017 9.26 -15.20 5.22
C ARG A 1017 10.57 -15.90 5.59
N LYS A 1018 11.58 -15.68 4.77
CA LYS A 1018 12.90 -16.25 5.03
C LYS A 1018 13.45 -15.66 6.33
N SER A 1019 14.06 -16.52 7.14
CA SER A 1019 14.60 -16.03 8.40
C SER A 1019 15.82 -15.17 8.14
N ILE A 1020 16.09 -14.26 9.08
CA ILE A 1020 17.20 -13.33 8.94
C ILE A 1020 18.55 -14.04 9.01
N LEU A 1021 18.58 -15.26 9.55
CA LEU A 1021 19.81 -16.04 9.61
C LEU A 1021 20.19 -16.64 8.26
N ASP A 1022 19.24 -16.78 7.34
CA ASP A 1022 19.48 -17.41 6.05
C ASP A 1022 19.66 -16.43 4.91
N LYS A 1023 19.27 -15.17 5.10
CA LYS A 1023 19.36 -14.18 4.02
C LYS A 1023 20.81 -13.78 3.80
N ASN A 1024 21.23 -13.76 2.54
CA ASN A 1024 22.53 -13.20 2.20
C ASN A 1024 22.47 -11.71 1.92
N GLU A 1025 21.28 -11.17 1.69
CA GLU A 1025 21.04 -9.74 1.66
C GLU A 1025 20.20 -9.41 2.90
N VAL A 1026 20.88 -9.21 4.04
CA VAL A 1026 20.17 -8.92 5.27
C VAL A 1026 19.62 -7.51 5.31
N GLY A 1027 20.03 -6.65 4.38
CA GLY A 1027 19.52 -5.31 4.32
C GLY A 1027 18.09 -5.20 3.86
N SER A 1028 17.57 -6.22 3.18
CA SER A 1028 16.19 -6.24 2.72
C SER A 1028 15.21 -6.65 3.81
N ARG A 1029 15.60 -6.51 5.06
CA ARG A 1029 14.76 -6.78 6.22
C ARG A 1029 14.92 -5.62 7.19
N ALA A 1030 13.83 -5.23 7.85
CA ALA A 1030 13.92 -4.22 8.88
C ALA A 1030 14.64 -4.83 10.07
N LEU A 1031 15.95 -4.68 10.11
CA LEU A 1031 16.79 -5.45 11.02
C LEU A 1031 16.99 -4.80 12.38
N MET A 1032 16.36 -3.65 12.64
CA MET A 1032 16.12 -3.18 14.00
C MET A 1032 14.95 -2.22 14.02
N LYS A 1033 14.39 -2.07 15.22
CA LYS A 1033 13.24 -1.21 15.42
C LYS A 1033 13.67 0.24 15.50
N GLU A 1034 12.78 1.13 15.05
CA GLU A 1034 13.00 2.55 15.17
C GLU A 1034 12.40 3.08 16.46
N GLY A 1035 13.06 4.06 17.06
CA GLY A 1035 12.78 4.43 18.43
C GLY A 1035 13.99 4.16 19.29
N ILE A 1036 14.65 5.24 19.72
CA ILE A 1036 15.95 5.14 20.38
C ILE A 1036 15.74 5.27 21.88
N PHE A 1037 16.53 4.54 22.66
CA PHE A 1037 16.37 4.45 24.10
C PHE A 1037 17.50 5.22 24.79
N ALA A 1038 17.14 5.93 25.85
CA ALA A 1038 18.13 6.65 26.64
C ALA A 1038 18.90 5.67 27.53
N GLU A 1039 20.20 5.93 27.64
CA GLU A 1039 21.19 4.94 28.07
C GLU A 1039 22.05 5.54 29.17
N HIS A 1040 21.67 5.32 30.42
CA HIS A 1040 22.30 5.99 31.55
C HIS A 1040 23.08 5.01 32.40
N PHE A 1041 23.92 5.58 33.26
CA PHE A 1041 24.69 4.82 34.24
C PHE A 1041 24.48 5.44 35.61
N LEU A 1042 24.53 4.60 36.64
CA LEU A 1042 24.26 5.05 38.00
C LEU A 1042 25.47 5.78 38.56
N PRO A 1043 25.31 6.99 39.09
CA PRO A 1043 26.44 7.69 39.71
C PRO A 1043 26.89 7.04 41.01
N ILE A 1044 28.15 7.28 41.35
CA ILE A 1044 28.75 6.76 42.58
C ILE A 1044 29.09 7.95 43.48
N LEU A 1045 28.55 7.95 44.68
CA LEU A 1045 28.71 9.04 45.63
C LEU A 1045 29.58 8.59 46.80
N VAL A 1046 30.62 9.35 47.09
CA VAL A 1046 31.58 9.01 48.14
C VAL A 1046 31.64 10.15 49.13
N ARG A 1047 31.59 9.81 50.43
CA ARG A 1047 31.76 10.79 51.50
C ARG A 1047 32.60 10.12 52.57
N GLY A 1048 33.88 10.50 52.62
CA GLY A 1048 34.82 9.90 53.54
C GLY A 1048 35.02 8.42 53.29
N ASP A 1049 34.80 7.61 54.31
CA ASP A 1049 34.82 6.17 54.13
C ASP A 1049 33.56 5.66 53.45
N ASP A 1050 32.41 6.31 53.68
CA ASP A 1050 31.15 5.75 53.22
C ASP A 1050 30.96 6.02 51.73
N CYS A 1051 30.46 5.03 51.00
CA CYS A 1051 30.23 5.17 49.58
C CYS A 1051 28.95 4.44 49.20
N ARG A 1052 28.29 4.95 48.17
CA ARG A 1052 27.00 4.40 47.76
C ARG A 1052 26.76 4.70 46.29
N ILE A 1053 25.80 3.98 45.71
CA ILE A 1053 25.46 4.09 44.30
C ILE A 1053 24.05 4.64 44.18
N GLY A 1054 23.90 5.73 43.44
CA GLY A 1054 22.59 6.30 43.24
C GLY A 1054 22.69 7.75 42.82
N PHE A 1055 21.57 8.46 42.96
CA PHE A 1055 21.46 9.84 42.50
C PHE A 1055 21.68 10.86 43.60
N ASP A 1056 21.20 10.56 44.81
CA ASP A 1056 21.36 11.45 45.95
C ASP A 1056 21.40 10.62 47.22
N TRP A 1057 21.78 11.26 48.32
CA TRP A 1057 22.00 10.55 49.58
C TRP A 1057 20.71 10.20 50.31
N SER A 1058 19.54 10.36 49.69
CA SER A 1058 18.31 9.90 50.28
C SER A 1058 18.26 8.37 50.25
N GLU A 1059 17.35 7.81 51.06
CA GLU A 1059 17.28 6.36 51.19
C GLU A 1059 16.70 5.70 49.95
N SER A 1060 15.71 6.35 49.32
CA SER A 1060 15.13 5.79 48.11
C SER A 1060 15.95 6.09 46.87
N GLY A 1061 16.87 7.05 46.94
CA GLY A 1061 17.69 7.43 45.81
C GLY A 1061 19.10 6.89 45.80
N SER A 1062 19.43 5.93 46.67
CA SER A 1062 20.78 5.40 46.72
C SER A 1062 20.77 4.04 47.41
N VAL A 1063 21.86 3.31 47.21
CA VAL A 1063 22.10 2.00 47.82
C VAL A 1063 23.52 1.98 48.35
N LYS A 1064 23.68 1.69 49.64
CA LYS A 1064 24.99 1.68 50.29
C LYS A 1064 25.87 0.56 49.74
N VAL A 1065 27.13 0.87 49.49
CA VAL A 1065 28.11 -0.09 48.99
C VAL A 1065 28.98 -0.54 50.15
N LYS A 1066 29.03 -1.85 50.39
CA LYS A 1066 29.93 -2.41 51.39
C LYS A 1066 31.29 -2.67 50.76
N ASP A 1067 32.34 -2.09 51.34
CA ASP A 1067 33.73 -2.24 50.91
C ASP A 1067 33.89 -1.79 49.45
N ALA A 1068 33.68 -0.49 49.25
CA ALA A 1068 33.65 0.10 47.93
C ALA A 1068 35.01 0.15 47.25
N ASP A 1069 36.11 -0.15 47.95
CA ASP A 1069 37.42 -0.13 47.32
C ASP A 1069 37.56 -1.19 46.23
N LYS A 1070 36.79 -2.27 46.31
CA LYS A 1070 36.78 -3.26 45.23
C LYS A 1070 36.08 -2.73 43.99
N LEU A 1071 35.05 -1.89 44.17
CA LEU A 1071 34.36 -1.28 43.03
C LEU A 1071 35.29 -0.36 42.26
N PHE A 1072 36.05 0.47 42.96
CA PHE A 1072 37.00 1.34 42.30
C PHE A 1072 38.20 0.56 41.78
N GLY A 1073 38.53 -0.57 42.40
CA GLY A 1073 39.55 -1.44 41.83
C GLY A 1073 39.15 -2.07 40.51
N VAL A 1074 37.87 -2.43 40.37
CA VAL A 1074 37.39 -3.05 39.13
C VAL A 1074 36.80 -1.99 38.21
N LEU A 1075 36.97 -0.71 38.57
CA LEU A 1075 36.53 0.36 37.68
C LEU A 1075 37.63 1.38 37.40
N ASP A 1076 38.90 0.98 37.45
CA ASP A 1076 39.99 1.88 37.08
C ASP A 1076 39.96 2.16 35.59
N GLY A 1077 40.08 3.44 35.23
CA GLY A 1077 40.12 3.86 33.85
C GLY A 1077 38.77 4.12 33.21
N LEU A 1078 37.67 3.83 33.92
CA LEU A 1078 36.34 4.03 33.38
C LEU A 1078 35.58 5.15 34.08
N LEU A 1079 35.96 5.52 35.30
CA LEU A 1079 35.27 6.55 36.05
C LEU A 1079 35.95 7.90 35.86
N LYS A 1080 35.18 8.95 36.17
CA LYS A 1080 35.67 10.31 36.19
C LYS A 1080 34.98 11.05 37.32
N GLN A 1081 35.74 11.91 37.99
CA GLN A 1081 35.26 12.67 39.14
C GLN A 1081 34.71 14.01 38.69
N SER A 1082 33.49 14.32 39.13
CA SER A 1082 32.86 15.59 38.80
C SER A 1082 32.95 16.55 39.97
N GLU A 1091 33.20 13.88 45.37
CA GLU A 1091 32.19 12.99 45.92
C GLU A 1091 31.56 12.12 44.84
N THR A 1092 31.17 12.74 43.73
CA THR A 1092 30.44 12.05 42.67
C THR A 1092 31.41 11.51 41.63
N TYR A 1093 31.37 10.20 41.40
CA TYR A 1093 32.07 9.56 40.29
C TYR A 1093 31.05 9.03 39.30
N THR A 1094 31.26 9.34 38.02
CA THR A 1094 30.39 8.86 36.97
C THR A 1094 31.25 8.18 35.91
N VAL A 1095 30.66 7.22 35.18
CA VAL A 1095 31.49 6.50 34.22
C VAL A 1095 31.77 7.38 33.02
N ASP A 1096 32.85 7.05 32.32
CA ASP A 1096 33.15 7.69 31.05
C ASP A 1096 32.30 7.01 29.98
N ARG A 1097 31.38 7.76 29.37
CA ARG A 1097 30.41 7.17 28.44
C ARG A 1097 31.12 6.55 27.24
N ILE A 1098 32.08 7.27 26.66
CA ILE A 1098 32.74 6.80 25.45
C ILE A 1098 33.61 5.58 25.75
N LYS A 1099 34.37 5.63 26.85
CA LYS A 1099 35.24 4.51 27.20
C LYS A 1099 34.43 3.28 27.60
N ALA A 1100 33.33 3.49 28.33
CA ALA A 1100 32.45 2.37 28.68
C ALA A 1100 31.84 1.74 27.46
N PHE A 1101 31.38 2.56 26.50
CA PHE A 1101 30.77 2.02 25.30
C PHE A 1101 31.80 1.30 24.44
N GLU A 1102 33.03 1.82 24.38
CA GLU A 1102 34.09 1.15 23.64
C GLU A 1102 34.45 -0.19 24.28
N LEU A 1103 34.53 -0.25 25.61
CA LEU A 1103 34.86 -1.50 26.27
C LEU A 1103 33.73 -2.52 26.13
N LEU A 1104 32.47 -2.05 26.20
CA LEU A 1104 31.35 -2.94 26.02
C LEU A 1104 31.23 -3.43 24.59
N HIS A 1105 31.76 -2.67 23.62
CA HIS A 1105 31.86 -3.21 22.27
C HIS A 1105 33.01 -4.20 22.15
N ASP A 1106 34.14 -3.92 22.82
CA ASP A 1106 35.31 -4.79 22.74
C ASP A 1106 35.04 -6.15 23.34
N VAL A 1107 34.31 -6.21 24.46
CA VAL A 1107 33.98 -7.49 25.06
C VAL A 1107 32.93 -8.25 24.26
N PHE A 1108 32.30 -7.61 23.29
CA PHE A 1108 31.33 -8.24 22.40
C PHE A 1108 31.94 -8.69 21.08
N ILE A 1109 32.95 -7.97 20.57
CA ILE A 1109 33.43 -8.20 19.22
C ILE A 1109 34.69 -9.08 19.18
N ARG A 1110 35.48 -9.11 20.24
CA ARG A 1110 36.74 -9.84 20.25
C ARG A 1110 36.94 -10.45 21.62
N PRO A 1111 37.70 -11.54 21.72
CA PRO A 1111 37.95 -12.15 23.03
C PRO A 1111 38.87 -11.26 23.86
N CYS A 1112 38.49 -11.03 25.12
CA CYS A 1112 39.18 -10.11 25.99
C CYS A 1112 39.53 -10.79 27.30
N SER A 1113 40.43 -10.15 28.04
CA SER A 1113 40.94 -10.69 29.29
C SER A 1113 39.86 -10.68 30.37
N GLN A 1114 40.16 -11.33 31.49
CA GLN A 1114 39.19 -11.43 32.57
C GLN A 1114 38.96 -10.09 33.27
N LYS A 1115 39.98 -9.23 33.31
CA LYS A 1115 39.81 -7.90 33.90
C LYS A 1115 38.82 -7.07 33.11
N MET A 1116 38.93 -7.08 31.79
CA MET A 1116 38.01 -6.33 30.95
C MET A 1116 36.61 -6.93 30.99
N LEU A 1117 36.50 -8.25 31.18
CA LEU A 1117 35.20 -8.88 31.33
C LEU A 1117 34.54 -8.50 32.65
N GLU A 1118 35.31 -8.42 33.73
CA GLU A 1118 34.75 -7.95 35.01
C GLU A 1118 34.36 -6.49 34.94
N GLN A 1119 35.16 -5.68 34.22
CA GLN A 1119 34.80 -4.29 34.00
C GLN A 1119 33.50 -4.19 33.20
N ALA A 1120 33.32 -5.05 32.21
CA ALA A 1120 32.09 -5.06 31.43
C ALA A 1120 30.89 -5.49 32.29
N GLU A 1121 31.11 -6.45 33.20
CA GLU A 1121 30.03 -6.87 34.09
C GLU A 1121 29.60 -5.74 35.02
N VAL A 1122 30.57 -5.01 35.58
CA VAL A 1122 30.24 -3.87 36.43
C VAL A 1122 29.53 -2.79 35.64
N LEU A 1123 30.02 -2.53 34.42
CA LEU A 1123 29.41 -1.51 33.58
C LEU A 1123 27.98 -1.88 33.18
N GLU A 1124 27.70 -3.17 32.99
CA GLU A 1124 26.34 -3.60 32.71
C GLU A 1124 25.47 -3.65 33.95
N LYS A 1125 26.05 -3.65 35.15
CA LYS A 1125 25.24 -3.62 36.36
C LYS A 1125 24.95 -2.21 36.87
N LEU A 1126 25.76 -1.23 36.48
CA LEU A 1126 25.43 0.17 36.73
C LEU A 1126 24.54 0.76 35.64
N HIS A 1127 24.39 0.06 34.53
CA HIS A 1127 23.68 0.56 33.36
C HIS A 1127 22.17 0.40 33.53
N TYR A 1128 21.43 1.42 33.10
CA TYR A 1128 19.99 1.32 33.02
C TYR A 1128 19.49 2.11 31.82
N ILE A 1129 18.24 1.86 31.46
CA ILE A 1129 17.62 2.41 30.26
C ILE A 1129 16.36 3.15 30.68
N THR A 1130 16.21 4.38 30.21
CA THR A 1130 14.94 5.08 30.33
C THR A 1130 14.55 5.61 28.96
N GLN A 1131 13.32 6.09 28.85
CA GLN A 1131 12.84 6.64 27.59
C GLN A 1131 11.68 7.57 27.90
N ASN A 1132 11.62 8.69 27.18
CA ASN A 1132 10.51 9.62 27.34
C ASN A 1132 9.23 9.00 26.80
N ILE A 1133 8.24 8.88 27.65
CA ILE A 1133 6.89 8.49 27.24
C ILE A 1133 6.00 9.70 27.48
N SER A 1134 5.00 9.85 26.62
CA SER A 1134 4.19 11.06 26.58
C SER A 1134 3.37 11.22 27.85
N VAL A 1135 3.12 12.47 28.23
CA VAL A 1135 2.23 12.76 29.34
C VAL A 1135 0.79 12.45 29.00
N THR A 1136 0.45 12.37 27.71
CA THR A 1136 -0.88 11.97 27.29
C THR A 1136 -1.14 10.49 27.55
N SER A 1137 -0.13 9.74 28.00
CA SER A 1137 -0.32 8.39 28.49
C SER A 1137 -1.04 8.35 29.83
N VAL A 1138 -1.25 9.49 30.49
CA VAL A 1138 -2.20 9.49 31.60
C VAL A 1138 -3.62 9.31 31.09
N TYR A 1139 -3.87 9.65 29.82
CA TYR A 1139 -5.16 9.47 29.19
C TYR A 1139 -5.15 8.20 28.35
N ASP A 1140 -6.13 7.33 28.57
CA ASP A 1140 -6.27 6.11 27.79
C ASP A 1140 -6.85 6.48 26.43
N ALA A 1141 -6.05 6.33 25.38
CA ALA A 1141 -6.46 6.76 24.05
C ALA A 1141 -7.39 5.77 23.35
N VAL A 1142 -7.55 4.56 23.87
CA VAL A 1142 -8.42 3.55 23.28
C VAL A 1142 -9.79 3.53 23.94
N ASN A 1143 -9.83 3.40 25.26
CA ASN A 1143 -11.10 3.35 25.99
C ASN A 1143 -11.64 4.73 26.33
N ARG A 1144 -10.87 5.79 26.04
CA ARG A 1144 -11.28 7.19 26.20
C ARG A 1144 -11.64 7.51 27.66
N GLN A 1145 -10.64 7.40 28.51
CA GLN A 1145 -10.81 7.67 29.93
C GLN A 1145 -9.47 7.99 30.55
N PHE A 1146 -9.51 8.57 31.75
CA PHE A 1146 -8.31 8.79 32.54
C PHE A 1146 -8.06 7.58 33.44
N LYS A 1147 -6.79 7.26 33.64
CA LYS A 1147 -6.38 6.10 34.42
C LYS A 1147 -5.82 6.52 35.78
N CYS A 1148 -5.83 5.58 36.71
CA CYS A 1148 -5.61 5.86 38.12
C CYS A 1148 -4.15 6.22 38.40
N ARG A 1149 -3.94 6.87 39.54
CA ARG A 1149 -2.60 7.34 39.94
C ARG A 1149 -1.64 6.17 40.13
N GLU A 1150 -2.15 5.02 40.57
CA GLU A 1150 -1.32 3.84 40.74
C GLU A 1150 -0.84 3.26 39.42
N GLU A 1151 -1.46 3.66 38.30
CA GLU A 1151 -0.96 3.24 37.00
C GLU A 1151 0.13 4.18 36.49
N ILE A 1152 -0.06 5.49 36.63
CA ILE A 1152 0.99 6.44 36.30
C ILE A 1152 2.18 6.26 37.23
N LEU A 1153 1.93 6.16 38.53
CA LEU A 1153 2.99 6.02 39.51
C LEU A 1153 3.23 4.56 39.89
N LYS A 1154 3.07 3.66 38.92
CA LYS A 1154 3.42 2.26 39.10
C LYS A 1154 4.92 2.13 39.35
N ASP A 1155 5.27 1.33 40.35
CA ASP A 1155 6.66 1.25 40.79
C ASP A 1155 7.56 0.53 39.79
N LYS A 1156 7.00 -0.29 38.90
CA LYS A 1156 7.80 -0.95 37.89
C LYS A 1156 8.36 0.04 36.87
N ASP A 1157 7.65 1.14 36.62
CA ASP A 1157 8.06 2.15 35.67
C ASP A 1157 9.20 3.03 36.17
N PHE A 1158 9.60 2.92 37.44
CA PHE A 1158 10.58 3.83 38.01
C PHE A 1158 11.70 3.15 38.78
N ASP A 1159 11.54 1.91 39.21
CA ASP A 1159 12.51 1.29 40.10
C ASP A 1159 13.65 0.66 39.31
N ILE A 1160 14.86 0.87 39.79
CA ILE A 1160 16.08 0.31 39.22
C ILE A 1160 16.63 -0.68 40.22
N LYS A 1161 16.88 -1.91 39.79
CA LYS A 1161 17.46 -2.92 40.66
C LYS A 1161 18.97 -2.92 40.50
N VAL A 1162 19.69 -2.59 41.57
CA VAL A 1162 21.15 -2.62 41.58
C VAL A 1162 21.60 -3.78 42.46
N ASP A 1163 22.50 -4.60 41.92
CA ASP A 1163 22.94 -5.82 42.61
C ASP A 1163 24.34 -6.14 42.06
N LEU A 1164 25.37 -5.74 42.80
CA LEU A 1164 26.74 -6.03 42.37
C LEU A 1164 27.25 -7.38 42.84
N GLY A 1165 27.42 -7.55 44.16
CA GLY A 1165 28.04 -8.76 44.68
C GLY A 1165 29.33 -8.49 45.42
N ASN A 1166 29.82 -9.48 46.16
CA ASN A 1166 31.06 -9.30 46.93
C ASN A 1166 32.26 -9.06 46.02
N ARG A 1167 32.25 -9.66 44.82
CA ARG A 1167 33.37 -9.55 43.90
C ARG A 1167 33.61 -8.10 43.47
N PHE A 1168 32.57 -7.26 43.50
CA PHE A 1168 32.72 -5.84 43.22
C PHE A 1168 32.37 -4.94 44.40
N GLY A 1169 32.10 -5.51 45.57
CA GLY A 1169 31.69 -4.70 46.70
C GLY A 1169 30.18 -4.72 46.80
N SER A 1170 29.64 -5.47 47.76
CA SER A 1170 28.22 -5.80 47.80
C SER A 1170 27.35 -4.56 47.93
N ALA A 1171 26.49 -4.34 46.93
CA ALA A 1171 25.55 -3.22 46.91
C ALA A 1171 24.24 -3.72 46.27
N LYS A 1172 23.32 -4.15 47.13
CA LYS A 1172 22.04 -4.70 46.69
C LYS A 1172 20.91 -3.81 47.15
N GLY A 1173 20.00 -3.50 46.23
CA GLY A 1173 18.85 -2.69 46.58
C GLY A 1173 18.16 -2.16 45.34
N LYS A 1174 17.20 -1.28 45.59
CA LYS A 1174 16.42 -0.66 44.52
C LYS A 1174 16.50 0.86 44.64
N ILE A 1175 16.79 1.50 43.54
CA ILE A 1175 16.78 2.95 43.38
C ILE A 1175 15.41 3.33 42.86
N THR A 1176 14.90 4.50 43.24
CA THR A 1176 13.79 5.08 42.52
C THR A 1176 14.31 6.14 41.55
N LEU A 1177 13.69 6.21 40.39
CA LEU A 1177 14.09 7.19 39.40
C LEU A 1177 13.66 8.58 39.86
N PRO A 1178 14.55 9.57 39.85
CA PRO A 1178 14.15 10.92 40.28
C PRO A 1178 13.07 11.54 39.42
N ALA A 1179 12.97 11.13 38.16
CA ALA A 1179 11.94 11.63 37.25
C ALA A 1179 10.53 11.24 37.72
N LYS A 1180 10.41 10.27 38.62
CA LYS A 1180 9.13 9.95 39.23
C LYS A 1180 8.52 11.16 39.92
N ARG A 1181 9.36 11.99 40.54
CA ARG A 1181 8.84 13.20 41.17
C ARG A 1181 8.21 14.13 40.15
N GLU A 1182 8.77 14.17 38.94
CA GLU A 1182 8.16 14.98 37.89
C GLU A 1182 6.82 14.41 37.47
N TRP A 1183 6.70 13.07 37.44
CA TRP A 1183 5.38 12.49 37.20
C TRP A 1183 4.44 12.80 38.35
N GLU A 1184 4.96 12.87 39.57
CA GLU A 1184 4.15 13.30 40.70
C GLU A 1184 3.71 14.74 40.52
N LYS A 1185 4.54 15.55 39.86
CA LYS A 1185 4.11 16.92 39.53
C LYS A 1185 2.97 16.89 38.52
N LEU A 1186 2.99 15.92 37.60
CA LEU A 1186 1.99 15.88 36.54
C LEU A 1186 0.60 15.55 37.09
N VAL A 1187 0.52 14.52 37.92
CA VAL A 1187 -0.77 14.06 38.42
C VAL A 1187 -1.26 14.86 39.62
N ASN A 1188 -0.39 15.66 40.25
CA ASN A 1188 -0.79 16.50 41.37
C ASN A 1188 -0.80 17.99 41.02
N ARG A 1189 -0.78 18.31 39.72
CA ARG A 1189 -0.85 19.71 39.34
C ARG A 1189 -2.29 20.22 39.47
N SER A 1190 -2.44 21.54 39.29
CA SER A 1190 -3.69 22.21 39.66
C SER A 1190 -4.85 21.75 38.79
N GLU A 1191 -4.63 21.55 37.49
CA GLU A 1191 -5.71 21.22 36.56
C GLU A 1191 -5.72 19.75 36.15
N LEU A 1192 -5.03 18.88 36.89
CA LEU A 1192 -5.17 17.44 36.69
C LEU A 1192 -5.39 16.64 37.96
N LYS A 1193 -5.24 17.24 39.15
CA LYS A 1193 -5.32 16.45 40.38
C LYS A 1193 -6.73 15.98 40.69
N ASN A 1194 -7.76 16.50 40.02
CA ASN A 1194 -9.13 16.05 40.22
C ASN A 1194 -9.59 15.04 39.16
N LEU A 1195 -9.00 15.07 37.97
CA LEU A 1195 -9.35 14.11 36.93
C LEU A 1195 -8.71 12.74 37.14
N ILE A 1196 -7.61 12.67 37.88
CA ILE A 1196 -6.86 11.44 38.09
C ILE A 1196 -7.11 10.97 39.51
N LYS A 1197 -7.68 9.77 39.66
CA LYS A 1197 -8.07 9.25 40.96
C LYS A 1197 -6.99 8.31 41.53
N ASP A 1198 -7.06 8.10 42.85
CA ASP A 1198 -6.13 7.21 43.53
C ASP A 1198 -6.27 5.76 43.08
N LYS A 1199 -7.44 5.36 42.60
CA LYS A 1199 -7.71 3.99 42.20
C LYS A 1199 -8.76 4.01 41.10
N LEU A 1200 -8.97 2.85 40.50
CA LEU A 1200 -9.97 2.72 39.44
C LEU A 1200 -11.36 2.51 40.03
N GLU A 1206 -15.51 10.54 35.27
CA GLU A 1206 -15.45 9.17 34.79
C GLU A 1206 -15.65 9.12 33.28
N LYS A 1207 -14.62 8.64 32.57
CA LYS A 1207 -14.56 8.57 31.11
C LYS A 1207 -14.76 9.96 30.49
N THR A 1208 -13.79 10.83 30.79
CA THR A 1208 -13.82 12.19 30.28
C THR A 1208 -13.53 12.21 28.78
N PRO A 1209 -14.42 12.77 27.96
CA PRO A 1209 -14.16 12.78 26.51
C PRO A 1209 -13.04 13.74 26.14
N ASP A 1210 -12.22 13.33 25.17
CA ASP A 1210 -11.23 14.18 24.51
C ASP A 1210 -10.21 14.75 25.49
N GLY A 1211 -9.70 13.90 26.37
CA GLY A 1211 -8.75 14.34 27.38
C GLY A 1211 -7.38 14.69 26.85
N GLU A 1212 -7.00 14.15 25.69
CA GLU A 1212 -5.72 14.52 25.08
C GLU A 1212 -5.72 15.97 24.63
N THR A 1213 -6.89 16.48 24.20
CA THR A 1213 -7.01 17.91 23.91
C THR A 1213 -6.83 18.73 25.19
N LEU A 1214 -7.35 18.24 26.32
CA LEU A 1214 -7.14 18.92 27.59
C LEU A 1214 -5.66 18.95 27.96
N ILE A 1215 -4.96 17.83 27.76
CA ILE A 1215 -3.52 17.78 28.05
C ILE A 1215 -2.74 18.72 27.15
N TYR A 1216 -3.11 18.78 25.86
CA TYR A 1216 -2.45 19.71 24.96
C TYR A 1216 -2.77 21.16 25.32
N ASP A 1217 -3.95 21.41 25.89
CA ASP A 1217 -4.26 22.76 26.36
C ASP A 1217 -3.46 23.12 27.60
N ILE A 1218 -3.08 22.13 28.40
CA ILE A 1218 -2.26 22.39 29.59
C ILE A 1218 -0.88 22.91 29.21
N PHE A 1219 -0.21 22.21 28.30
CA PHE A 1219 1.16 22.56 27.89
C PHE A 1219 1.08 23.39 26.62
N ARG A 1220 1.53 24.64 26.70
CA ARG A 1220 1.44 25.54 25.56
C ARG A 1220 2.57 26.57 25.65
N SER A 1221 3.08 26.96 24.48
CA SER A 1221 4.10 28.01 24.37
C SER A 1221 3.41 29.36 24.54
N ILE A 1222 3.16 29.72 25.80
CA ILE A 1222 2.53 31.00 26.10
C ILE A 1222 3.40 32.21 25.73
N PRO A 1223 4.71 32.25 26.03
CA PRO A 1223 5.50 33.38 25.54
C PRO A 1223 5.64 33.39 24.02
N VAL A 1224 5.76 34.59 23.48
CA VAL A 1224 5.84 34.79 22.04
C VAL A 1224 7.27 34.57 21.57
N GLN A 1225 7.44 33.77 20.53
CA GLN A 1225 8.77 33.48 20.02
C GLN A 1225 9.36 34.68 19.29
N LYS A 1226 10.65 34.92 19.52
CA LYS A 1226 11.35 36.00 18.82
C LYS A 1226 11.48 35.71 17.34
N LEU A 1227 11.80 34.47 16.98
CA LEU A 1227 12.15 34.10 15.61
C LEU A 1227 10.93 33.58 14.88
N SER A 1228 10.74 34.05 13.64
CA SER A 1228 9.62 33.60 12.82
C SER A 1228 9.83 32.17 12.32
N HIS A 1229 11.09 31.75 12.18
CA HIS A 1229 11.42 30.40 11.75
C HIS A 1229 11.83 29.61 12.98
N LYS A 1230 10.82 29.07 13.68
CA LYS A 1230 11.05 28.29 14.89
C LYS A 1230 10.10 27.11 14.89
N ALA A 1231 10.57 25.99 15.41
CA ALA A 1231 9.77 24.77 15.41
C ALA A 1231 8.74 24.79 16.51
N THR A 1232 7.50 24.47 16.16
CA THR A 1232 6.44 24.28 17.13
C THR A 1232 6.57 22.91 17.78
N ARG A 1233 5.95 22.76 18.95
CA ARG A 1233 5.96 21.47 19.62
C ARG A 1233 4.55 21.06 20.02
N ARG A 1234 4.32 19.75 19.97
CA ARG A 1234 2.97 19.18 20.05
C ARG A 1234 2.91 18.02 21.03
N VAL A 1235 4.04 17.36 21.26
CA VAL A 1235 4.10 16.15 22.09
C VAL A 1235 4.98 16.43 23.30
N TRP A 1236 4.42 16.20 24.48
CA TRP A 1236 5.07 16.50 25.75
C TRP A 1236 5.26 15.19 26.49
N SER A 1237 6.42 15.01 27.13
CA SER A 1237 6.78 13.69 27.63
C SER A 1237 7.69 13.80 28.84
N LEU A 1238 7.72 12.72 29.61
CA LEU A 1238 8.58 12.58 30.78
C LEU A 1238 9.20 11.19 30.75
N PRO A 1239 10.38 11.01 31.32
CA PRO A 1239 11.02 9.69 31.27
C PRO A 1239 10.33 8.66 32.14
N LYS A 1240 10.42 7.41 31.69
CA LYS A 1240 10.04 6.25 32.48
C LYS A 1240 11.01 5.14 32.11
N ILE A 1241 11.01 4.06 32.91
CA ILE A 1241 11.82 2.88 32.61
C ILE A 1241 10.98 1.97 31.69
N PRO A 1242 11.29 1.90 30.41
CA PRO A 1242 10.45 1.15 29.49
C PRO A 1242 10.75 -0.34 29.52
N SER A 1243 9.82 -1.12 28.97
CA SER A 1243 10.08 -2.52 28.74
C SER A 1243 11.03 -2.68 27.56
N ILE A 1244 11.87 -3.69 27.63
CA ILE A 1244 13.07 -3.77 26.81
C ILE A 1244 12.97 -5.04 25.96
N SER A 1245 13.64 -5.01 24.80
CA SER A 1245 13.80 -6.16 23.93
C SER A 1245 15.29 -6.36 23.71
N SER A 1246 15.69 -7.16 22.73
CA SER A 1246 17.11 -7.29 22.42
C SER A 1246 17.63 -5.97 21.86
N GLY A 1247 18.50 -5.31 22.61
CA GLY A 1247 18.99 -4.00 22.26
C GLY A 1247 20.35 -4.00 21.60
N VAL A 1248 20.57 -3.03 20.73
CA VAL A 1248 21.88 -2.79 20.12
C VAL A 1248 22.28 -1.34 20.31
N ARG A 1249 23.56 -1.13 20.51
CA ARG A 1249 24.15 0.20 20.52
C ARG A 1249 24.92 0.38 19.23
N ILE A 1250 24.62 1.48 18.53
CA ILE A 1250 25.18 1.78 17.22
C ILE A 1250 26.12 2.97 17.36
N LYS A 1251 27.33 2.81 16.82
CA LYS A 1251 28.32 3.88 16.75
C LYS A 1251 28.22 4.58 15.40
N ARG A 1252 27.47 5.67 15.35
CA ARG A 1252 27.45 6.51 14.17
C ARG A 1252 28.36 7.70 14.39
N LYS A 1253 28.37 8.65 13.46
CA LYS A 1253 29.15 9.87 13.60
C LYS A 1253 28.24 11.07 13.44
N ASP A 1254 28.47 12.09 14.27
CA ASP A 1254 27.78 13.35 14.12
C ASP A 1254 28.37 14.14 12.96
N SER A 1255 27.84 15.36 12.75
CA SER A 1255 28.26 16.16 11.60
C SER A 1255 29.70 16.64 11.72
N ASN A 1256 30.21 16.79 12.95
CA ASN A 1256 31.58 17.23 13.16
C ASN A 1256 32.58 16.08 13.18
N GLY A 1257 32.12 14.84 13.07
CA GLY A 1257 33.00 13.70 13.02
C GLY A 1257 33.22 12.98 14.34
N ASN A 1258 32.47 13.32 15.39
CA ASN A 1258 32.60 12.65 16.67
C ASN A 1258 31.74 11.39 16.69
N ASP A 1259 32.25 10.36 17.34
CA ASP A 1259 31.51 9.11 17.47
C ASP A 1259 30.37 9.29 18.45
N ILE A 1260 29.16 8.92 18.03
CA ILE A 1260 28.00 8.93 18.91
C ILE A 1260 27.44 7.51 18.97
N TYR A 1261 26.84 7.19 20.11
CA TYR A 1261 26.28 5.87 20.36
C TYR A 1261 24.80 6.03 20.65
N GLN A 1262 23.97 5.28 19.93
CA GLN A 1262 22.53 5.32 20.13
C GLN A 1262 21.99 3.91 20.28
N LEU A 1263 21.04 3.74 21.20
CA LEU A 1263 20.56 2.42 21.60
C LEU A 1263 19.19 2.16 20.98
N TYR A 1264 19.12 1.15 20.14
CA TYR A 1264 17.91 0.69 19.47
C TYR A 1264 17.54 -0.67 20.04
N MET A 1265 16.45 -1.24 19.55
CA MET A 1265 16.10 -2.62 19.84
C MET A 1265 16.03 -3.40 18.55
N LEU A 1266 16.43 -4.65 18.60
CA LEU A 1266 16.32 -5.51 17.42
C LEU A 1266 14.87 -5.85 17.12
N ASN A 1267 14.59 -5.99 15.83
CA ASN A 1267 13.28 -6.37 15.33
C ASN A 1267 13.22 -7.84 15.01
N ASP A 1268 14.33 -8.42 14.55
CA ASP A 1268 14.42 -9.82 14.17
C ASP A 1268 15.10 -10.64 15.27
N THR A 1269 15.42 -11.89 14.95
CA THR A 1269 16.12 -12.76 15.89
C THR A 1269 17.54 -12.26 16.13
N LYS A 1270 18.02 -12.42 17.36
CA LYS A 1270 19.42 -12.12 17.65
C LYS A 1270 20.29 -13.37 17.68
N CYS A 1271 19.71 -14.53 17.94
CA CYS A 1271 20.48 -15.77 18.14
C CYS A 1271 20.30 -16.68 16.94
N LYS A 1272 21.42 -17.19 16.42
CA LYS A 1272 21.39 -18.09 15.28
C LYS A 1272 21.37 -19.57 15.68
N GLY A 1273 21.56 -19.88 16.96
CA GLY A 1273 21.55 -21.26 17.39
C GLY A 1273 22.19 -21.37 18.76
N PHE A 1274 22.59 -22.59 19.09
CA PHE A 1274 23.22 -22.89 20.37
C PHE A 1274 24.54 -23.62 20.15
N VAL A 1275 25.56 -23.22 20.89
CA VAL A 1275 26.91 -23.73 20.70
C VAL A 1275 26.99 -25.18 21.14
N VAL A 1276 27.55 -26.04 20.29
CA VAL A 1276 27.69 -27.45 20.58
C VAL A 1276 29.18 -27.75 20.70
N ASN A 1277 29.57 -28.40 21.80
CA ASN A 1277 30.97 -28.69 22.05
C ASN A 1277 31.43 -29.90 21.23
N GLU A 1278 32.63 -30.40 21.53
CA GLU A 1278 33.15 -31.54 20.78
C GLU A 1278 32.40 -32.82 21.11
N LYS A 1279 32.00 -33.00 22.37
CA LYS A 1279 31.26 -34.18 22.78
C LYS A 1279 29.80 -34.15 22.36
N GLY A 1280 29.30 -33.02 21.86
CA GLY A 1280 27.94 -32.93 21.38
C GLY A 1280 26.95 -32.33 22.36
N VAL A 1281 27.42 -31.72 23.44
CA VAL A 1281 26.54 -31.16 24.45
C VAL A 1281 26.12 -29.75 24.03
N ILE A 1282 24.82 -29.48 24.09
CA ILE A 1282 24.28 -28.19 23.70
C ILE A 1282 24.40 -27.22 24.86
N ASP A 1283 24.98 -26.05 24.60
CA ASP A 1283 25.09 -24.98 25.59
C ASP A 1283 23.82 -24.16 25.51
N TRP A 1284 22.84 -24.52 26.34
CA TRP A 1284 21.53 -23.86 26.31
C TRP A 1284 21.55 -22.46 26.92
N SER A 1285 22.62 -22.08 27.62
CA SER A 1285 22.65 -20.81 28.32
C SER A 1285 23.28 -19.70 27.51
N SER A 1286 24.30 -20.00 26.73
CA SER A 1286 25.04 -18.96 26.02
C SER A 1286 24.24 -18.44 24.83
N ASP A 1287 24.50 -17.18 24.49
CA ASP A 1287 23.81 -16.51 23.39
C ASP A 1287 24.76 -16.46 22.19
N LEU A 1288 24.38 -17.15 21.11
CA LEU A 1288 25.18 -17.19 19.89
C LEU A 1288 24.58 -16.18 18.92
N VAL A 1289 25.14 -14.97 18.92
CA VAL A 1289 24.63 -13.87 18.10
C VAL A 1289 24.95 -14.14 16.63
N ALA A 1290 23.99 -13.86 15.76
CA ALA A 1290 24.16 -14.05 14.33
C ALA A 1290 25.19 -13.07 13.75
N ASP A 1291 25.61 -13.35 12.53
CA ASP A 1291 26.74 -12.64 11.93
C ASP A 1291 26.36 -11.38 11.16
N LEU A 1292 25.06 -11.04 11.04
CA LEU A 1292 24.74 -9.71 10.54
C LEU A 1292 24.99 -8.66 11.60
N TYR A 1293 24.93 -9.06 12.86
CA TYR A 1293 25.51 -8.31 13.97
C TYR A 1293 27.00 -8.66 14.00
N LYS A 1294 27.68 -8.34 15.11
CA LYS A 1294 29.12 -8.54 15.25
C LYS A 1294 29.88 -7.78 14.16
N GLN A 1295 29.75 -6.47 14.23
CA GLN A 1295 30.35 -5.53 13.29
C GLN A 1295 31.00 -4.42 14.09
N PRO A 1296 32.00 -3.72 13.54
CA PRO A 1296 32.73 -2.71 14.33
C PRO A 1296 31.91 -1.50 14.75
N THR A 1297 30.63 -1.46 14.40
CA THR A 1297 29.68 -0.44 14.79
C THR A 1297 28.68 -0.92 15.83
N LEU A 1298 28.17 -2.15 15.66
CA LEU A 1298 27.10 -2.65 16.50
C LEU A 1298 27.61 -3.22 17.81
N THR A 1299 26.72 -3.23 18.80
CA THR A 1299 27.00 -3.90 20.07
C THR A 1299 25.69 -4.45 20.61
N ILE A 1300 25.54 -5.77 20.62
CA ILE A 1300 24.40 -6.39 21.31
C ILE A 1300 24.48 -6.02 22.78
N LEU A 1301 23.38 -5.48 23.31
CA LEU A 1301 23.35 -5.02 24.69
C LEU A 1301 23.46 -6.21 25.64
N ASN A 1302 24.35 -6.08 26.64
CA ASN A 1302 24.72 -7.16 27.56
C ASN A 1302 25.24 -8.39 26.82
N GLY A 1303 25.89 -8.18 25.68
CA GLY A 1303 26.40 -9.26 24.87
C GLY A 1303 27.91 -9.42 25.03
N ARG A 1304 28.37 -10.66 24.91
CA ARG A 1304 29.76 -11.02 25.11
C ARG A 1304 30.24 -11.85 23.92
N TYR A 1305 31.56 -11.84 23.71
CA TYR A 1305 32.14 -12.63 22.64
C TYR A 1305 31.98 -14.11 22.93
N LEU A 1306 31.73 -14.88 21.87
CA LEU A 1306 31.54 -16.32 22.01
C LEU A 1306 32.08 -17.00 20.77
N LYS A 1307 32.97 -17.98 20.98
CA LYS A 1307 33.56 -18.76 19.90
C LYS A 1307 32.80 -20.07 19.75
N ALA A 1308 32.39 -20.37 18.52
CA ALA A 1308 31.60 -21.57 18.26
C ALA A 1308 32.16 -22.23 16.99
N ASP A 1309 32.90 -23.32 17.18
CA ASP A 1309 33.33 -24.11 16.03
C ASP A 1309 32.14 -24.77 15.36
N GLN A 1310 31.25 -25.36 16.15
CA GLN A 1310 30.02 -25.92 15.62
C GLN A 1310 28.86 -25.60 16.56
N TYR A 1311 27.66 -25.58 15.98
CA TYR A 1311 26.47 -25.21 16.73
C TYR A 1311 25.27 -25.89 16.11
N VAL A 1312 24.22 -26.00 16.90
CA VAL A 1312 22.92 -26.47 16.42
C VAL A 1312 22.11 -25.25 15.99
N ARG A 1313 21.52 -25.33 14.80
CA ARG A 1313 20.74 -24.22 14.28
C ARG A 1313 19.37 -24.19 14.94
N MET A 1314 18.73 -23.03 14.88
CA MET A 1314 17.42 -22.86 15.51
C MET A 1314 16.33 -23.59 14.74
N ASP A 1315 16.59 -23.93 13.47
CA ASP A 1315 15.64 -24.60 12.61
C ASP A 1315 15.69 -26.12 12.74
N GLN A 1316 16.63 -26.67 13.50
CA GLN A 1316 16.87 -28.11 13.52
C GLN A 1316 15.78 -28.78 14.35
N TRP A 1317 14.77 -29.31 13.67
CA TRP A 1317 13.75 -30.12 14.32
C TRP A 1317 14.28 -31.52 14.57
N TYR A 1318 13.99 -32.05 15.76
CA TYR A 1318 14.28 -33.43 16.08
C TYR A 1318 13.07 -34.02 16.79
N GLU A 1319 12.91 -35.32 16.66
CA GLU A 1319 11.86 -36.04 17.38
C GLU A 1319 12.41 -36.46 18.74
N VAL A 1320 11.77 -36.00 19.79
CA VAL A 1320 12.20 -36.29 21.14
C VAL A 1320 11.41 -37.49 21.66
N ASP A 1321 12.02 -38.23 22.60
CA ASP A 1321 11.38 -39.42 23.16
C ASP A 1321 10.43 -38.97 24.26
N CYS A 1322 9.15 -38.90 23.91
CA CYS A 1322 8.13 -38.37 24.81
C CYS A 1322 7.63 -39.40 25.82
N GLY A 1323 8.10 -40.64 25.76
CA GLY A 1323 7.68 -41.65 26.71
C GLY A 1323 6.40 -42.37 26.35
N ARG A 1324 5.88 -42.16 25.14
CA ARG A 1324 4.64 -42.80 24.72
C ARG A 1324 4.63 -42.86 23.19
N ASP A 1325 3.81 -43.75 22.65
CA ASP A 1325 3.77 -43.95 21.20
C ASP A 1325 2.47 -43.50 20.56
N ASP A 1326 1.51 -42.99 21.34
CA ASP A 1326 0.29 -42.46 20.74
C ASP A 1326 0.53 -41.10 20.11
N VAL A 1327 1.40 -40.29 20.70
CA VAL A 1327 1.73 -38.98 20.17
C VAL A 1327 3.14 -39.01 19.59
N ILE A 1328 3.41 -38.05 18.72
CA ILE A 1328 4.73 -37.86 18.12
C ILE A 1328 5.12 -36.42 18.40
N VAL A 1329 6.15 -36.22 19.21
CA VAL A 1329 6.58 -34.89 19.61
C VAL A 1329 7.91 -34.59 18.92
N LYS A 1330 7.89 -33.59 18.05
CA LYS A 1330 9.09 -32.99 17.49
C LYS A 1330 9.40 -31.72 18.26
N MET A 1331 10.64 -31.28 18.16
CA MET A 1331 11.09 -30.12 18.91
C MET A 1331 12.26 -29.48 18.19
N CYS A 1332 12.25 -28.15 18.13
CA CYS A 1332 13.40 -27.40 17.65
C CYS A 1332 13.66 -26.29 18.64
N PRO A 1333 14.91 -25.81 18.72
CA PRO A 1333 15.19 -24.66 19.62
C PRO A 1333 14.37 -23.43 19.28
N GLY A 1334 14.20 -23.11 18.00
CA GLY A 1334 13.25 -22.11 17.58
C GLY A 1334 13.67 -20.68 17.91
N THR A 1335 13.64 -20.36 19.20
CA THR A 1335 14.04 -19.05 19.71
C THR A 1335 15.04 -19.26 20.83
N SER A 1336 15.60 -18.15 21.32
CA SER A 1336 16.59 -18.22 22.38
C SER A 1336 15.98 -18.72 23.68
N GLY A 1337 14.76 -18.31 23.99
CA GLY A 1337 14.17 -18.64 25.27
C GLY A 1337 12.93 -19.50 25.21
N ARG A 1338 12.46 -19.86 24.03
CA ARG A 1338 11.27 -20.70 23.88
C ARG A 1338 11.51 -21.70 22.76
N ARG A 1339 11.36 -22.97 23.08
CA ARG A 1339 11.42 -24.02 22.07
C ARG A 1339 10.13 -24.06 21.26
N TYR A 1340 10.21 -24.62 20.06
CA TYR A 1340 9.02 -24.89 19.26
C TYR A 1340 8.73 -26.39 19.34
N ILE A 1341 7.48 -26.73 19.62
CA ILE A 1341 7.07 -28.12 19.81
C ILE A 1341 5.99 -28.46 18.81
N GLU A 1342 6.17 -29.56 18.08
CA GLU A 1342 5.24 -30.04 17.08
C GLU A 1342 4.66 -31.35 17.58
N ILE A 1343 3.34 -31.42 17.71
CA ILE A 1343 2.68 -32.60 18.25
C ILE A 1343 1.78 -33.18 17.16
N THR A 1344 2.00 -34.46 16.84
CA THR A 1344 1.10 -35.27 16.03
C THR A 1344 0.33 -36.17 16.98
N GLN A 1345 -1.00 -36.05 16.96
CA GLN A 1345 -1.83 -36.56 18.04
C GLN A 1345 -3.26 -36.66 17.53
N SER A 1346 -3.96 -37.71 17.93
CA SER A 1346 -5.35 -37.87 17.51
C SER A 1346 -6.20 -36.72 18.03
N LYS A 1347 -7.18 -36.30 17.22
CA LYS A 1347 -7.99 -35.13 17.54
C LYS A 1347 -8.84 -35.37 18.78
N LYS A 1348 -9.32 -36.60 18.98
CA LYS A 1348 -10.05 -36.94 20.18
C LYS A 1348 -9.18 -36.80 21.43
N GLN A 1349 -7.92 -37.21 21.35
CA GLN A 1349 -7.01 -37.04 22.48
C GLN A 1349 -6.66 -35.59 22.71
N PHE A 1350 -6.54 -34.79 21.65
CA PHE A 1350 -6.31 -33.36 21.81
C PHE A 1350 -7.48 -32.69 22.51
N GLU A 1351 -8.72 -33.09 22.16
CA GLU A 1351 -9.89 -32.55 22.82
C GLU A 1351 -10.01 -33.05 24.26
N ASP A 1352 -9.61 -34.29 24.52
CA ASP A 1352 -9.62 -34.80 25.89
C ASP A 1352 -8.60 -34.07 26.75
N TRP A 1353 -7.42 -33.77 26.18
CA TRP A 1353 -6.41 -32.99 26.90
C TRP A 1353 -6.90 -31.57 27.16
N THR A 1354 -7.47 -30.94 26.14
CA THR A 1354 -7.69 -29.50 26.19
C THR A 1354 -9.11 -29.10 26.57
N GLY A 1355 -10.12 -29.84 26.11
CA GLY A 1355 -11.49 -29.41 26.28
C GLY A 1355 -12.00 -28.55 25.14
N TYR A 1356 -11.39 -28.64 23.96
CA TYR A 1356 -11.81 -27.85 22.82
C TYR A 1356 -13.11 -28.39 22.27
N ILE A 1357 -14.08 -27.50 22.06
CA ILE A 1357 -15.45 -27.92 21.75
C ILE A 1357 -15.89 -27.43 20.37
N SER A 1358 -14.95 -27.34 19.43
CA SER A 1358 -15.24 -26.86 18.09
C SER A 1358 -15.82 -27.93 17.17
N GLY A 1359 -16.36 -29.02 17.70
CA GLY A 1359 -17.05 -30.01 16.89
C GLY A 1359 -16.12 -30.88 16.07
N SER A 1360 -16.48 -31.13 14.82
CA SER A 1360 -15.64 -31.92 13.94
C SER A 1360 -14.43 -31.11 13.50
N PHE A 1361 -13.45 -31.79 12.92
CA PHE A 1361 -12.24 -31.13 12.47
C PHE A 1361 -12.48 -30.25 11.25
N TRP A 1362 -13.58 -30.45 10.53
CA TRP A 1362 -13.91 -29.56 9.43
C TRP A 1362 -14.26 -28.16 9.90
N ASN A 1363 -14.62 -27.99 11.17
CA ASN A 1363 -14.97 -26.70 11.74
C ASN A 1363 -13.84 -26.08 12.55
N TYR A 1364 -12.66 -26.70 12.56
CA TYR A 1364 -11.52 -26.14 13.26
C TYR A 1364 -10.97 -24.92 12.51
N PRO A 1365 -10.36 -23.98 13.24
CA PRO A 1365 -9.63 -22.90 12.56
C PRO A 1365 -8.19 -23.28 12.29
N VAL A 1366 -7.43 -22.41 11.61
CA VAL A 1366 -6.01 -22.68 11.44
C VAL A 1366 -5.22 -22.24 12.67
N THR A 1367 -5.67 -21.23 13.38
CA THR A 1367 -5.07 -20.82 14.63
C THR A 1367 -6.07 -21.06 15.75
N ILE A 1368 -5.69 -21.91 16.70
CA ILE A 1368 -6.54 -22.34 17.80
C ILE A 1368 -6.13 -21.54 19.02
N LYS A 1369 -7.07 -20.77 19.56
CA LYS A 1369 -6.83 -19.89 20.70
C LYS A 1369 -7.42 -20.55 21.95
N LEU A 1370 -6.54 -20.97 22.85
CA LEU A 1370 -6.96 -21.65 24.07
C LEU A 1370 -7.18 -20.63 25.18
N SER A 1371 -8.30 -20.78 25.90
CA SER A 1371 -8.49 -20.01 27.11
C SER A 1371 -7.58 -20.55 28.21
N SER A 1372 -7.44 -19.76 29.28
CA SER A 1372 -6.54 -20.14 30.37
C SER A 1372 -6.99 -21.42 31.05
N GLN A 1373 -8.30 -21.66 31.11
CA GLN A 1373 -8.80 -22.95 31.58
C GLN A 1373 -8.39 -24.08 30.64
N GLN A 1374 -8.41 -23.83 29.32
CA GLN A 1374 -7.98 -24.87 28.39
C GLN A 1374 -6.48 -25.08 28.41
N ILE A 1375 -5.69 -24.03 28.66
CA ILE A 1375 -4.24 -24.20 28.83
C ILE A 1375 -3.95 -25.02 30.07
N ALA A 1376 -4.63 -24.69 31.17
CA ALA A 1376 -4.48 -25.47 32.41
C ALA A 1376 -4.93 -26.91 32.21
N ASN A 1377 -5.99 -27.12 31.43
CA ASN A 1377 -6.43 -28.46 31.10
C ASN A 1377 -5.39 -29.22 30.29
N PHE A 1378 -4.76 -28.54 29.32
CA PHE A 1378 -3.72 -29.16 28.52
C PHE A 1378 -2.55 -29.62 29.37
N VAL A 1379 -2.11 -28.74 30.30
CA VAL A 1379 -1.01 -29.10 31.19
C VAL A 1379 -1.43 -30.22 32.15
N LYS A 1380 -2.66 -30.15 32.66
CA LYS A 1380 -3.12 -31.10 33.67
C LYS A 1380 -3.34 -32.49 33.07
N ASN A 1381 -4.02 -32.56 31.92
CA ASN A 1381 -4.36 -33.84 31.32
C ASN A 1381 -3.24 -34.43 30.48
N SER A 1382 -2.32 -33.60 29.97
CA SER A 1382 -1.19 -34.15 29.24
C SER A 1382 -0.27 -34.93 30.18
N GLN A 1383 -0.09 -34.44 31.41
CA GLN A 1383 0.81 -35.01 32.42
C GLN A 1383 2.24 -35.12 31.90
N MET A 1384 2.63 -34.15 31.09
CA MET A 1384 3.93 -34.16 30.41
C MET A 1384 4.54 -32.77 30.52
N PRO A 1385 5.50 -32.56 31.42
CA PRO A 1385 6.21 -31.28 31.45
C PRO A 1385 7.07 -31.04 30.22
N LEU A 1386 7.37 -32.10 29.45
CA LEU A 1386 8.14 -31.98 28.23
C LEU A 1386 7.38 -31.23 27.13
N LEU A 1387 6.04 -31.17 27.22
CA LEU A 1387 5.29 -30.41 26.23
C LEU A 1387 5.25 -28.93 26.57
N GLY A 1388 5.41 -28.58 27.84
CA GLY A 1388 5.18 -27.21 28.24
C GLY A 1388 3.72 -26.84 28.08
N LYS A 1389 3.49 -25.57 27.73
CA LYS A 1389 2.17 -25.09 27.38
C LYS A 1389 2.31 -24.07 26.25
N PRO A 1390 1.31 -23.97 25.38
CA PRO A 1390 1.41 -23.02 24.26
C PRO A 1390 1.45 -21.58 24.75
N ARG A 1391 2.22 -20.75 24.06
CA ARG A 1391 2.34 -19.35 24.45
C ARG A 1391 1.06 -18.62 24.08
N SER A 1392 0.41 -18.04 25.11
CA SER A 1392 -0.88 -17.35 24.98
C SER A 1392 -1.95 -18.27 24.40
N GLY A 1393 -1.82 -19.58 24.60
CA GLY A 1393 -2.77 -20.53 24.07
C GLY A 1393 -2.86 -20.60 22.57
N GLN A 1394 -1.82 -20.19 21.86
CA GLN A 1394 -1.86 -20.14 20.40
C GLN A 1394 -1.29 -21.43 19.84
N ILE A 1395 -2.12 -22.16 19.11
CA ILE A 1395 -1.75 -23.43 18.50
C ILE A 1395 -1.99 -23.30 17.00
N THR A 1396 -0.96 -23.58 16.20
CA THR A 1396 -1.08 -23.49 14.76
C THR A 1396 -1.16 -24.89 14.19
N VAL A 1397 -2.22 -25.18 13.47
CA VAL A 1397 -2.47 -26.52 12.95
C VAL A 1397 -1.73 -26.68 11.64
N ILE A 1398 -1.05 -27.81 11.49
CA ILE A 1398 -0.34 -28.13 10.25
C ILE A 1398 -1.17 -29.06 9.37
N THR A 1399 -1.69 -30.15 9.94
CA THR A 1399 -2.66 -30.98 9.24
C THR A 1399 -3.86 -31.24 10.14
N LEU A 1400 -5.05 -31.15 9.54
CA LEU A 1400 -6.28 -31.49 10.21
C LEU A 1400 -6.62 -32.96 9.97
N GLY A 1401 -7.71 -33.42 10.57
CA GLY A 1401 -8.17 -34.77 10.39
C GLY A 1401 -8.49 -35.40 11.72
N ASN A 1402 -8.69 -36.71 11.69
CA ASN A 1402 -8.82 -37.46 12.94
C ASN A 1402 -7.51 -37.45 13.71
N THR A 1403 -6.38 -37.49 13.02
CA THR A 1403 -5.08 -37.26 13.62
C THR A 1403 -4.60 -35.84 13.27
N LEU A 1404 -4.61 -34.97 14.26
CA LEU A 1404 -4.11 -33.61 14.15
C LEU A 1404 -2.59 -33.61 14.14
N LYS A 1405 -2.04 -32.59 13.50
CA LYS A 1405 -0.62 -32.27 13.61
C LYS A 1405 -0.55 -30.76 13.74
N TYR A 1406 -0.12 -30.30 14.92
CA TYR A 1406 -0.10 -28.88 15.23
C TYR A 1406 1.22 -28.53 15.89
N TRP A 1407 1.68 -27.31 15.67
CA TRP A 1407 2.89 -26.84 16.33
C TRP A 1407 2.58 -25.61 17.15
N TYR A 1408 3.39 -25.37 18.18
CA TYR A 1408 3.22 -24.19 18.99
C TYR A 1408 4.57 -23.73 19.52
N CYS A 1409 4.64 -22.45 19.87
CA CYS A 1409 5.75 -21.90 20.61
C CYS A 1409 5.44 -22.04 22.09
N VAL A 1410 6.38 -22.60 22.85
CA VAL A 1410 6.16 -22.86 24.26
C VAL A 1410 6.15 -21.53 25.01
N GLU A 1411 5.31 -21.44 26.04
CA GLU A 1411 5.19 -20.19 26.80
C GLU A 1411 6.51 -19.82 27.47
N SER A 1412 7.20 -20.79 28.06
CA SER A 1412 8.48 -20.56 28.66
C SER A 1412 9.29 -21.84 28.61
N LYS A 1413 10.62 -21.71 28.49
CA LYS A 1413 11.49 -22.86 28.41
C LYS A 1413 11.48 -23.65 29.71
N ASN A 1414 12.04 -24.86 29.65
CA ASN A 1414 11.95 -25.80 30.75
C ASN A 1414 13.07 -26.81 30.53
N SER A 1415 13.64 -27.29 31.64
CA SER A 1415 14.84 -28.12 31.57
C SER A 1415 14.57 -29.48 30.95
N MET A 1416 13.34 -30.00 31.07
CA MET A 1416 13.03 -31.29 30.48
C MET A 1416 13.00 -31.23 28.96
N MET A 1417 12.51 -30.11 28.39
CA MET A 1417 12.57 -29.96 26.94
C MET A 1417 14.01 -29.91 26.44
N ASN A 1418 14.85 -29.15 27.13
CA ASN A 1418 16.26 -29.06 26.74
C ASN A 1418 16.94 -30.41 26.88
N GLU A 1419 16.61 -31.17 27.94
CA GLU A 1419 17.20 -32.49 28.13
C GLU A 1419 16.79 -33.46 27.02
N ALA A 1420 15.51 -33.44 26.63
CA ALA A 1420 15.05 -34.37 25.60
C ALA A 1420 15.58 -33.98 24.23
N TYR A 1421 15.65 -32.68 23.93
CA TYR A 1421 16.27 -32.27 22.68
C TYR A 1421 17.75 -32.58 22.66
N GLN A 1422 18.43 -32.49 23.81
CA GLN A 1422 19.83 -32.89 23.90
C GLN A 1422 19.99 -34.38 23.64
N LYS A 1423 19.05 -35.19 24.15
CA LYS A 1423 19.08 -36.63 23.89
C LYS A 1423 18.93 -36.92 22.41
N ALA A 1424 17.93 -36.31 21.76
CA ALA A 1424 17.70 -36.53 20.34
C ALA A 1424 18.88 -36.03 19.50
N TYR A 1425 19.45 -34.89 19.89
CA TYR A 1425 20.58 -34.34 19.16
C TYR A 1425 21.83 -35.18 19.34
N LEU A 1426 22.01 -35.80 20.52
CA LEU A 1426 23.15 -36.69 20.70
C LEU A 1426 22.98 -37.98 19.90
N VAL A 1427 21.75 -38.49 19.80
CA VAL A 1427 21.50 -39.67 18.97
C VAL A 1427 21.81 -39.36 17.50
N HIS A 1428 21.40 -38.18 17.03
CA HIS A 1428 21.74 -37.81 15.65
C HIS A 1428 23.22 -37.46 15.50
N PHE A 1429 23.85 -36.96 16.55
CA PHE A 1429 25.22 -36.46 16.47
C PHE A 1429 26.23 -37.60 16.44
N ASN A 1430 25.95 -38.66 17.21
CA ASN A 1430 26.86 -39.82 17.21
C ASN A 1430 26.82 -40.55 15.88
N GLN A 1431 25.65 -40.64 15.25
CA GLN A 1431 25.54 -41.24 13.93
C GLN A 1431 26.10 -40.32 12.86
MG MG F . -14.31 -18.89 -3.92
MG MG G . -11.82 -19.46 0.20
MG MG H . -5.61 11.05 11.53
MG MG I . 15.58 17.51 23.92
MG MG J . 20.48 10.36 -18.24
MG MG K . 10.81 11.48 -29.47
MG MG L . 13.23 4.17 -13.14
#